data_9COD
#
_entry.id   9COD
#
_cell.length_a   1.00
_cell.length_b   1.00
_cell.length_c   1.00
_cell.angle_alpha   90.00
_cell.angle_beta   90.00
_cell.angle_gamma   90.00
#
_symmetry.space_group_name_H-M   'P 1'
#
_entity_poly.entity_id   1
_entity_poly.type   'polypeptide(L)'
_entity_poly.pdbx_seq_one_letter_code
;MTTKVIFTFHNPDGSPQANEKFTVRLTRPGMSDAEHCVVIPETYEMVTDAKGEFTMDLESSTSAYRVTAIGDDDEYEDDP
CSQYTFTFYVPDSADPVYVQELILMPPPTNLPWDEEAMNKITQAVVDAREARDEAEAQADRAEVQVDLAKAEVVKAQDEV
VKAKAEVTKAQAEVTKAAQQVELAKVEVGKAEASAAAAKVSETNAANAAAGSAASATAATNQANRAKTEADRSKSEADRA
RDLADAMAEKVEGGSLPPLVGMNETFTYEGTDPYRWTVSGPATAVSDGSVMRLTKTDGSGSRAFVRQAVSFPDSHWIVYM
RVKTQTGTAAQNRSAQIRFIAADKKDCVVYFNINANGLVEPNTIHMQGTEGGTRNAATMFTGLSTETWLDLAVKYDAVNR
HIELFRRLDTGVWQKGGGRLMVDAIKPAFIEVSSMPVAPQNWWLDLDFISVCKPNLICYGDSIAAGQNEYGVTRGSNSYN
NNRNWAGTWFGKVPLYATNRNNLVLVQGVEGRRTWQYLSQLSEISNSGVKVVFMHASTNDVNDASMTMEKRTSDTQAIID
QLHAVGAQVVLFNSMQGTKAYNDASSTTVKLRDYTDQWWNTELPKVNGLAQTLDIARLIAKDGYMDPALGASDGLHLTNA
SAQKIADKLGQFFSNSSDTNGFASLDSPAFTGIPTVPTQTPFLPFGKTIANTEYVVTFIQDWTQRYGYGDLTMYSRTGAQ
LSGGGVRSGYYHVPAGAGNPLPSGLNTSLAFVDHKSYDTNKGWQLWNPAYTGRLFIRTTNSAGTWQTPVELATFTWLDDN
NVTKPRTLKFMELPLFNPPGSPSLSGFVPIQDSADGGWRNLSATPTGVALLSASSAGGALSYLGGMPIANHTLPSNSIDN
AALNGFYSVPSGTAGLPLGMDTTNGHAGITSVFDNVTKYQLLFPRTGGAGSYATSVFYRARSNNGWESWVRLLASNQLEG
SVTTEPLTTAIFQNNGNNNQNVGRSVRFADGTQIVYATIRLTYSAVDVLQYTYTYPMGFVAPPTITVQPILGARADINDM
PYFAVTSPFTYNVGNGNALVQIYRVAGYTAHSFASTSFINCAVVAVGRWK
;
_entity_poly.pdbx_strand_id   A,B,C,D,E,F,G,H,I,J,K,L,M,N,O
#
# COMPACT_ATOMS: atom_id res chain seq x y z
N MET A 1 -31.09 74.95 6.60
CA MET A 1 -29.88 74.14 6.69
C MET A 1 -28.98 74.63 7.82
N THR A 2 -29.59 75.18 8.86
CA THR A 2 -28.85 75.71 10.00
C THR A 2 -29.35 75.07 11.28
N THR A 3 -28.41 74.68 12.14
CA THR A 3 -28.74 74.08 13.43
C THR A 3 -27.57 74.32 14.37
N LYS A 4 -27.78 75.16 15.38
CA LYS A 4 -26.74 75.43 16.35
C LYS A 4 -26.43 74.20 17.18
N VAL A 5 -25.16 74.06 17.56
CA VAL A 5 -24.62 72.82 18.09
C VAL A 5 -24.05 73.05 19.49
N ILE A 6 -24.72 73.92 20.26
CA ILE A 6 -24.30 74.21 21.62
C ILE A 6 -24.04 72.92 22.41
N PHE A 7 -22.98 72.91 23.19
CA PHE A 7 -22.60 71.77 24.02
C PHE A 7 -21.93 72.28 25.29
N THR A 8 -21.87 71.40 26.29
CA THR A 8 -21.23 71.70 27.57
C THR A 8 -20.09 70.72 27.81
N PHE A 9 -19.02 71.24 28.41
CA PHE A 9 -17.81 70.44 28.60
C PHE A 9 -17.22 70.61 29.99
N HIS A 10 -18.07 70.74 31.02
CA HIS A 10 -17.53 70.88 32.36
C HIS A 10 -17.16 69.49 32.87
N ASN A 11 -15.86 69.18 32.78
CA ASN A 11 -15.37 67.82 32.98
C ASN A 11 -14.99 67.48 34.43
N PRO A 12 -14.10 68.25 35.09
CA PRO A 12 -13.61 67.81 36.41
C PRO A 12 -14.41 68.39 37.57
N ASP A 13 -14.90 67.50 38.43
CA ASP A 13 -15.52 67.80 39.72
C ASP A 13 -16.28 69.12 39.73
N GLY A 14 -17.08 69.36 38.69
CA GLY A 14 -17.86 70.57 38.57
C GLY A 14 -17.18 71.71 37.84
N SER A 15 -15.85 71.64 37.66
CA SER A 15 -15.12 72.72 37.02
C SER A 15 -15.55 72.89 35.56
N PRO A 16 -15.66 74.13 35.07
CA PRO A 16 -16.25 74.36 33.74
C PRO A 16 -15.31 74.13 32.56
N GLN A 17 -14.04 73.80 32.79
CA GLN A 17 -13.10 73.55 31.68
C GLN A 17 -12.97 74.76 30.77
N ALA A 18 -12.32 75.82 31.25
CA ALA A 18 -12.21 77.06 30.50
C ALA A 18 -11.28 76.88 29.30
N ASN A 19 -10.95 78.01 28.67
CA ASN A 19 -10.39 78.06 27.32
C ASN A 19 -9.43 76.92 27.03
N GLU A 20 -9.70 76.22 25.92
CA GLU A 20 -8.90 75.11 25.45
C GLU A 20 -9.25 74.87 23.98
N LYS A 21 -8.25 74.42 23.21
CA LYS A 21 -8.44 74.28 21.77
C LYS A 21 -9.48 73.21 21.46
N PHE A 22 -10.30 73.50 20.45
CA PHE A 22 -11.40 72.62 20.05
C PHE A 22 -11.31 72.38 18.55
N THR A 23 -11.45 71.12 18.14
CA THR A 23 -11.29 70.74 16.74
C THR A 23 -12.48 69.89 16.29
N VAL A 24 -12.88 70.07 15.04
CA VAL A 24 -13.95 69.28 14.43
C VAL A 24 -13.69 69.24 12.93
N ARG A 25 -14.12 68.15 12.30
CA ARG A 25 -13.89 67.96 10.88
C ARG A 25 -14.85 66.92 10.33
N LEU A 26 -15.34 67.17 9.12
CA LEU A 26 -16.20 66.23 8.42
C LEU A 26 -15.41 65.00 8.01
N THR A 27 -16.03 63.82 8.12
CA THR A 27 -15.35 62.59 7.69
C THR A 27 -15.34 62.47 6.17
N ARG A 28 -16.52 62.38 5.55
CA ARG A 28 -16.63 62.20 4.11
C ARG A 28 -17.71 63.12 3.59
N PRO A 29 -17.64 63.52 2.32
CA PRO A 29 -18.63 64.46 1.78
C PRO A 29 -20.03 63.86 1.76
N GLY A 30 -21.02 64.73 1.92
CA GLY A 30 -22.41 64.31 1.93
C GLY A 30 -23.32 65.43 1.47
N MET A 31 -24.54 65.05 1.12
CA MET A 31 -25.53 65.97 0.58
C MET A 31 -26.74 66.07 1.51
N SER A 32 -27.20 67.29 1.73
CA SER A 32 -28.36 67.57 2.56
C SER A 32 -29.62 67.57 1.72
N ASP A 33 -30.70 68.14 2.26
CA ASP A 33 -31.93 68.33 1.50
C ASP A 33 -31.81 69.54 0.59
N ALA A 34 -31.60 69.27 -0.70
CA ALA A 34 -31.60 70.28 -1.76
C ALA A 34 -30.51 71.31 -1.54
N GLU A 35 -30.82 72.47 -0.96
CA GLU A 35 -30.03 73.68 -1.13
C GLU A 35 -28.58 73.55 -0.69
N HIS A 36 -28.27 72.59 0.19
CA HIS A 36 -26.93 72.48 0.74
C HIS A 36 -26.27 71.15 0.37
N CYS A 37 -26.30 70.82 -0.92
CA CYS A 37 -25.78 69.54 -1.42
C CYS A 37 -24.40 69.71 -2.03
N VAL A 38 -23.36 69.43 -1.23
CA VAL A 38 -21.96 69.39 -1.67
C VAL A 38 -21.04 68.98 -0.51
N VAL A 39 -20.55 69.95 0.26
CA VAL A 39 -19.93 69.73 1.58
C VAL A 39 -18.79 68.71 1.52
N ILE A 40 -17.64 69.11 0.99
CA ILE A 40 -16.46 68.26 1.12
C ILE A 40 -15.86 68.49 2.51
N PRO A 41 -15.16 67.50 3.08
CA PRO A 41 -14.63 67.67 4.43
C PRO A 41 -13.58 68.76 4.54
N GLU A 42 -13.54 69.40 5.71
CA GLU A 42 -12.55 70.42 6.04
C GLU A 42 -12.56 70.63 7.56
N THR A 43 -11.56 71.34 8.08
CA THR A 43 -11.40 71.45 9.52
C THR A 43 -11.17 72.91 9.90
N TYR A 44 -11.53 73.23 11.14
CA TYR A 44 -11.52 74.60 11.64
C TYR A 44 -11.71 74.65 13.15
N GLU A 45 -11.87 75.87 13.68
CA GLU A 45 -12.33 76.15 15.04
C GLU A 45 -11.22 75.98 16.07
N MET A 46 -11.25 76.80 17.12
CA MET A 46 -10.39 76.85 18.29
C MET A 46 -11.18 77.37 19.49
N VAL A 47 -10.59 77.28 20.69
CA VAL A 47 -11.13 77.85 21.92
C VAL A 47 -12.38 77.10 22.38
N THR A 48 -12.65 77.12 23.69
CA THR A 48 -13.79 76.41 24.26
C THR A 48 -14.68 77.29 25.12
N ASP A 49 -14.20 78.47 25.53
CA ASP A 49 -14.74 79.52 26.42
C ASP A 49 -14.76 79.04 27.86
N ALA A 50 -15.05 79.95 28.80
CA ALA A 50 -14.97 79.61 30.22
C ALA A 50 -15.97 78.51 30.59
N LYS A 51 -17.18 78.58 30.04
CA LYS A 51 -18.23 77.62 30.34
C LYS A 51 -18.03 76.29 29.61
N GLY A 52 -17.09 76.24 28.68
CA GLY A 52 -16.89 75.06 27.87
C GLY A 52 -18.03 74.86 26.89
N GLU A 53 -18.16 75.79 25.93
CA GLU A 53 -19.26 75.78 24.98
C GLU A 53 -18.75 76.16 23.60
N PHE A 54 -19.33 75.55 22.57
CA PHE A 54 -19.00 75.86 21.19
C PHE A 54 -20.29 75.79 20.37
N THR A 55 -20.36 76.60 19.32
CA THR A 55 -21.58 76.73 18.55
C THR A 55 -21.27 76.99 17.08
N MET A 56 -21.95 76.25 16.20
CA MET A 56 -22.00 76.55 14.78
C MET A 56 -23.28 75.92 14.22
N ASP A 57 -23.67 76.38 13.03
CA ASP A 57 -25.01 76.09 12.53
C ASP A 57 -25.05 75.65 11.07
N LEU A 58 -24.27 74.65 10.68
CA LEU A 58 -24.36 74.16 9.30
C LEU A 58 -24.81 72.71 9.21
N GLU A 59 -25.07 72.05 10.35
CA GLU A 59 -25.45 70.65 10.30
C GLU A 59 -26.78 70.47 9.57
N SER A 60 -26.70 70.00 8.32
CA SER A 60 -27.90 69.69 7.55
C SER A 60 -27.72 68.40 6.74
N SER A 61 -26.48 67.93 6.61
CA SER A 61 -26.18 66.80 5.75
C SER A 61 -26.51 65.47 6.43
N THR A 62 -26.06 64.36 5.83
CA THR A 62 -26.31 63.03 6.37
C THR A 62 -25.02 62.28 6.66
N SER A 63 -23.88 62.96 6.63
CA SER A 63 -22.59 62.32 6.90
C SER A 63 -22.31 62.29 8.41
N ALA A 64 -21.07 61.98 8.76
CA ALA A 64 -20.64 61.90 10.15
C ALA A 64 -19.58 62.95 10.43
N TYR A 65 -19.66 63.54 11.62
CA TYR A 65 -18.65 64.48 12.10
C TYR A 65 -17.85 63.81 13.22
N ARG A 66 -16.58 64.21 13.34
CA ARG A 66 -15.72 63.72 14.40
C ARG A 66 -15.17 64.90 15.18
N VAL A 67 -15.17 64.77 16.51
CA VAL A 67 -14.68 65.79 17.41
C VAL A 67 -13.45 65.28 18.12
N THR A 68 -12.37 66.08 18.10
CA THR A 68 -11.08 65.70 18.67
C THR A 68 -10.51 66.85 19.52
N ALA A 69 -11.31 67.36 20.46
CA ALA A 69 -10.93 68.54 21.23
C ALA A 69 -9.67 68.33 22.05
N ILE A 70 -9.54 67.17 22.69
CA ILE A 70 -8.45 66.95 23.63
C ILE A 70 -7.11 66.93 22.89
N GLY A 71 -6.14 67.65 23.43
CA GLY A 71 -4.76 67.61 22.96
C GLY A 71 -3.92 66.76 23.89
N ASP A 72 -3.15 65.86 23.30
CA ASP A 72 -2.41 64.87 24.08
C ASP A 72 -1.11 64.53 23.37
N ASP A 73 -0.47 63.44 23.79
CA ASP A 73 0.77 62.96 23.22
C ASP A 73 0.56 61.58 22.61
N ASP A 74 1.45 61.20 21.70
CA ASP A 74 1.37 59.91 21.04
C ASP A 74 2.78 59.56 20.55
N GLU A 75 3.01 58.28 20.32
CA GLU A 75 4.32 57.81 19.87
C GLU A 75 4.12 56.59 18.96
N TYR A 76 5.20 55.84 18.73
CA TYR A 76 5.27 54.86 17.64
C TYR A 76 4.42 53.62 17.97
N GLU A 77 3.11 53.78 17.79
CA GLU A 77 2.14 52.68 17.72
C GLU A 77 1.99 51.96 19.05
N ASP A 78 2.78 52.35 20.05
CA ASP A 78 2.64 51.80 21.39
C ASP A 78 1.87 52.72 22.32
N ASP A 79 1.08 53.63 21.75
CA ASP A 79 0.19 54.50 22.51
C ASP A 79 -1.18 54.51 21.85
N PRO A 80 -1.92 53.39 21.93
CA PRO A 80 -3.29 53.39 21.39
C PRO A 80 -4.28 53.97 22.39
N CYS A 81 -3.92 55.08 23.01
CA CYS A 81 -4.75 55.68 24.05
C CYS A 81 -4.40 57.16 24.18
N SER A 82 -4.85 57.79 25.26
CA SER A 82 -4.61 59.20 25.57
C SER A 82 -5.40 60.11 24.65
N GLN A 83 -6.05 59.54 23.64
CA GLN A 83 -6.93 60.30 22.76
C GLN A 83 -8.37 59.87 22.97
N TYR A 84 -9.24 60.87 23.14
CA TYR A 84 -10.62 60.63 23.55
C TYR A 84 -11.57 61.36 22.60
N THR A 85 -11.32 61.20 21.31
CA THR A 85 -12.18 61.76 20.28
C THR A 85 -13.50 61.00 20.23
N PHE A 86 -14.54 61.68 19.75
CA PHE A 86 -15.85 61.08 19.59
C PHE A 86 -16.38 61.37 18.19
N THR A 87 -17.52 60.79 17.87
CA THR A 87 -18.18 61.00 16.59
C THR A 87 -19.67 61.21 16.81
N PHE A 88 -20.28 61.92 15.87
CA PHE A 88 -21.72 62.17 15.91
C PHE A 88 -22.23 62.43 14.50
N TYR A 89 -23.35 61.84 14.15
CA TYR A 89 -23.94 62.09 12.85
C TYR A 89 -24.55 63.49 12.80
N VAL A 90 -24.81 63.95 11.58
CA VAL A 90 -25.30 65.32 11.37
C VAL A 90 -26.77 65.40 11.71
N PRO A 91 -27.17 66.24 12.67
CA PRO A 91 -28.58 66.44 12.95
C PRO A 91 -29.24 67.32 11.90
N ASP A 92 -30.56 67.20 11.81
CA ASP A 92 -31.33 67.92 10.81
C ASP A 92 -32.55 68.56 11.47
N SER A 93 -32.42 69.82 11.88
CA SER A 93 -33.50 70.55 12.51
C SER A 93 -33.18 72.03 12.62
N ALA A 94 -34.09 72.82 13.19
CA ALA A 94 -33.86 74.23 13.49
C ALA A 94 -34.25 74.48 14.95
N ASP A 95 -33.32 74.17 15.85
CA ASP A 95 -33.53 74.26 17.28
C ASP A 95 -32.20 73.94 17.97
N PRO A 96 -32.05 74.30 19.25
CA PRO A 96 -30.87 73.85 19.99
C PRO A 96 -30.85 72.34 20.11
N VAL A 97 -29.64 71.78 19.99
CA VAL A 97 -29.44 70.34 20.08
C VAL A 97 -28.29 70.08 21.05
N TYR A 98 -28.25 68.84 21.56
CA TYR A 98 -27.24 68.48 22.55
C TYR A 98 -27.15 66.95 22.57
N VAL A 99 -26.34 66.40 23.47
CA VAL A 99 -25.96 65.00 23.48
C VAL A 99 -25.68 64.52 22.05
N GLN A 100 -26.65 63.82 21.46
CA GLN A 100 -26.54 63.29 20.10
C GLN A 100 -25.20 62.59 19.89
N GLU A 101 -24.98 61.51 20.64
CA GLU A 101 -23.70 60.82 20.67
C GLU A 101 -23.80 59.46 19.97
N LEU A 102 -22.62 58.94 19.60
CA LEU A 102 -22.51 57.63 18.97
C LEU A 102 -21.38 56.84 19.65
N ILE A 103 -21.40 56.79 20.98
CA ILE A 103 -20.43 56.02 21.74
C ILE A 103 -20.64 54.54 21.44
N LEU A 104 -19.66 53.71 21.81
CA LEU A 104 -19.72 52.26 21.58
C LEU A 104 -21.08 51.69 22.00
N MET A 105 -21.77 51.06 21.06
CA MET A 105 -23.11 50.53 21.29
C MET A 105 -23.09 49.40 22.32
N MET B 1 -31.70 70.16 -26.55
CA MET B 1 -30.51 69.51 -26.04
C MET B 1 -29.73 70.43 -25.10
N THR B 2 -30.46 71.32 -24.42
CA THR B 2 -29.85 72.28 -23.51
C THR B 2 -30.49 72.15 -22.13
N THR B 3 -29.65 72.16 -21.10
CA THR B 3 -30.11 72.09 -19.72
C THR B 3 -29.06 72.72 -18.82
N LYS B 4 -29.39 73.88 -18.26
CA LYS B 4 -28.45 74.56 -17.36
C LYS B 4 -28.23 73.75 -16.09
N VAL B 5 -27.02 73.82 -15.56
CA VAL B 5 -26.53 72.90 -14.54
C VAL B 5 -26.13 73.68 -13.29
N ILE B 6 -26.87 74.75 -12.99
CA ILE B 6 -26.61 75.57 -11.81
C ILE B 6 -26.45 74.68 -10.57
N PHE B 7 -25.46 75.03 -9.74
CA PHE B 7 -25.18 74.30 -8.50
C PHE B 7 -24.66 75.29 -7.47
N THR B 8 -24.71 74.87 -6.21
CA THR B 8 -24.21 75.67 -5.09
C THR B 8 -23.10 74.91 -4.37
N PHE B 9 -22.10 75.66 -3.91
CA PHE B 9 -20.93 75.05 -3.30
C PHE B 9 -20.50 75.77 -2.03
N HIS B 10 -21.45 76.25 -1.24
CA HIS B 10 -21.06 76.92 0.00
C HIS B 10 -20.74 75.85 1.04
N ASN B 11 -19.44 75.59 1.22
CA ASN B 11 -18.98 74.43 1.98
C ASN B 11 -18.76 74.69 3.47
N PRO B 12 -17.96 75.69 3.87
CA PRO B 12 -17.62 75.81 5.30
C PRO B 12 -18.53 76.76 6.06
N ASP B 13 -19.12 76.24 7.15
CA ASP B 13 -19.88 77.00 8.15
C ASP B 13 -20.63 78.19 7.56
N GLY B 14 -21.31 77.97 6.44
CA GLY B 14 -22.07 79.01 5.79
C GLY B 14 -21.31 79.81 4.74
N SER B 15 -19.98 79.73 4.73
CA SER B 15 -19.18 80.51 3.79
C SER B 15 -19.44 80.09 2.36
N PRO B 16 -19.50 81.03 1.42
CA PRO B 16 -19.94 80.71 0.05
C PRO B 16 -18.88 80.09 -0.85
N GLN B 17 -17.64 79.91 -0.38
CA GLN B 17 -16.58 79.31 -1.20
C GLN B 17 -16.35 80.07 -2.50
N ALA B 18 -15.77 81.26 -2.40
CA ALA B 18 -15.57 82.13 -3.55
C ALA B 18 -14.51 81.54 -4.49
N ASN B 19 -14.11 82.35 -5.47
CA ASN B 19 -13.40 81.91 -6.67
C ASN B 19 -12.42 80.77 -6.41
N GLU B 20 -12.57 79.69 -7.17
CA GLU B 20 -11.72 78.52 -7.09
C GLU B 20 -11.90 77.71 -8.38
N LYS B 21 -10.83 77.05 -8.81
CA LYS B 21 -10.85 76.37 -10.09
C LYS B 21 -11.86 75.21 -10.07
N PHE B 22 -12.57 75.05 -11.18
CA PHE B 22 -13.61 74.05 -11.33
C PHE B 22 -13.35 73.24 -12.60
N THR B 23 -13.45 71.92 -12.50
CA THR B 23 -13.14 71.04 -13.61
C THR B 23 -14.27 70.03 -13.82
N VAL B 24 -14.53 69.71 -15.08
CA VAL B 24 -15.52 68.70 -15.44
C VAL B 24 -15.11 68.09 -16.77
N ARG B 25 -15.47 66.82 -16.97
CA ARG B 25 -15.07 66.11 -18.18
C ARG B 25 -15.97 64.90 -18.37
N LEU B 26 -16.32 64.64 -19.63
CA LEU B 26 -17.11 63.46 -20.00
C LEU B 26 -16.27 62.21 -19.82
N THR B 27 -16.90 61.13 -19.32
CA THR B 27 -16.18 59.87 -19.17
C THR B 27 -16.00 59.17 -20.52
N ARG B 28 -17.10 58.80 -21.16
CA ARG B 28 -17.06 58.06 -22.42
C ARG B 28 -18.07 58.67 -23.37
N PRO B 29 -17.86 58.56 -24.68
CA PRO B 29 -18.79 59.17 -25.64
C PRO B 29 -20.17 58.55 -25.56
N GLY B 30 -21.19 59.38 -25.86
CA GLY B 30 -22.56 58.93 -25.83
C GLY B 30 -23.41 59.74 -26.78
N MET B 31 -24.59 59.21 -27.07
CA MET B 31 -25.52 59.81 -28.03
C MET B 31 -26.81 60.21 -27.33
N SER B 32 -27.30 61.39 -27.66
CA SER B 32 -28.54 61.93 -27.11
C SER B 32 -29.70 61.55 -28.01
N ASP B 33 -30.84 62.24 -27.85
CA ASP B 33 -31.98 62.06 -28.73
C ASP B 33 -31.76 62.83 -30.03
N ALA B 34 -31.40 62.10 -31.10
CA ALA B 34 -31.29 62.62 -32.46
C ALA B 34 -30.22 63.70 -32.55
N GLU B 35 -30.60 64.99 -32.50
CA GLU B 35 -29.80 66.07 -33.03
C GLU B 35 -28.40 66.18 -32.43
N HIS B 36 -28.20 65.65 -31.23
CA HIS B 36 -26.92 65.81 -30.54
C HIS B 36 -26.23 64.47 -30.31
N CYS B 37 -26.11 63.66 -31.36
CA CYS B 37 -25.55 62.32 -31.27
C CYS B 37 -24.09 62.30 -31.75
N VAL B 38 -23.15 62.40 -30.80
CA VAL B 38 -21.71 62.25 -31.05
C VAL B 38 -20.94 62.36 -29.74
N VAL B 39 -20.52 63.56 -29.35
CA VAL B 39 -20.06 63.89 -28.00
C VAL B 39 -18.92 62.99 -27.54
N ILE B 40 -17.72 63.19 -28.07
CA ILE B 40 -16.56 62.52 -27.50
C ILE B 40 -16.10 63.28 -26.25
N PRO B 41 -15.47 62.63 -25.28
CA PRO B 41 -15.10 63.32 -24.04
C PRO B 41 -14.06 64.41 -24.27
N GLU B 42 -14.17 65.45 -23.45
CA GLU B 42 -13.22 66.57 -23.43
C GLU B 42 -13.39 67.33 -22.12
N THR B 43 -12.46 68.24 -21.82
CA THR B 43 -12.45 68.91 -20.52
C THR B 43 -12.27 70.41 -20.71
N TYR B 44 -12.77 71.17 -19.74
CA TYR B 44 -12.81 72.62 -19.82
C TYR B 44 -13.16 73.25 -18.47
N GLU B 45 -13.37 74.57 -18.48
CA GLU B 45 -13.98 75.32 -17.38
C GLU B 45 -13.00 75.61 -16.27
N MET B 46 -13.15 76.77 -15.63
CA MET B 46 -12.41 77.30 -14.47
C MET B 46 -13.33 78.21 -13.66
N VAL B 47 -12.88 78.61 -12.47
CA VAL B 47 -13.55 79.60 -11.61
C VAL B 47 -14.84 79.02 -11.03
N THR B 48 -15.26 79.53 -9.86
CA THR B 48 -16.45 79.05 -9.18
C THR B 48 -17.44 80.16 -8.82
N ASP B 49 -17.01 81.44 -8.85
CA ASP B 49 -17.63 82.72 -8.51
C ASP B 49 -17.81 82.83 -7.00
N ALA B 50 -18.20 84.01 -6.52
CA ALA B 50 -18.29 84.25 -5.08
C ALA B 50 -19.32 83.34 -4.43
N LYS B 51 -20.47 83.15 -5.07
CA LYS B 51 -21.54 82.32 -4.52
C LYS B 51 -21.26 80.82 -4.66
N GLY B 52 -20.21 80.46 -5.41
CA GLY B 52 -19.94 79.07 -5.66
C GLY B 52 -20.96 78.46 -6.61
N GLU B 53 -20.98 78.94 -7.85
CA GLU B 53 -21.97 78.52 -8.83
C GLU B 53 -21.30 78.36 -10.19
N PHE B 54 -21.77 77.37 -10.95
CA PHE B 54 -21.30 77.13 -12.31
C PHE B 54 -22.49 76.70 -13.16
N THR B 55 -22.44 77.05 -14.45
CA THR B 55 -23.57 76.82 -15.33
C THR B 55 -23.10 76.51 -16.75
N MET B 56 -23.67 75.45 -17.33
CA MET B 56 -23.57 75.18 -18.76
C MET B 56 -24.77 74.33 -19.15
N ASP B 57 -25.04 74.28 -20.46
CA ASP B 57 -26.31 73.76 -20.95
C ASP B 57 -26.20 72.79 -22.12
N LEU B 58 -25.37 71.75 -22.01
CA LEU B 58 -25.31 70.77 -23.09
C LEU B 58 -25.74 69.37 -22.65
N GLU B 59 -26.14 69.20 -21.39
CA GLU B 59 -26.51 67.87 -20.93
C GLU B 59 -27.75 67.36 -21.66
N SER B 60 -27.54 66.46 -22.61
CA SER B 60 -28.63 65.82 -23.33
C SER B 60 -28.37 64.33 -23.55
N SER B 61 -27.12 63.90 -23.36
CA SER B 61 -26.72 62.53 -23.68
C SER B 61 -27.14 61.55 -22.58
N THR B 62 -26.62 60.33 -22.64
CA THR B 62 -26.93 59.29 -21.66
C THR B 62 -25.67 58.77 -20.97
N SER B 63 -24.54 59.44 -21.14
CA SER B 63 -23.29 59.00 -20.52
C SER B 63 -23.18 59.57 -19.10
N ALA B 64 -21.98 59.47 -18.52
CA ALA B 64 -21.71 59.95 -17.19
C ALA B 64 -20.68 61.07 -17.22
N TYR B 65 -20.89 62.08 -16.36
CA TYR B 65 -19.94 63.17 -16.19
C TYR B 65 -19.27 63.02 -14.84
N ARG B 66 -18.03 63.48 -14.75
CA ARG B 66 -17.28 63.48 -13.50
C ARG B 66 -16.82 64.89 -13.18
N VAL B 67 -16.97 65.27 -11.91
CA VAL B 67 -16.59 66.60 -11.43
C VAL B 67 -15.43 66.44 -10.46
N THR B 68 -14.36 67.22 -10.68
CA THR B 68 -13.15 67.15 -9.88
C THR B 68 -12.68 68.55 -9.49
N ALA B 69 -13.57 69.35 -8.91
CA ALA B 69 -13.28 70.76 -8.63
C ALA B 69 -12.11 70.93 -7.65
N ILE B 70 -12.05 70.11 -6.60
CA ILE B 70 -11.07 70.32 -5.55
C ILE B 70 -9.66 70.07 -6.08
N GLY B 71 -8.76 70.99 -5.77
CA GLY B 71 -7.34 70.83 -6.05
C GLY B 71 -6.61 70.43 -4.78
N ASP B 72 -5.76 69.41 -4.90
CA ASP B 72 -5.11 68.84 -3.72
C ASP B 72 -3.75 68.29 -4.11
N ASP B 73 -3.16 67.48 -3.23
CA ASP B 73 -1.86 66.88 -3.45
C ASP B 73 -2.02 65.36 -3.49
N ASP B 74 -1.03 64.70 -4.08
CA ASP B 74 -1.02 63.24 -4.20
C ASP B 74 0.42 62.79 -4.37
N GLU B 75 0.67 61.53 -4.06
CA GLU B 75 2.03 60.99 -4.16
C GLU B 75 1.94 59.51 -4.54
N TYR B 76 3.04 58.77 -4.35
CA TYR B 76 3.22 57.46 -4.95
C TYR B 76 2.33 56.40 -4.27
N GLU B 77 1.06 56.43 -4.63
CA GLU B 77 0.11 55.34 -4.37
C GLU B 77 -0.19 55.19 -2.88
N ASP B 78 0.48 55.97 -2.04
CA ASP B 78 0.19 55.96 -0.60
C ASP B 78 -0.68 57.13 -0.19
N ASP B 79 -1.40 57.72 -1.14
CA ASP B 79 -2.37 58.78 -0.87
C ASP B 79 -3.65 58.47 -1.63
N PRO B 80 -4.40 57.45 -1.19
CA PRO B 80 -5.69 57.18 -1.83
C PRO B 80 -6.80 58.04 -1.23
N CYS B 81 -6.51 59.33 -1.06
CA CYS B 81 -7.44 60.25 -0.42
C CYS B 81 -7.11 61.67 -0.85
N SER B 82 -7.68 62.66 -0.14
CA SER B 82 -7.48 64.08 -0.37
C SER B 82 -8.17 64.54 -1.66
N GLN B 83 -8.69 63.60 -2.43
CA GLN B 83 -9.47 63.92 -3.61
C GLN B 83 -10.93 63.55 -3.40
N TYR B 84 -11.81 64.49 -3.72
CA TYR B 84 -13.22 64.37 -3.39
C TYR B 84 -14.07 64.64 -4.64
N THR B 85 -13.68 64.00 -5.75
CA THR B 85 -14.41 64.08 -6.99
C THR B 85 -15.72 63.30 -6.88
N PHE B 86 -16.70 63.71 -7.69
CA PHE B 86 -17.99 63.03 -7.73
C PHE B 86 -18.35 62.74 -9.17
N THR B 87 -19.47 62.04 -9.36
CA THR B 87 -19.97 61.72 -10.69
C THR B 87 -21.47 61.93 -10.72
N PHE B 88 -21.99 62.19 -11.92
CA PHE B 88 -23.42 62.37 -12.12
C PHE B 88 -23.76 62.06 -13.56
N TYR B 89 -24.85 61.32 -13.77
CA TYR B 89 -25.29 61.02 -15.12
C TYR B 89 -25.89 62.28 -15.76
N VAL B 90 -26.01 62.22 -17.09
CA VAL B 90 -26.47 63.36 -17.87
C VAL B 90 -27.98 63.53 -17.73
N PRO B 91 -28.46 64.65 -17.22
CA PRO B 91 -29.92 64.88 -17.19
C PRO B 91 -30.46 65.26 -18.55
N ASP B 92 -31.76 65.05 -18.72
CA ASP B 92 -32.41 65.31 -20.00
C ASP B 92 -33.69 66.09 -19.76
N SER B 93 -33.60 67.42 -19.86
CA SER B 93 -34.76 68.29 -19.68
C SER B 93 -34.43 69.71 -20.13
N ALA B 94 -35.41 70.61 -20.00
CA ALA B 94 -35.21 72.04 -20.25
C ALA B 94 -35.76 72.81 -19.05
N ASP B 95 -34.93 72.91 -18.01
CA ASP B 95 -35.29 73.55 -16.75
C ASP B 95 -34.06 73.57 -15.85
N PRO B 96 -34.05 74.40 -14.81
CA PRO B 96 -32.96 74.33 -13.83
C PRO B 96 -32.95 72.97 -13.13
N VAL B 97 -31.74 72.46 -12.90
CA VAL B 97 -31.55 71.18 -12.25
C VAL B 97 -30.51 71.36 -11.14
N TYR B 98 -30.52 70.42 -10.19
CA TYR B 98 -29.64 70.51 -9.04
C TYR B 98 -29.55 69.11 -8.43
N VAL B 99 -28.84 68.99 -7.30
CA VAL B 99 -28.46 67.71 -6.71
C VAL B 99 -28.04 66.74 -7.80
N GLN B 100 -28.93 65.82 -8.17
CA GLN B 100 -28.66 64.82 -9.20
C GLN B 100 -27.31 64.14 -8.98
N GLU B 101 -27.18 63.45 -7.87
CA GLU B 101 -25.91 62.87 -7.44
C GLU B 101 -25.92 61.35 -7.56
N LEU B 102 -24.72 60.78 -7.57
CA LEU B 102 -24.53 59.33 -7.64
C LEU B 102 -23.49 58.91 -6.60
N ILE B 103 -23.66 59.37 -5.36
CA ILE B 103 -22.77 59.00 -4.27
C ILE B 103 -22.95 57.52 -3.99
N LEU B 104 -22.02 56.93 -3.23
CA LEU B 104 -22.05 55.51 -2.87
C LEU B 104 -23.45 55.09 -2.42
N MET B 105 -24.03 54.11 -3.10
CA MET B 105 -25.39 53.66 -2.82
C MET B 105 -25.48 53.02 -1.44
N MET C 1 -26.83 66.41 38.91
CA MET C 1 -25.66 65.64 38.53
C MET C 1 -24.63 65.63 39.65
N THR C 2 -25.10 65.72 40.89
CA THR C 2 -24.23 65.75 42.05
C THR C 2 -24.62 64.65 43.02
N THR C 3 -23.62 63.94 43.54
CA THR C 3 -23.84 62.87 44.50
C THR C 3 -22.57 62.71 45.34
N LYS C 4 -22.65 63.09 46.61
CA LYS C 4 -21.49 62.95 47.49
C LYS C 4 -21.16 61.48 47.72
N VAL C 5 -19.86 61.20 47.87
CA VAL C 5 -19.32 59.85 47.79
C VAL C 5 -18.60 59.50 49.10
N ILE C 6 -19.16 59.98 50.21
CA ILE C 6 -18.59 59.70 51.53
C ILE C 6 -18.31 58.22 51.69
N PHE C 7 -17.17 57.89 52.29
CA PHE C 7 -16.77 56.52 52.54
C PHE C 7 -15.95 56.47 53.83
N THR C 8 -15.81 55.26 54.38
CA THR C 8 -15.04 55.03 55.59
C THR C 8 -13.93 54.04 55.30
N PHE C 9 -12.77 54.27 55.92
CA PHE C 9 -11.59 53.46 55.64
C PHE C 9 -10.86 53.06 56.92
N HIS C 10 -11.59 52.77 58.01
CA HIS C 10 -10.90 52.35 59.22
C HIS C 10 -10.55 50.87 59.09
N ASN C 11 -9.27 50.63 58.75
CA ASN C 11 -8.84 49.30 58.32
C ASN C 11 -8.32 48.41 59.46
N PRO C 12 -7.34 48.84 60.27
CA PRO C 12 -6.74 47.92 61.24
C PRO C 12 -7.38 47.99 62.62
N ASP C 13 -7.83 46.82 63.10
CA ASP C 13 -8.30 46.57 64.46
C ASP C 13 -8.99 47.79 65.09
N GLY C 14 -9.88 48.41 64.32
CA GLY C 14 -10.61 49.58 64.79
C GLY C 14 -9.97 50.91 64.50
N SER C 15 -8.67 50.92 64.16
CA SER C 15 -7.96 52.17 63.92
C SER C 15 -8.52 52.91 62.71
N PRO C 16 -8.62 54.23 62.77
CA PRO C 16 -9.34 54.99 61.72
C PRO C 16 -8.55 55.26 60.45
N GLN C 17 -7.26 54.85 60.37
CA GLN C 17 -6.46 55.08 59.18
C GLN C 17 -6.37 56.55 58.80
N ALA C 18 -5.63 57.32 59.60
CA ALA C 18 -5.54 58.76 59.40
C ALA C 18 -4.75 59.08 58.13
N ASN C 19 -4.43 60.36 57.98
CA ASN C 19 -4.01 60.96 56.70
C ASN C 19 -3.14 60.02 55.87
N GLU C 20 -3.56 59.84 54.61
CA GLU C 20 -2.85 59.00 53.65
C GLU C 20 -3.35 59.38 52.26
N LYS C 21 -2.47 59.27 51.27
CA LYS C 21 -2.80 59.72 49.93
C LYS C 21 -3.92 58.88 49.34
N PHE C 22 -4.83 59.54 48.62
CA PHE C 22 -5.99 58.89 48.03
C PHE C 22 -6.07 59.28 46.55
N THR C 23 -6.30 58.28 45.69
CA THR C 23 -6.31 58.50 44.26
C THR C 23 -7.57 57.90 43.64
N VAL C 24 -8.09 58.57 42.62
CA VAL C 24 -9.25 58.09 41.86
C VAL C 24 -9.16 58.65 40.45
N ARG C 25 -9.70 57.91 39.49
CA ARG C 25 -9.61 58.31 38.09
C ARG C 25 -10.67 57.57 37.30
N LEU C 26 -11.27 58.29 36.34
CA LEU C 26 -12.25 57.71 35.43
C LEU C 26 -11.55 56.74 34.47
N THR C 27 -12.21 55.62 34.17
CA THR C 27 -11.64 54.67 33.21
C THR C 27 -11.79 55.17 31.78
N ARG C 28 -13.02 55.33 31.31
CA ARG C 28 -13.29 55.74 29.94
C ARG C 28 -14.37 56.80 29.96
N PRO C 29 -14.41 57.67 28.95
CA PRO C 29 -15.41 58.75 28.95
C PRO C 29 -16.83 58.21 28.85
N GLY C 30 -17.76 58.94 29.45
CA GLY C 30 -19.16 58.55 29.45
C GLY C 30 -20.06 59.76 29.58
N MET C 31 -21.33 59.55 29.24
CA MET C 31 -22.32 60.61 29.22
C MET C 31 -23.42 60.32 30.24
N SER C 32 -23.81 61.37 30.98
CA SER C 32 -24.86 61.28 31.99
C SER C 32 -26.21 61.62 31.36
N ASP C 33 -27.19 61.93 32.20
CA ASP C 33 -28.49 62.40 31.72
C ASP C 33 -28.40 63.87 31.35
N ALA C 34 -28.33 64.15 30.05
CA ALA C 34 -28.41 65.50 29.49
C ALA C 34 -27.24 66.36 29.98
N GLU C 35 -27.45 67.18 31.01
CA GLU C 35 -26.63 68.36 31.25
C GLU C 35 -25.14 68.06 31.44
N HIS C 36 -24.79 66.83 31.82
CA HIS C 36 -23.41 66.51 32.13
C HIS C 36 -22.86 65.45 31.18
N CYS C 37 -23.03 65.65 29.87
CA CYS C 37 -22.62 64.69 28.86
C CYS C 37 -21.30 65.08 28.22
N VAL C 38 -20.20 64.51 28.71
CA VAL C 38 -18.85 64.66 28.15
C VAL C 38 -17.85 63.81 28.94
N VAL C 39 -17.23 64.38 29.97
CA VAL C 39 -16.50 63.65 31.01
C VAL C 39 -15.42 62.74 30.43
N ILE C 40 -14.31 63.33 29.97
CA ILE C 40 -13.15 62.49 29.62
C ILE C 40 -12.40 62.14 30.90
N PRO C 41 -11.69 61.02 30.95
CA PRO C 41 -11.02 60.63 32.20
C PRO C 41 -9.91 61.58 32.61
N GLU C 42 -9.74 61.70 33.92
CA GLU C 42 -8.68 62.50 34.53
C GLU C 42 -8.51 62.07 35.98
N THR C 43 -7.45 62.52 36.63
CA THR C 43 -7.12 62.05 37.98
C THR C 43 -6.79 63.24 38.87
N TYR C 44 -7.01 63.02 40.18
CA TYR C 44 -6.89 64.09 41.18
C TYR C 44 -6.92 63.53 42.59
N GLU C 45 -6.97 64.43 43.58
CA GLU C 45 -7.28 64.13 44.98
C GLU C 45 -6.07 63.56 45.72
N MET C 46 -5.98 63.90 47.01
CA MET C 46 -4.98 63.47 47.99
C MET C 46 -5.62 63.47 49.38
N VAL C 47 -4.92 62.91 50.37
CA VAL C 47 -5.30 62.93 51.79
C VAL C 47 -6.54 62.05 52.04
N THR C 48 -6.67 61.54 53.26
CA THR C 48 -7.77 60.66 53.63
C THR C 48 -8.53 61.13 54.87
N ASP C 49 -7.97 62.05 55.67
CA ASP C 49 -8.36 62.66 56.95
C ASP C 49 -8.25 61.63 58.08
N ALA C 50 -8.41 62.09 59.32
CA ALA C 50 -8.21 61.20 60.47
C ALA C 50 -9.20 60.06 60.47
N LYS C 51 -10.46 60.34 60.15
CA LYS C 51 -11.51 59.33 60.16
C LYS C 51 -11.45 58.41 58.93
N GLY C 52 -10.61 58.75 57.96
CA GLY C 52 -10.55 57.98 56.73
C GLY C 52 -11.79 58.20 55.88
N GLU C 53 -11.98 59.42 55.40
CA GLU C 53 -13.16 59.80 54.64
C GLU C 53 -12.78 60.71 53.50
N PHE C 54 -13.49 60.56 52.38
CA PHE C 54 -13.30 61.39 51.20
C PHE C 54 -14.67 61.66 50.57
N THR C 55 -14.81 62.83 49.95
CA THR C 55 -16.10 63.26 49.44
C THR C 55 -15.92 64.09 48.17
N MET C 56 -16.71 63.75 47.15
CA MET C 56 -16.90 64.60 45.98
C MET C 56 -18.25 64.25 45.36
N ASP C 57 -18.75 65.14 44.51
CA ASP C 57 -20.15 65.08 44.09
C ASP C 57 -20.35 65.27 42.58
N LEU C 58 -19.66 64.50 41.74
CA LEU C 58 -19.91 64.62 40.30
C LEU C 58 -20.42 63.32 39.69
N GLU C 59 -20.60 62.26 40.49
CA GLU C 59 -21.04 61.00 39.92
C GLU C 59 -22.45 61.12 39.34
N SER C 60 -22.52 61.19 38.01
CA SER C 60 -23.79 61.21 37.31
C SER C 60 -23.76 60.36 36.04
N SER C 61 -22.57 59.99 35.59
CA SER C 61 -22.41 59.29 34.33
C SER C 61 -22.72 57.81 34.45
N THR C 62 -22.39 57.03 33.43
CA THR C 62 -22.64 55.59 33.41
C THR C 62 -21.36 54.79 33.22
N SER C 63 -20.20 55.42 33.35
CA SER C 63 -18.93 54.73 33.20
C SER C 63 -18.49 54.11 34.52
N ALA C 64 -17.23 53.68 34.58
CA ALA C 64 -16.67 53.04 35.77
C ALA C 64 -15.54 53.88 36.33
N TYR C 65 -15.47 53.95 37.66
CA TYR C 65 -14.38 54.62 38.36
C TYR C 65 -13.50 53.58 39.01
N ARG C 66 -12.21 53.88 39.13
CA ARG C 66 -11.27 53.01 39.81
C ARG C 66 -10.58 53.77 40.93
N VAL C 67 -10.45 53.12 42.08
CA VAL C 67 -9.84 53.70 43.27
C VAL C 67 -8.55 52.94 43.57
N THR C 68 -7.46 53.69 43.75
CA THR C 68 -6.13 53.11 43.98
C THR C 68 -5.43 53.82 45.15
N ALA C 69 -6.10 53.92 46.29
CA ALA C 69 -5.60 54.69 47.42
C ALA C 69 -4.27 54.16 47.94
N ILE C 70 -4.12 52.84 48.04
CA ILE C 70 -2.94 52.26 48.69
C ILE C 70 -1.69 52.53 47.86
N GLY C 71 -0.65 52.99 48.54
CA GLY C 71 0.67 53.14 47.94
C GLY C 71 1.56 51.98 48.35
N ASP C 72 2.24 51.40 47.37
CA ASP C 72 3.01 50.18 47.60
C ASP C 72 4.21 50.15 46.67
N ASP C 73 4.84 48.98 46.55
CA ASP C 73 6.00 48.78 45.70
C ASP C 73 5.65 47.76 44.62
N ASP C 74 6.43 47.77 43.54
CA ASP C 74 6.23 46.85 42.43
C ASP C 74 7.56 46.73 41.69
N GLU C 75 7.71 45.65 40.94
CA GLU C 75 8.95 45.41 40.20
C GLU C 75 8.61 44.66 38.91
N TYR C 76 9.62 44.06 38.28
CA TYR C 76 9.53 43.59 36.89
C TYR C 76 8.67 42.33 36.79
N GLU C 77 7.35 42.56 36.83
CA GLU C 77 6.34 41.58 36.43
C GLU C 77 6.29 40.39 37.38
N ASP C 78 7.19 40.34 38.36
CA ASP C 78 7.16 39.29 39.37
C ASP C 78 6.53 39.75 40.67
N ASP C 79 5.74 40.82 40.61
CA ASP C 79 4.97 41.32 41.75
C ASP C 79 3.54 41.59 41.30
N PRO C 80 2.76 40.54 41.00
CA PRO C 80 1.35 40.74 40.67
C PRO C 80 0.48 40.87 41.91
N CYS C 81 0.96 41.65 42.89
CA CYS C 81 0.27 41.77 44.17
C CYS C 81 0.69 43.08 44.83
N SER C 82 0.39 43.21 46.13
CA SER C 82 0.72 44.38 46.94
C SER C 82 -0.13 45.59 46.55
N GLN C 83 -0.90 45.47 45.48
CA GLN C 83 -1.82 46.52 45.08
C GLN C 83 -3.25 46.05 45.27
N TYR C 84 -4.06 46.89 45.91
CA TYR C 84 -5.40 46.50 46.33
C TYR C 84 -6.40 47.55 45.87
N THR C 85 -6.29 47.93 44.60
CA THR C 85 -7.23 48.85 43.98
C THR C 85 -8.59 48.18 43.78
N PHE C 86 -9.63 49.00 43.73
CA PHE C 86 -10.98 48.50 43.50
C PHE C 86 -11.63 49.34 42.40
N THR C 87 -12.83 48.93 42.01
CA THR C 87 -13.60 49.64 41.00
C THR C 87 -15.05 49.75 41.44
N PHE C 88 -15.73 50.77 40.94
CA PHE C 88 -17.14 50.97 41.24
C PHE C 88 -17.77 51.79 40.12
N TYR C 89 -18.96 51.38 39.68
CA TYR C 89 -19.67 52.13 38.67
C TYR C 89 -20.21 53.43 39.25
N VAL C 90 -20.58 54.34 38.35
CA VAL C 90 -21.02 55.68 38.75
C VAL C 90 -22.45 55.62 39.27
N PRO C 91 -22.70 56.01 40.51
CA PRO C 91 -24.08 56.07 41.01
C PRO C 91 -24.80 57.30 40.49
N ASP C 92 -26.13 57.23 40.50
CA ASP C 92 -26.97 58.29 39.96
C ASP C 92 -28.07 58.60 40.95
N SER C 93 -27.84 59.59 41.82
CA SER C 93 -28.83 60.02 42.80
C SER C 93 -28.43 61.33 43.46
N ALA C 94 -29.24 61.81 44.39
CA ALA C 94 -28.92 62.99 45.19
C ALA C 94 -29.14 62.63 46.67
N ASP C 95 -28.14 61.99 47.26
CA ASP C 95 -28.20 61.49 48.63
C ASP C 95 -26.82 60.92 48.97
N PRO C 96 -26.53 60.74 50.27
CA PRO C 96 -25.30 60.04 50.63
C PRO C 96 -25.33 58.60 50.13
N VAL C 97 -24.17 58.13 49.67
CA VAL C 97 -24.02 56.78 49.15
C VAL C 97 -22.79 56.15 49.80
N TYR C 98 -22.75 54.82 49.77
CA TYR C 98 -21.67 54.09 50.41
C TYR C 98 -21.65 52.68 49.81
N VAL C 99 -20.77 51.82 50.33
CA VAL C 99 -20.45 50.53 49.72
C VAL C 99 -20.35 50.66 48.20
N GLN C 100 -21.40 50.26 47.49
CA GLN C 100 -21.45 50.32 46.03
C GLN C 100 -20.17 49.76 45.41
N GLU C 101 -19.94 48.47 45.64
CA GLU C 101 -18.69 47.82 45.25
C GLU C 101 -18.91 46.86 44.08
N LEU C 102 -17.81 46.53 43.41
CA LEU C 102 -17.81 45.58 42.29
C LEU C 102 -16.66 44.59 42.47
N ILE C 103 -16.55 44.02 43.67
CA ILE C 103 -15.53 43.00 43.94
C ILE C 103 -15.84 41.77 43.11
N LEU C 104 -14.87 40.86 42.99
CA LEU C 104 -15.02 39.62 42.23
C LEU C 104 -16.34 38.94 42.52
N MET C 105 -17.16 38.74 41.50
CA MET C 105 -18.48 38.15 41.65
C MET C 105 -18.41 36.71 42.13
N MET D 1 -22.30 25.61 -74.05
CA MET D 1 -21.27 25.67 -73.02
C MET D 1 -20.68 27.07 -72.93
N THR D 2 -21.49 28.08 -73.24
CA THR D 2 -21.05 29.46 -73.23
C THR D 2 -21.97 30.28 -72.33
N THR D 3 -21.37 31.13 -71.51
CA THR D 3 -22.12 32.01 -70.62
C THR D 3 -21.26 33.22 -70.29
N LYS D 4 -21.65 34.39 -70.81
CA LYS D 4 -20.89 35.59 -70.54
C LYS D 4 -20.99 35.97 -69.06
N VAL D 5 -19.92 36.56 -68.54
CA VAL D 5 -19.70 36.71 -67.11
C VAL D 5 -19.54 38.20 -66.77
N ILE D 6 -20.29 39.05 -67.47
CA ILE D 6 -20.25 40.49 -67.23
C ILE D 6 -20.39 40.79 -65.74
N PHE D 7 -19.59 41.74 -65.26
CA PHE D 7 -19.62 42.16 -63.87
C PHE D 7 -19.29 43.65 -63.79
N THR D 8 -19.63 44.26 -62.65
CA THR D 8 -19.35 45.66 -62.40
C THR D 8 -18.46 45.80 -61.18
N PHE D 9 -17.54 46.77 -61.23
CA PHE D 9 -16.54 46.92 -60.17
C PHE D 9 -16.37 48.39 -59.78
N HIS D 10 -17.45 49.17 -59.76
CA HIS D 10 -17.31 50.55 -59.35
C HIS D 10 -17.27 50.60 -57.82
N ASN D 11 -16.05 50.71 -57.29
CA ASN D 11 -15.82 50.52 -55.86
C ASN D 11 -15.91 51.79 -55.01
N PRO D 12 -15.16 52.87 -55.33
CA PRO D 12 -15.12 54.02 -54.40
C PRO D 12 -16.15 55.09 -54.75
N ASP D 13 -16.97 55.44 -53.76
CA ASP D 13 -17.90 56.58 -53.78
C ASP D 13 -18.45 56.89 -55.15
N GLY D 14 -18.88 55.85 -55.87
CA GLY D 14 -19.44 56.00 -57.20
C GLY D 14 -18.44 55.89 -58.34
N SER D 15 -17.13 56.01 -58.04
CA SER D 15 -16.12 55.98 -59.08
C SER D 15 -16.10 54.62 -59.78
N PRO D 16 -15.90 54.60 -61.10
CA PRO D 16 -16.05 53.35 -61.87
C PRO D 16 -14.85 52.41 -61.82
N GLN D 17 -13.75 52.78 -61.16
CA GLN D 17 -12.58 51.90 -61.08
C GLN D 17 -12.04 51.53 -62.46
N ALA D 18 -11.43 52.50 -63.14
CA ALA D 18 -10.95 52.29 -64.50
C ALA D 18 -9.75 51.34 -64.51
N ASN D 19 -9.10 51.26 -65.68
CA ASN D 19 -8.19 50.18 -66.03
C ASN D 19 -7.33 49.71 -64.85
N GLU D 20 -7.36 48.41 -64.61
CA GLU D 20 -6.59 47.75 -63.56
C GLU D 20 -6.54 46.27 -63.86
N LYS D 21 -5.42 45.63 -63.48
CA LYS D 21 -5.21 44.23 -63.84
C LYS D 21 -6.25 43.33 -63.17
N PHE D 22 -6.70 42.34 -63.92
CA PHE D 22 -7.74 41.41 -63.47
C PHE D 22 -7.25 39.99 -63.70
N THR D 23 -7.42 39.13 -62.69
CA THR D 23 -6.92 37.77 -62.74
C THR D 23 -8.02 36.80 -62.35
N VAL D 24 -8.03 35.63 -63.00
CA VAL D 24 -8.96 34.56 -62.68
C VAL D 24 -8.30 33.23 -63.05
N ARG D 25 -8.66 32.17 -62.33
CA ARG D 25 -8.05 30.87 -62.55
C ARG D 25 -8.95 29.79 -61.97
N LEU D 26 -9.02 28.66 -62.68
CA LEU D 26 -9.77 27.50 -62.21
C LEU D 26 -9.05 26.87 -61.02
N THR D 27 -9.81 26.40 -60.04
CA THR D 27 -9.21 25.73 -58.89
C THR D 27 -8.78 24.31 -59.25
N ARG D 28 -9.72 23.45 -59.60
CA ARG D 28 -9.44 22.06 -59.91
C ARG D 28 -10.21 21.67 -61.16
N PRO D 29 -9.72 20.68 -61.91
CA PRO D 29 -10.40 20.30 -63.16
C PRO D 29 -11.79 19.75 -62.92
N GLY D 30 -12.67 19.99 -63.89
CA GLY D 30 -14.05 19.53 -63.80
C GLY D 30 -14.64 19.31 -65.17
N MET D 31 -15.75 18.58 -65.19
CA MET D 31 -16.41 18.20 -66.43
C MET D 31 -17.82 18.80 -66.48
N SER D 32 -18.17 19.33 -67.65
CA SER D 32 -19.47 19.93 -67.89
C SER D 32 -20.44 18.88 -68.44
N ASP D 33 -21.54 19.32 -69.03
CA ASP D 33 -22.46 18.43 -69.69
C ASP D 33 -21.93 18.06 -71.08
N ALA D 34 -21.40 16.84 -71.18
CA ALA D 34 -20.98 16.24 -72.45
C ALA D 34 -19.86 17.06 -73.10
N GLU D 35 -20.19 17.93 -74.06
CA GLU D 35 -19.24 18.39 -75.07
C GLU D 35 -18.00 19.07 -74.49
N HIS D 36 -18.08 19.59 -73.27
CA HIS D 36 -16.97 20.36 -72.70
C HIS D 36 -16.42 19.68 -71.44
N CYS D 37 -16.11 18.39 -71.55
CA CYS D 37 -15.64 17.60 -70.40
C CYS D 37 -14.12 17.43 -70.45
N VAL D 38 -13.40 18.29 -69.73
CA VAL D 38 -11.95 18.19 -69.53
C VAL D 38 -11.47 19.30 -68.59
N VAL D 39 -11.10 20.46 -69.13
CA VAL D 39 -10.92 21.71 -68.38
C VAL D 39 -9.94 21.55 -67.21
N ILE D 40 -8.65 21.47 -67.50
CA ILE D 40 -7.66 21.56 -66.42
C ILE D 40 -7.45 23.03 -66.06
N PRO D 41 -7.08 23.36 -64.83
CA PRO D 41 -6.96 24.77 -64.45
C PRO D 41 -5.85 25.48 -65.20
N GLU D 42 -6.07 26.78 -65.41
CA GLU D 42 -5.10 27.67 -66.05
C GLU D 42 -5.52 29.11 -65.76
N THR D 43 -4.63 30.07 -66.04
CA THR D 43 -4.87 31.45 -65.66
C THR D 43 -4.58 32.37 -66.84
N TYR D 44 -5.24 33.53 -66.83
CA TYR D 44 -5.19 34.47 -67.95
C TYR D 44 -5.80 35.82 -67.57
N GLU D 45 -5.96 36.70 -68.57
CA GLU D 45 -6.75 37.92 -68.50
C GLU D 45 -6.00 39.04 -67.78
N MET D 46 -6.25 40.28 -68.22
CA MET D 46 -5.75 41.56 -67.70
C MET D 46 -6.77 42.64 -67.99
N VAL D 47 -6.57 43.83 -67.41
CA VAL D 47 -7.37 45.03 -67.66
C VAL D 47 -8.78 44.89 -67.10
N THR D 48 -9.40 46.02 -66.77
CA THR D 48 -10.74 46.04 -66.18
C THR D 48 -11.73 46.94 -66.92
N ASP D 49 -11.24 47.84 -67.79
CA ASP D 49 -11.87 48.90 -68.60
C ASP D 49 -12.37 50.03 -67.70
N ALA D 50 -12.79 51.13 -68.32
CA ALA D 50 -13.18 52.32 -67.54
C ALA D 50 -14.36 52.02 -66.63
N LYS D 51 -15.35 51.29 -67.13
CA LYS D 51 -16.55 50.98 -66.37
C LYS D 51 -16.32 49.89 -65.32
N GLY D 52 -15.16 49.24 -65.37
CA GLY D 52 -14.90 48.12 -64.48
C GLY D 52 -15.71 46.91 -64.85
N GLU D 53 -15.45 46.35 -66.02
CA GLU D 53 -16.22 45.24 -66.55
C GLU D 53 -15.30 44.23 -67.23
N PHE D 54 -15.62 42.95 -67.10
CA PHE D 54 -14.89 41.88 -67.75
C PHE D 54 -15.88 40.82 -68.22
N THR D 55 -15.54 40.16 -69.32
CA THR D 55 -16.48 39.22 -69.94
C THR D 55 -15.72 38.05 -70.57
N MET D 56 -16.20 36.83 -70.30
CA MET D 56 -15.81 35.64 -71.03
C MET D 56 -16.94 34.63 -70.91
N ASP D 57 -16.92 33.61 -71.78
CA ASP D 57 -18.09 32.76 -71.96
C ASP D 57 -17.75 31.27 -72.02
N LEU D 58 -17.03 30.73 -71.04
CA LEU D 58 -16.79 29.29 -71.04
C LEU D 58 -17.35 28.59 -69.81
N GLU D 59 -18.02 29.33 -68.92
CA GLU D 59 -18.53 28.68 -67.71
C GLU D 59 -19.61 27.66 -68.06
N SER D 60 -19.25 26.38 -68.00
CA SER D 60 -20.20 25.30 -68.21
C SER D 60 -19.96 24.15 -67.23
N SER D 61 -18.79 24.14 -66.57
CA SER D 61 -18.41 23.02 -65.72
C SER D 61 -19.09 23.09 -64.35
N THR D 62 -18.63 22.26 -63.41
CA THR D 62 -19.19 22.22 -62.07
C THR D 62 -18.14 22.50 -61.00
N SER D 63 -16.96 22.98 -61.39
CA SER D 63 -15.90 23.29 -60.44
C SER D 63 -16.06 24.70 -59.89
N ALA D 64 -15.02 25.19 -59.22
CA ALA D 64 -15.03 26.51 -58.62
C ALA D 64 -13.97 27.39 -59.28
N TYR D 65 -14.30 28.67 -59.47
CA TYR D 65 -13.37 29.67 -59.97
C TYR D 65 -13.01 30.61 -58.84
N ARG D 66 -11.79 31.15 -58.89
CA ARG D 66 -11.34 32.13 -57.93
C ARG D 66 -10.89 33.39 -58.65
N VAL D 67 -11.28 34.54 -58.12
CA VAL D 67 -10.96 35.84 -58.69
C VAL D 67 -10.05 36.57 -57.72
N THR D 68 -8.92 37.09 -58.23
CA THR D 68 -7.91 37.77 -57.43
C THR D 68 -7.47 39.07 -58.10
N ALA D 69 -8.43 39.92 -58.46
CA ALA D 69 -8.14 41.13 -59.23
C ALA D 69 -7.21 42.09 -58.51
N ILE D 70 -7.41 42.27 -57.20
CA ILE D 70 -6.67 43.30 -56.47
C ILE D 70 -5.19 42.92 -56.39
N GLY D 71 -4.33 43.89 -56.69
CA GLY D 71 -2.90 43.76 -56.50
C GLY D 71 -2.47 44.49 -55.24
N ASP D 72 -1.67 43.81 -54.42
CA ASP D 72 -1.32 44.33 -53.11
C ASP D 72 0.08 43.85 -52.72
N ASP D 73 0.42 44.00 -51.45
CA ASP D 73 1.71 43.58 -50.92
C ASP D 73 1.50 42.49 -49.88
N ASP D 74 2.56 41.73 -49.61
CA ASP D 74 2.52 40.65 -48.64
C ASP D 74 3.94 40.40 -48.17
N GLU D 75 4.07 39.79 -47.00
CA GLU D 75 5.40 39.51 -46.43
C GLU D 75 5.31 38.21 -45.62
N TYR D 76 6.31 37.98 -44.77
CA TYR D 76 6.56 36.66 -44.18
C TYR D 76 5.50 36.32 -43.12
N GLU D 77 4.34 35.91 -43.62
CA GLU D 77 3.31 35.24 -42.83
C GLU D 77 2.68 36.15 -41.78
N ASP D 78 3.19 37.38 -41.66
CA ASP D 78 2.60 38.35 -40.75
C ASP D 78 1.72 39.36 -41.49
N ASP D 79 1.25 38.99 -42.68
CA ASP D 79 0.30 39.79 -43.44
C ASP D 79 -0.81 38.88 -43.94
N PRO D 80 -1.68 38.39 -43.05
CA PRO D 80 -2.83 37.58 -43.51
C PRO D 80 -3.98 38.47 -43.94
N CYS D 81 -3.68 39.51 -44.71
CA CYS D 81 -4.69 40.49 -45.10
C CYS D 81 -4.21 41.20 -46.37
N SER D 82 -4.87 42.32 -46.70
CA SER D 82 -4.55 43.15 -47.86
C SER D 82 -4.93 42.46 -49.17
N GLN D 83 -5.33 41.20 -49.09
CA GLN D 83 -5.81 40.47 -50.25
C GLN D 83 -7.29 40.19 -50.12
N TYR D 84 -8.05 40.50 -51.16
CA TYR D 84 -9.50 40.47 -51.11
C TYR D 84 -10.04 39.66 -52.28
N THR D 85 -9.45 38.49 -52.50
CA THR D 85 -9.90 37.56 -53.52
C THR D 85 -11.24 36.94 -53.11
N PHE D 86 -12.00 36.51 -54.11
CA PHE D 86 -13.28 35.86 -53.89
C PHE D 86 -13.34 34.58 -54.71
N THR D 87 -14.42 33.83 -54.52
CA THR D 87 -14.64 32.60 -55.26
C THR D 87 -16.10 32.52 -55.70
N PHE D 88 -16.32 31.78 -56.79
CA PHE D 88 -17.67 31.59 -57.31
C PHE D 88 -17.70 30.30 -58.10
N TYR D 89 -18.75 29.51 -57.91
CA TYR D 89 -18.92 28.28 -58.67
C TYR D 89 -19.30 28.61 -60.11
N VAL D 90 -19.14 27.61 -60.98
CA VAL D 90 -19.36 27.79 -62.40
C VAL D 90 -20.86 27.79 -62.71
N PRO D 91 -21.40 28.88 -63.27
CA PRO D 91 -22.81 28.88 -63.67
C PRO D 91 -23.02 28.10 -64.95
N ASP D 92 -24.26 27.68 -65.16
CA ASP D 92 -24.62 26.85 -66.31
C ASP D 92 -25.88 27.41 -66.94
N SER D 93 -25.71 28.26 -67.95
CA SER D 93 -26.84 28.84 -68.68
C SER D 93 -26.37 29.54 -69.95
N ALA D 94 -27.31 30.13 -70.69
CA ALA D 94 -26.99 30.96 -71.85
C ALA D 94 -27.74 32.29 -71.71
N ASP D 95 -27.17 33.19 -70.94
CA ASP D 95 -27.75 34.48 -70.62
C ASP D 95 -26.74 35.29 -69.82
N PRO D 96 -26.92 36.61 -69.73
CA PRO D 96 -26.06 37.40 -68.83
C PRO D 96 -26.26 36.97 -67.38
N VAL D 97 -25.16 36.93 -66.64
CA VAL D 97 -25.16 36.54 -65.24
C VAL D 97 -24.39 37.59 -64.45
N TYR D 98 -24.65 37.62 -63.14
CA TYR D 98 -24.02 38.62 -62.28
C TYR D 98 -24.14 38.10 -60.84
N VAL D 99 -23.69 38.91 -59.87
CA VAL D 99 -23.49 38.50 -58.48
C VAL D 99 -22.89 37.10 -58.43
N GLN D 100 -23.73 36.10 -58.17
CA GLN D 100 -23.30 34.70 -58.09
C GLN D 100 -22.06 34.56 -57.21
N GLU D 101 -22.21 34.90 -55.93
CA GLU D 101 -21.08 34.97 -55.02
C GLU D 101 -21.14 33.84 -53.99
N LEU D 102 -19.99 33.58 -53.37
CA LEU D 102 -19.85 32.56 -52.32
C LEU D 102 -19.08 33.15 -51.14
N ILE D 103 -19.49 34.33 -50.69
CA ILE D 103 -18.87 34.97 -49.53
C ILE D 103 -19.18 34.12 -48.30
N LEU D 104 -18.46 34.37 -47.20
CA LEU D 104 -18.63 33.64 -45.95
C LEU D 104 -20.11 33.51 -45.59
N MET D 105 -20.57 32.27 -45.44
CA MET D 105 -21.97 31.99 -45.16
C MET D 105 -22.40 32.53 -43.80
N MET E 1 3.50 -62.94 -51.61
CA MET E 1 4.18 -61.75 -51.12
C MET E 1 4.88 -61.01 -52.27
N THR E 2 4.33 -61.13 -53.47
CA THR E 2 4.91 -60.51 -54.64
C THR E 2 3.88 -59.63 -55.33
N THR E 3 4.31 -58.43 -55.72
CA THR E 3 3.45 -57.48 -56.42
C THR E 3 4.33 -56.55 -57.25
N LYS E 4 4.26 -56.70 -58.57
CA LYS E 4 5.04 -55.83 -59.45
C LYS E 4 4.55 -54.39 -59.36
N VAL E 5 5.50 -53.46 -59.51
CA VAL E 5 5.30 -52.06 -59.15
C VAL E 5 5.54 -51.19 -60.38
N ILE E 6 5.14 -51.69 -61.56
CA ILE E 6 5.29 -50.94 -62.80
C ILE E 6 4.76 -49.52 -62.64
N PHE E 7 5.49 -48.56 -63.20
CA PHE E 7 5.11 -47.15 -63.17
C PHE E 7 5.59 -46.47 -64.44
N THR E 8 5.01 -45.31 -64.72
CA THR E 8 5.37 -44.51 -65.88
C THR E 8 5.88 -43.14 -65.43
N PHE E 9 6.88 -42.63 -66.14
CA PHE E 9 7.54 -41.39 -65.74
C PHE E 9 7.77 -40.46 -66.93
N HIS E 10 6.84 -40.41 -67.89
CA HIS E 10 7.03 -39.51 -69.01
C HIS E 10 6.62 -38.11 -68.57
N ASN E 11 7.64 -37.30 -68.23
CA ASN E 11 7.42 -36.03 -67.56
C ASN E 11 7.24 -34.82 -68.48
N PRO E 12 8.17 -34.54 -69.42
CA PRO E 12 8.08 -33.29 -70.19
C PRO E 12 7.35 -33.46 -71.52
N ASP E 13 6.31 -32.63 -71.71
CA ASP E 13 5.59 -32.44 -72.96
C ASP E 13 5.50 -33.71 -73.81
N GLY E 14 5.17 -34.83 -73.16
CA GLY E 14 5.06 -36.10 -73.83
C GLY E 14 6.32 -36.94 -73.87
N SER E 15 7.48 -36.33 -73.61
CA SER E 15 8.74 -37.05 -73.68
C SER E 15 8.81 -38.16 -72.64
N PRO E 16 9.37 -39.32 -72.99
CA PRO E 16 9.30 -40.49 -72.10
C PRO E 16 10.31 -40.51 -70.96
N GLN E 17 11.20 -39.53 -70.85
CA GLN E 17 12.19 -39.50 -69.77
C GLN E 17 13.05 -40.75 -69.73
N ALA E 18 13.95 -40.89 -70.71
CA ALA E 18 14.77 -42.08 -70.85
C ALA E 18 15.80 -42.15 -69.71
N ASN E 19 16.74 -43.09 -69.86
CA ASN E 19 17.58 -43.58 -68.77
C ASN E 19 17.99 -42.48 -67.79
N GLU E 20 17.73 -42.75 -66.51
CA GLU E 20 18.06 -41.84 -65.41
C GLU E 20 18.03 -42.65 -64.12
N LYS E 21 18.89 -42.27 -63.18
CA LYS E 21 19.03 -43.05 -61.94
C LYS E 21 17.74 -43.01 -61.13
N PHE E 22 17.40 -44.16 -60.54
CA PHE E 22 16.17 -44.32 -59.77
C PHE E 22 16.52 -44.92 -58.42
N THR E 23 15.96 -44.35 -57.35
CA THR E 23 16.28 -44.78 -55.99
C THR E 23 15.01 -45.03 -55.20
N VAL E 24 15.04 -46.04 -54.34
CA VAL E 24 13.93 -46.35 -53.45
C VAL E 24 14.50 -47.01 -52.20
N ARG E 25 13.83 -46.83 -51.07
CA ARG E 25 14.30 -47.35 -49.80
C ARG E 25 13.16 -47.42 -48.80
N LEU E 26 13.14 -48.49 -48.01
CA LEU E 26 12.16 -48.65 -46.96
C LEU E 26 12.42 -47.64 -45.84
N THR E 27 11.35 -47.09 -45.27
CA THR E 27 11.52 -46.16 -44.15
C THR E 27 11.85 -46.89 -42.86
N ARG E 28 10.94 -47.74 -42.38
CA ARG E 28 11.13 -48.45 -41.12
C ARG E 28 10.72 -49.90 -41.32
N PRO E 29 11.28 -50.83 -40.54
CA PRO E 29 10.95 -52.24 -40.72
C PRO E 29 9.49 -52.54 -40.44
N GLY E 30 8.97 -53.54 -41.15
CA GLY E 30 7.58 -53.94 -41.00
C GLY E 30 7.39 -55.40 -41.36
N MET E 31 6.25 -55.94 -40.93
CA MET E 31 5.94 -57.35 -41.11
C MET E 31 4.70 -57.51 -41.99
N SER E 32 4.77 -58.45 -42.92
CA SER E 32 3.68 -58.76 -43.82
C SER E 32 2.80 -59.84 -43.23
N ASP E 33 1.98 -60.47 -44.07
CA ASP E 33 1.17 -61.62 -43.65
C ASP E 33 2.04 -62.88 -43.63
N ALA E 34 2.43 -63.28 -42.41
CA ALA E 34 3.13 -64.55 -42.17
C ALA E 34 4.47 -64.59 -42.88
N GLU E 35 4.55 -65.22 -44.06
CA GLU E 35 5.81 -65.74 -44.59
C GLU E 35 6.89 -64.69 -44.78
N HIS E 36 6.52 -63.41 -44.89
CA HIS E 36 7.50 -62.37 -45.19
C HIS E 36 7.58 -61.35 -44.05
N CYS E 37 7.75 -61.84 -42.81
CA CYS E 37 7.76 -60.98 -41.62
C CYS E 37 9.19 -60.74 -41.15
N VAL E 38 9.77 -59.60 -41.55
CA VAL E 38 11.07 -59.12 -41.09
C VAL E 38 11.39 -57.76 -41.72
N VAL E 39 12.06 -57.74 -42.89
CA VAL E 39 12.16 -56.59 -43.77
C VAL E 39 12.72 -55.36 -43.05
N ILE E 40 14.02 -55.34 -42.78
CA ILE E 40 14.66 -54.11 -42.31
C ILE E 40 14.92 -53.22 -43.52
N PRO E 41 14.96 -51.89 -43.35
CA PRO E 41 15.14 -51.00 -44.51
C PRO E 41 16.50 -51.17 -45.17
N GLU E 42 16.51 -50.95 -46.48
CA GLU E 42 17.73 -50.98 -47.29
C GLU E 42 17.43 -50.30 -48.63
N THR E 43 18.47 -50.01 -49.40
CA THR E 43 18.30 -49.22 -50.63
C THR E 43 19.04 -49.89 -51.77
N TYR E 44 18.55 -49.62 -52.99
CA TYR E 44 19.04 -50.28 -54.20
C TYR E 44 18.51 -49.59 -55.46
N GLU E 45 18.77 -50.20 -56.61
CA GLU E 45 18.15 -49.89 -57.90
C GLU E 45 18.78 -48.67 -58.55
N MET E 46 18.84 -48.67 -59.88
CA MET E 46 19.32 -47.63 -60.80
C MET E 46 18.57 -47.74 -62.12
N VAL E 47 18.74 -46.74 -62.99
CA VAL E 47 18.20 -46.72 -64.36
C VAL E 47 16.68 -46.58 -64.35
N THR E 48 16.12 -46.03 -65.43
CA THR E 48 14.69 -45.80 -65.55
C THR E 48 14.08 -46.38 -66.82
N ASP E 49 14.90 -46.72 -67.82
CA ASP E 49 14.68 -47.22 -69.19
C ASP E 49 14.08 -46.12 -70.06
N ALA E 50 13.99 -46.37 -71.37
CA ALA E 50 13.55 -45.34 -72.30
C ALA E 50 12.12 -44.89 -72.01
N LYS E 51 11.24 -45.83 -71.70
CA LYS E 51 9.84 -45.52 -71.43
C LYS E 51 9.62 -44.92 -70.05
N GLY E 52 10.65 -44.93 -69.20
CA GLY E 52 10.51 -44.46 -67.85
C GLY E 52 9.69 -45.43 -67.01
N GLU E 53 10.21 -46.64 -66.80
CA GLU E 53 9.49 -47.69 -66.10
C GLU E 53 10.45 -48.45 -65.19
N PHE E 54 9.94 -48.87 -64.03
CA PHE E 54 10.70 -49.67 -63.09
C PHE E 54 9.76 -50.70 -62.47
N THR E 55 10.32 -51.87 -62.12
CA THR E 55 9.50 -52.97 -61.65
C THR E 55 10.25 -53.79 -60.61
N MET E 56 9.57 -54.09 -59.50
CA MET E 56 10.01 -55.10 -58.54
C MET E 56 8.78 -55.60 -57.81
N ASP E 57 8.93 -56.76 -57.15
CA ASP E 57 7.77 -57.50 -56.66
C ASP E 57 7.91 -58.01 -55.23
N LEU E 58 8.25 -57.15 -54.27
CA LEU E 58 8.30 -57.62 -52.88
C LEU E 58 7.32 -56.89 -51.98
N GLU E 59 6.52 -55.97 -52.52
CA GLU E 59 5.60 -55.23 -51.67
C GLU E 59 4.55 -56.16 -51.06
N SER E 60 4.72 -56.47 -49.78
CA SER E 60 3.75 -57.27 -49.04
C SER E 60 3.56 -56.75 -47.63
N SER E 61 4.45 -55.88 -47.16
CA SER E 61 4.43 -55.43 -45.77
C SER E 61 3.40 -54.33 -45.56
N THR E 62 3.46 -53.68 -44.40
CA THR E 62 2.53 -52.60 -44.05
C THR E 62 3.26 -51.29 -43.76
N SER E 63 4.55 -51.20 -44.07
CA SER E 63 5.31 -49.99 -43.82
C SER E 63 5.18 -49.02 -45.00
N ALA E 64 6.03 -47.99 -45.02
CA ALA E 64 6.01 -46.98 -46.06
C ALA E 64 7.31 -47.01 -46.83
N TYR E 65 7.21 -46.80 -48.15
CA TYR E 65 8.36 -46.68 -49.02
C TYR E 65 8.48 -45.24 -49.47
N ARG E 66 9.72 -44.81 -49.73
CA ARG E 66 9.99 -43.48 -50.23
C ARG E 66 10.79 -43.58 -51.53
N VAL E 67 10.40 -42.78 -52.51
CA VAL E 67 11.04 -42.73 -53.82
C VAL E 67 11.72 -41.38 -53.99
N THR E 68 12.99 -41.41 -54.39
CA THR E 68 13.80 -40.21 -54.54
C THR E 68 14.57 -40.25 -55.86
N ALA E 69 13.88 -40.48 -56.98
CA ALA E 69 14.52 -40.67 -58.27
C ALA E 69 15.31 -39.47 -58.72
N ILE E 70 14.76 -38.26 -58.53
CA ILE E 70 15.38 -37.06 -59.09
C ILE E 70 16.71 -36.79 -58.40
N GLY E 71 17.73 -36.51 -59.20
CA GLY E 71 19.02 -36.06 -58.72
C GLY E 71 19.14 -34.55 -58.90
N ASP E 72 19.58 -33.88 -57.83
CA ASP E 72 19.61 -32.42 -57.84
C ASP E 72 20.76 -31.92 -56.97
N ASP E 73 20.72 -30.64 -56.63
CA ASP E 73 21.74 -30.01 -55.81
C ASP E 73 21.11 -29.51 -54.52
N ASP E 74 21.94 -29.29 -53.50
CA ASP E 74 21.48 -28.82 -52.20
C ASP E 74 22.67 -28.15 -51.51
N GLU E 75 22.37 -27.28 -50.55
CA GLU E 75 23.42 -26.57 -49.83
C GLU E 75 22.95 -26.32 -48.39
N TYR E 76 23.62 -25.40 -47.70
CA TYR E 76 23.52 -25.29 -46.24
C TYR E 76 22.17 -24.70 -45.82
N GLU E 77 21.16 -25.56 -45.86
CA GLU E 77 19.87 -25.33 -45.20
C GLU E 77 19.09 -24.20 -45.86
N ASP E 78 19.68 -23.53 -46.85
CA ASP E 78 18.99 -22.49 -47.59
C ASP E 78 18.48 -22.99 -48.94
N ASP E 79 18.34 -24.31 -49.07
CA ASP E 79 17.75 -24.93 -50.26
C ASP E 79 16.74 -25.98 -49.82
N PRO E 80 15.59 -25.55 -49.27
CA PRO E 80 14.54 -26.51 -48.92
C PRO E 80 13.68 -26.85 -50.12
N CYS E 81 14.32 -27.10 -51.26
CA CYS E 81 13.60 -27.34 -52.52
C CYS E 81 14.51 -28.12 -53.46
N SER E 82 14.12 -28.18 -54.74
CA SER E 82 14.86 -28.85 -55.81
C SER E 82 14.79 -30.36 -55.66
N GLN E 83 14.25 -30.84 -54.54
CA GLN E 83 14.04 -32.27 -54.35
C GLN E 83 12.55 -32.57 -54.36
N TYR E 84 12.18 -33.59 -55.14
CA TYR E 84 10.78 -33.89 -55.41
C TYR E 84 10.51 -35.37 -55.15
N THR E 85 10.99 -35.85 -54.00
CA THR E 85 10.74 -37.20 -53.56
C THR E 85 9.28 -37.37 -53.15
N PHE E 86 8.79 -38.61 -53.24
CA PHE E 86 7.43 -38.94 -52.84
C PHE E 86 7.47 -40.15 -51.93
N THR E 87 6.29 -40.49 -51.40
CA THR E 87 6.15 -41.66 -50.54
C THR E 87 4.89 -42.42 -50.93
N PHE E 88 4.89 -43.73 -50.63
CA PHE E 88 3.75 -44.58 -50.91
C PHE E 88 3.78 -45.77 -49.98
N TYR E 89 2.63 -46.11 -49.41
CA TYR E 89 2.55 -47.28 -48.54
C TYR E 89 2.65 -48.56 -49.37
N VAL E 90 2.92 -49.66 -48.69
CA VAL E 90 3.15 -50.95 -49.35
C VAL E 90 1.82 -51.56 -49.78
N PRO E 91 1.61 -51.80 -51.07
CA PRO E 91 0.40 -52.48 -51.51
C PRO E 91 0.47 -53.98 -51.24
N ASP E 92 -0.71 -54.59 -51.17
CA ASP E 92 -0.81 -56.02 -50.84
C ASP E 92 -1.75 -56.68 -51.83
N SER E 93 -1.19 -57.26 -52.90
CA SER E 93 -1.98 -57.96 -53.90
C SER E 93 -1.08 -58.74 -54.85
N ALA E 94 -1.68 -59.42 -55.83
CA ALA E 94 -0.94 -60.10 -56.89
C ALA E 94 -1.52 -59.67 -58.24
N ASP E 95 -1.09 -58.51 -58.72
CA ASP E 95 -1.58 -57.89 -59.93
C ASP E 95 -0.76 -56.65 -60.21
N PRO E 96 -0.79 -56.13 -61.44
CA PRO E 96 -0.14 -54.84 -61.70
C PRO E 96 -0.80 -53.73 -60.89
N VAL E 97 0.03 -52.82 -60.39
CA VAL E 97 -0.45 -51.69 -59.59
C VAL E 97 0.19 -50.42 -60.14
N TYR E 98 -0.42 -49.29 -59.82
CA TYR E 98 0.03 -48.01 -60.33
C TYR E 98 -0.56 -46.92 -59.43
N VAL E 99 -0.31 -45.65 -59.79
CA VAL E 99 -0.59 -44.50 -58.93
C VAL E 99 -0.20 -44.82 -57.49
N GLN E 100 -1.20 -45.13 -56.66
CA GLN E 100 -0.98 -45.46 -55.25
C GLN E 100 -0.08 -44.43 -54.57
N GLU E 101 -0.56 -43.19 -54.53
CA GLU E 101 0.25 -42.07 -54.05
C GLU E 101 -0.24 -41.57 -52.70
N LEU E 102 0.64 -40.83 -52.02
CA LEU E 102 0.34 -40.22 -50.72
C LEU E 102 0.80 -38.76 -50.73
N ILE E 103 0.43 -38.03 -51.77
CA ILE E 103 0.75 -36.61 -51.86
C ILE E 103 0.00 -35.87 -50.76
N LEU E 104 0.39 -34.62 -50.49
CA LEU E 104 -0.24 -33.79 -49.47
C LEU E 104 -1.75 -33.85 -49.54
N MET E 105 -2.38 -34.27 -48.46
CA MET E 105 -3.84 -34.45 -48.42
C MET E 105 -4.57 -33.12 -48.57
N MET F 1 -10.82 16.92 78.98
CA MET F 1 -9.85 16.70 77.92
C MET F 1 -8.63 15.94 78.44
N THR F 2 -8.85 15.10 79.45
CA THR F 2 -7.77 14.33 80.06
C THR F 2 -8.11 12.86 80.04
N THR F 3 -7.12 12.04 79.67
CA THR F 3 -7.29 10.59 79.62
C THR F 3 -5.92 9.94 79.79
N LYS F 4 -5.71 9.30 80.94
CA LYS F 4 -4.43 8.63 81.17
C LYS F 4 -4.26 7.45 80.22
N VAL F 5 -3.00 7.22 79.84
CA VAL F 5 -2.66 6.35 78.72
C VAL F 5 -1.76 5.21 79.20
N ILE F 6 -2.02 4.73 80.42
CA ILE F 6 -1.25 3.62 81.00
C ILE F 6 -1.15 2.46 79.99
N PHE F 7 0.05 1.87 79.92
CA PHE F 7 0.31 0.75 79.04
C PHE F 7 1.34 -0.16 79.69
N THR F 8 1.42 -1.38 79.20
CA THR F 8 2.37 -2.38 79.68
C THR F 8 3.28 -2.82 78.53
N PHE F 9 4.55 -3.05 78.86
CA PHE F 9 5.54 -3.36 77.84
C PHE F 9 6.45 -4.51 78.27
N HIS F 10 5.90 -5.52 78.96
CA HIS F 10 6.74 -6.65 79.34
C HIS F 10 6.89 -7.58 78.13
N ASN F 11 8.02 -7.44 77.44
CA ASN F 11 8.21 -8.05 76.13
C ASN F 11 8.81 -9.46 76.16
N PRO F 12 9.97 -9.70 76.80
CA PRO F 12 10.62 -11.01 76.67
C PRO F 12 10.26 -11.97 77.79
N ASP F 13 9.77 -13.15 77.40
CA ASP F 13 9.54 -14.31 78.26
C ASP F 13 9.13 -13.93 79.69
N GLY F 14 8.21 -12.99 79.81
CA GLY F 14 7.73 -12.54 81.10
C GLY F 14 8.48 -11.36 81.69
N SER F 15 9.68 -11.05 81.18
CA SER F 15 10.48 -9.98 81.74
C SER F 15 9.80 -8.63 81.56
N PRO F 16 9.87 -7.74 82.56
CA PRO F 16 9.08 -6.50 82.52
C PRO F 16 9.65 -5.38 81.68
N GLN F 17 10.82 -5.55 81.06
CA GLN F 17 11.41 -4.51 80.22
C GLN F 17 11.62 -3.20 80.98
N ALA F 18 12.59 -3.18 81.90
CA ALA F 18 12.82 -2.03 82.76
C ALA F 18 13.39 -0.86 81.94
N ASN F 19 13.84 0.17 82.67
CA ASN F 19 14.08 1.50 82.13
C ASN F 19 14.65 1.49 80.70
N GLU F 20 13.98 2.22 79.82
CA GLU F 20 14.38 2.35 78.42
C GLU F 20 13.68 3.58 77.86
N LYS F 21 14.34 4.25 76.92
CA LYS F 21 13.82 5.51 76.40
C LYS F 21 12.51 5.29 75.65
N PHE F 22 11.57 6.20 75.83
CA PHE F 22 10.25 6.12 75.24
C PHE F 22 9.94 7.43 74.52
N THR F 23 9.42 7.33 73.30
CA THR F 23 9.17 8.51 72.47
C THR F 23 7.75 8.47 71.93
N VAL F 24 7.13 9.64 71.82
CA VAL F 24 5.81 9.78 71.23
C VAL F 24 5.70 11.19 70.64
N ARG F 25 4.89 11.33 69.58
CA ARG F 25 4.77 12.60 68.90
C ARG F 25 3.49 12.60 68.08
N LEU F 26 2.82 13.75 68.07
CA LEU F 26 1.62 13.96 67.27
C LEU F 26 1.99 13.99 65.79
N THR F 27 1.16 13.39 64.94
CA THR F 27 1.41 13.43 63.50
C THR F 27 1.06 14.78 62.91
N ARG F 28 -0.21 15.17 62.98
CA ARG F 28 -0.67 16.42 62.40
C ARG F 28 -1.60 17.10 63.39
N PRO F 29 -1.71 18.44 63.33
CA PRO F 29 -2.56 19.14 64.30
C PRO F 29 -4.02 18.77 64.18
N GLY F 30 -4.72 18.81 65.31
CA GLY F 30 -6.14 18.48 65.34
C GLY F 30 -6.83 19.20 66.48
N MET F 31 -8.16 19.22 66.39
CA MET F 31 -8.99 19.93 67.35
C MET F 31 -9.91 18.96 68.08
N SER F 32 -10.02 19.14 69.39
CA SER F 32 -10.86 18.32 70.25
C SER F 32 -12.24 18.94 70.37
N ASP F 33 -13.01 18.52 71.36
CA ASP F 33 -14.29 19.13 71.65
C ASP F 33 -14.10 20.42 72.43
N ALA F 34 -14.24 21.55 71.72
CA ALA F 34 -14.24 22.89 72.30
C ALA F 34 -12.92 23.20 72.98
N GLU F 35 -12.82 23.05 74.30
CA GLU F 35 -11.82 23.74 75.10
C GLU F 35 -10.37 23.46 74.69
N HIS F 36 -10.12 22.34 74.01
CA HIS F 36 -8.75 21.95 73.68
C HIS F 36 -8.54 21.91 72.17
N CYS F 37 -8.92 22.99 71.47
CA CYS F 37 -8.84 23.04 70.02
C CYS F 37 -7.62 23.84 69.56
N VAL F 38 -6.52 23.13 69.25
CA VAL F 38 -5.31 23.70 68.67
C VAL F 38 -4.28 22.59 68.39
N VAL F 39 -3.41 22.29 69.35
CA VAL F 39 -2.59 21.07 69.39
C VAL F 39 -1.77 20.90 68.11
N ILE F 40 -0.70 21.68 67.96
CA ILE F 40 0.25 21.41 66.88
C ILE F 40 1.18 20.28 67.34
N PRO F 41 1.74 19.49 66.43
CA PRO F 41 2.57 18.35 66.85
C PRO F 41 3.85 18.78 67.55
N GLU F 42 4.28 17.94 68.48
CA GLU F 42 5.54 18.12 69.21
C GLU F 42 5.91 16.80 69.87
N THR F 43 7.14 16.70 70.39
CA THR F 43 7.64 15.43 70.89
C THR F 43 8.28 15.64 72.25
N TYR F 44 8.29 14.56 73.04
CA TYR F 44 8.73 14.61 74.43
C TYR F 44 8.90 13.20 75.01
N GLU F 45 9.16 13.13 76.32
CA GLU F 45 9.08 11.92 77.13
C GLU F 45 10.32 11.05 76.97
N MET F 46 10.71 10.37 78.04
CA MET F 46 11.80 9.40 78.20
C MET F 46 11.44 8.39 79.28
N VAL F 47 12.24 7.32 79.40
CA VAL F 47 12.13 6.31 80.46
C VAL F 47 10.87 5.47 80.29
N THR F 48 10.91 4.24 80.80
CA THR F 48 9.80 3.31 80.68
C THR F 48 9.35 2.72 82.02
N ASP F 49 10.18 2.82 83.07
CA ASP F 49 10.10 2.32 84.45
C ASP F 49 10.29 0.80 84.47
N ALA F 50 10.44 0.23 85.67
CA ALA F 50 10.73 -1.19 85.79
C ALA F 50 9.62 -2.05 85.20
N LYS F 51 8.36 -1.67 85.46
CA LYS F 51 7.22 -2.44 84.99
C LYS F 51 6.93 -2.22 83.51
N GLY F 52 7.61 -1.25 82.89
CA GLY F 52 7.33 -0.91 81.51
C GLY F 52 6.00 -0.22 81.37
N GLU F 53 5.89 0.98 81.94
CA GLU F 53 4.63 1.73 81.95
C GLU F 53 4.90 3.20 81.73
N PHE F 54 3.98 3.86 81.02
CA PHE F 54 4.05 5.29 80.77
C PHE F 54 2.64 5.86 80.84
N THR F 55 2.53 7.11 81.26
CA THR F 55 1.23 7.72 81.50
C THR F 55 1.26 9.21 81.18
N MET F 56 0.26 9.66 80.44
CA MET F 56 -0.04 11.09 80.28
C MET F 56 -1.52 11.21 79.92
N ASP F 57 -2.05 12.42 80.08
CA ASP F 57 -3.50 12.62 80.06
C ASP F 57 -3.96 13.81 79.22
N LEU F 58 -3.54 13.90 77.96
CA LEU F 58 -4.04 14.99 77.12
C LEU F 58 -4.82 14.48 75.91
N GLU F 59 -4.98 13.17 75.75
CA GLU F 59 -5.68 12.66 74.57
C GLU F 59 -7.14 13.10 74.59
N SER F 60 -7.45 14.09 73.75
CA SER F 60 -8.83 14.54 73.57
C SER F 60 -9.13 14.85 72.11
N SER F 61 -8.10 14.96 71.27
CA SER F 61 -8.28 15.38 69.89
C SER F 61 -8.76 14.23 69.02
N THR F 62 -8.72 14.43 67.69
CA THR F 62 -9.15 13.42 66.73
C THR F 62 -8.04 13.04 65.76
N SER F 63 -6.80 13.46 66.03
CA SER F 63 -5.68 13.14 65.16
C SER F 63 -5.08 11.78 65.52
N ALA F 64 -3.90 11.49 64.97
CA ALA F 64 -3.22 10.24 65.21
C ALA F 64 -1.91 10.49 65.93
N TYR F 65 -1.57 9.59 66.86
CA TYR F 65 -0.29 9.61 67.56
C TYR F 65 0.55 8.44 67.07
N ARG F 66 1.87 8.64 67.09
CA ARG F 66 2.80 7.59 66.73
C ARG F 66 3.79 7.36 67.87
N VAL F 67 4.05 6.09 68.16
CA VAL F 67 4.94 5.68 69.23
C VAL F 67 6.15 5.00 68.61
N THR F 68 7.35 5.44 69.02
CA THR F 68 8.60 4.94 68.47
C THR F 68 9.59 4.64 69.60
N ALA F 69 9.18 3.85 70.60
CA ALA F 69 9.98 3.62 71.79
C ALA F 69 11.31 2.94 71.49
N ILE F 70 11.30 1.95 70.59
CA ILE F 70 12.49 1.14 70.36
C ILE F 70 13.59 1.97 69.72
N GLY F 71 14.80 1.87 70.25
CA GLY F 71 15.98 2.46 69.67
C GLY F 71 16.78 1.40 68.92
N ASP F 72 17.18 1.71 67.70
CA ASP F 72 17.82 0.73 66.84
C ASP F 72 18.81 1.43 65.92
N ASP F 73 19.25 0.71 64.88
CA ASP F 73 20.19 1.24 63.90
C ASP F 73 19.53 1.26 62.53
N ASP F 74 20.08 2.08 61.64
CA ASP F 74 19.56 2.22 60.28
C ASP F 74 20.70 2.72 59.40
N GLU F 75 20.57 2.50 58.10
CA GLU F 75 21.59 2.91 57.16
C GLU F 75 20.92 3.28 55.82
N TYR F 76 21.72 3.36 54.76
CA TYR F 76 21.31 4.01 53.52
C TYR F 76 20.29 3.16 52.75
N GLU F 77 19.04 3.23 53.23
CA GLU F 77 17.86 2.78 52.50
C GLU F 77 17.83 1.26 52.32
N ASP F 78 18.89 0.57 52.75
CA ASP F 78 18.93 -0.88 52.70
C ASP F 78 18.62 -1.51 54.05
N ASP F 79 17.96 -0.75 54.93
CA ASP F 79 17.50 -1.24 56.22
C ASP F 79 16.05 -0.80 56.42
N PRO F 80 15.11 -1.37 55.67
CA PRO F 80 13.69 -1.04 55.90
C PRO F 80 13.10 -1.89 57.02
N CYS F 81 13.84 -2.01 58.12
CA CYS F 81 13.44 -2.87 59.22
C CYS F 81 14.13 -2.40 60.50
N SER F 82 14.10 -3.23 61.54
CA SER F 82 14.73 -2.99 62.84
C SER F 82 13.99 -1.90 63.61
N GLN F 83 13.01 -1.25 62.96
CA GLN F 83 12.17 -0.27 63.64
C GLN F 83 10.76 -0.81 63.75
N TYR F 84 10.20 -0.71 64.96
CA TYR F 84 8.93 -1.35 65.27
C TYR F 84 7.99 -0.33 65.93
N THR F 85 7.91 0.85 65.31
CA THR F 85 7.00 1.89 65.75
C THR F 85 5.56 1.49 65.43
N PHE F 86 4.63 2.06 66.20
CA PHE F 86 3.21 1.82 66.00
C PHE F 86 2.48 3.14 65.99
N THR F 87 1.18 3.08 65.70
CA THR F 87 0.33 4.27 65.69
C THR F 87 -0.99 3.96 66.39
N PHE F 88 -1.62 5.01 66.92
CA PHE F 88 -2.90 4.88 67.58
C PHE F 88 -3.63 6.21 67.53
N TYR F 89 -4.91 6.17 67.21
CA TYR F 89 -5.71 7.40 67.21
C TYR F 89 -5.96 7.87 68.63
N VAL F 90 -6.36 9.13 68.75
CA VAL F 90 -6.55 9.76 70.06
C VAL F 90 -7.85 9.29 70.69
N PRO F 91 -7.82 8.66 71.85
CA PRO F 91 -9.04 8.28 72.54
C PRO F 91 -9.70 9.49 73.21
N ASP F 92 -11.00 9.37 73.46
CA ASP F 92 -11.78 10.46 74.03
C ASP F 92 -12.63 9.93 75.17
N SER F 93 -12.11 10.02 76.39
CA SER F 93 -12.84 9.56 77.58
C SER F 93 -12.15 10.05 78.85
N ALA F 94 -12.71 9.68 80.01
CA ALA F 94 -12.09 9.96 81.31
C ALA F 94 -12.08 8.65 82.11
N ASP F 95 -11.08 7.82 81.82
CA ASP F 95 -10.93 6.50 82.41
C ASP F 95 -9.60 5.90 81.95
N PRO F 96 -9.10 4.88 82.63
CA PRO F 96 -7.92 4.18 82.11
C PRO F 96 -8.22 3.52 80.78
N VAL F 97 -7.24 3.58 79.88
CA VAL F 97 -7.36 3.01 78.54
C VAL F 97 -6.13 2.15 78.27
N TYR F 98 -6.26 1.25 77.30
CA TYR F 98 -5.18 0.33 76.98
C TYR F 98 -5.45 -0.23 75.58
N VAL F 99 -4.61 -1.16 75.14
CA VAL F 99 -4.58 -1.63 73.75
C VAL F 99 -4.74 -0.45 72.79
N GLN F 100 -5.95 -0.27 72.26
CA GLN F 100 -6.28 0.80 71.33
C GLN F 100 -5.22 0.91 70.23
N GLU F 101 -5.11 -0.14 69.43
CA GLU F 101 -4.05 -0.26 68.44
C GLU F 101 -4.60 -0.12 67.03
N LEU F 102 -3.70 0.18 66.09
CA LEU F 102 -4.04 0.31 64.67
C LEU F 102 -3.01 -0.47 63.84
N ILE F 103 -2.75 -1.71 64.22
CA ILE F 103 -1.83 -2.57 63.47
C ILE F 103 -2.46 -2.85 62.10
N LEU F 104 -1.64 -3.37 61.18
CA LEU F 104 -2.09 -3.70 59.82
C LEU F 104 -3.41 -4.46 59.84
N MET F 105 -4.42 -3.90 59.17
CA MET F 105 -5.76 -4.47 59.17
C MET F 105 -5.78 -5.83 58.47
N MET G 1 10.65 -68.44 43.06
CA MET G 1 11.30 -67.41 42.25
C MET G 1 12.38 -68.01 41.36
N THR G 2 12.20 -69.28 40.97
CA THR G 2 13.16 -69.98 40.15
C THR G 2 12.48 -70.52 38.90
N THR G 3 13.14 -70.35 37.76
CA THR G 3 12.63 -70.84 36.48
C THR G 3 13.81 -71.05 35.54
N LYS G 4 14.10 -72.31 35.25
CA LYS G 4 15.20 -72.63 34.33
C LYS G 4 14.89 -72.14 32.92
N VAL G 5 15.93 -71.72 32.22
CA VAL G 5 15.81 -70.94 30.99
C VAL G 5 16.50 -71.68 29.84
N ILE G 6 16.39 -73.01 29.86
CA ILE G 6 16.97 -73.85 28.80
C ILE G 6 16.59 -73.30 27.43
N PHE G 7 17.56 -73.30 26.51
CA PHE G 7 17.35 -72.84 25.14
C PHE G 7 18.25 -73.65 24.21
N THR G 8 17.92 -73.61 22.92
CA THR G 8 18.69 -74.30 21.89
C THR G 8 19.21 -73.28 20.88
N PHE G 9 20.43 -73.51 20.39
CA PHE G 9 21.08 -72.56 19.50
C PHE G 9 21.75 -73.25 18.32
N HIS G 10 21.13 -74.31 17.78
CA HIS G 10 21.75 -74.96 16.63
C HIS G 10 21.40 -74.15 15.38
N ASN G 11 22.37 -73.32 14.96
CA ASN G 11 22.11 -72.31 13.95
C ASN G 11 22.36 -72.75 12.50
N PRO G 12 23.54 -73.28 12.15
CA PRO G 12 23.82 -73.55 10.72
C PRO G 12 23.48 -74.97 10.30
N ASP G 13 22.65 -75.09 9.26
CA ASP G 13 22.34 -76.32 8.54
C ASP G 13 22.36 -77.56 9.43
N GLY G 14 21.72 -77.45 10.60
CA GLY G 14 21.65 -78.55 11.54
C GLY G 14 22.77 -78.60 12.57
N SER G 15 23.87 -77.87 12.33
CA SER G 15 25.02 -77.91 13.24
C SER G 15 24.64 -77.36 14.61
N PRO G 16 25.14 -77.95 15.69
CA PRO G 16 24.68 -77.59 17.03
C PRO G 16 25.31 -76.33 17.63
N GLN G 17 26.24 -75.69 16.94
CA GLN G 17 26.87 -74.47 17.46
C GLN G 17 27.54 -74.69 18.81
N ALA G 18 28.66 -75.42 18.82
CA ALA G 18 29.34 -75.77 20.04
C ALA G 18 29.97 -74.54 20.69
N ASN G 19 30.80 -74.80 21.70
CA ASN G 19 31.24 -73.80 22.68
C ASN G 19 31.47 -72.42 22.06
N GLU G 20 30.83 -71.42 22.66
CA GLU G 20 30.94 -70.03 22.23
C GLU G 20 30.44 -69.15 23.37
N LYS G 21 31.03 -67.96 23.51
CA LYS G 21 30.72 -67.10 24.64
C LYS G 21 29.27 -66.64 24.59
N PHE G 22 28.65 -66.60 25.77
CA PHE G 22 27.24 -66.24 25.91
C PHE G 22 27.11 -65.15 26.97
N THR G 23 26.34 -64.11 26.66
CA THR G 23 26.20 -62.96 27.55
C THR G 23 24.74 -62.64 27.75
N VAL G 24 24.40 -62.20 28.97
CA VAL G 24 23.06 -61.76 29.31
C VAL G 24 23.17 -60.74 30.44
N ARG G 25 22.21 -59.81 30.48
CA ARG G 25 22.26 -58.74 31.46
C ARG G 25 20.87 -58.12 31.59
N LEU G 26 20.51 -57.78 32.83
CA LEU G 26 19.25 -57.11 33.12
C LEU G 26 19.30 -55.68 32.58
N THR G 27 18.18 -55.21 32.04
CA THR G 27 18.13 -53.83 31.55
C THR G 27 17.99 -52.85 32.71
N ARG G 28 16.89 -52.93 33.46
CA ARG G 28 16.63 -52.00 34.55
C ARG G 28 16.12 -52.79 35.74
N PRO G 29 16.32 -52.28 36.97
CA PRO G 29 15.90 -53.04 38.15
C PRO G 29 14.39 -53.23 38.20
N GLY G 30 13.97 -54.35 38.79
CA GLY G 30 12.57 -54.67 38.92
C GLY G 30 12.31 -55.55 40.12
N MET G 31 11.05 -55.62 40.52
CA MET G 31 10.63 -56.35 41.70
C MET G 31 9.69 -57.49 41.32
N SER G 32 9.91 -58.66 41.91
CA SER G 32 9.10 -59.84 41.68
C SER G 32 7.96 -59.89 42.68
N ASP G 33 7.34 -61.06 42.83
CA ASP G 33 6.33 -61.28 43.85
C ASP G 33 7.00 -61.52 45.22
N ALA G 34 6.98 -60.48 46.05
CA ALA G 34 7.41 -60.54 47.44
C ALA G 34 8.90 -60.90 47.54
N GLU G 35 9.23 -62.17 47.76
CA GLU G 35 10.51 -62.57 48.34
C GLU G 35 11.73 -62.10 47.54
N HIS G 36 11.56 -61.83 46.25
CA HIS G 36 12.69 -61.50 45.39
C HIS G 36 12.56 -60.08 44.83
N CYS G 37 12.30 -59.11 45.70
CA CYS G 37 12.08 -57.72 45.28
C CYS G 37 13.34 -56.88 45.50
N VAL G 38 14.15 -56.71 44.45
CA VAL G 38 15.30 -55.82 44.42
C VAL G 38 15.95 -55.83 43.03
N VAL G 39 16.91 -56.73 42.79
CA VAL G 39 17.40 -57.09 41.46
C VAL G 39 17.87 -55.86 40.67
N ILE G 40 19.03 -55.32 41.01
CA ILE G 40 19.65 -54.31 40.15
C ILE G 40 20.36 -55.01 38.99
N PRO G 41 20.50 -54.37 37.83
CA PRO G 41 21.11 -55.07 36.69
C PRO G 41 22.58 -55.41 36.92
N GLU G 42 22.98 -56.52 36.31
CA GLU G 42 24.37 -56.99 36.32
C GLU G 42 24.55 -58.02 35.22
N THR G 43 25.79 -58.39 34.92
CA THR G 43 26.08 -59.24 33.77
C THR G 43 27.02 -60.36 34.19
N TYR G 44 26.94 -61.47 33.45
CA TYR G 44 27.66 -62.69 33.77
C TYR G 44 27.61 -63.70 32.63
N GLU G 45 28.12 -64.91 32.89
CA GLU G 45 27.93 -66.10 32.07
C GLU G 45 28.86 -66.11 30.86
N MET G 46 29.29 -67.30 30.46
CA MET G 46 30.13 -67.64 29.31
C MET G 46 29.77 -69.05 28.83
N VAL G 47 30.31 -69.43 27.66
CA VAL G 47 30.19 -70.79 27.11
C VAL G 47 28.76 -71.08 26.66
N THR G 48 28.61 -71.99 25.69
CA THR G 48 27.30 -72.33 25.14
C THR G 48 27.02 -73.84 25.15
N ASP G 49 28.05 -74.68 25.33
CA ASP G 49 28.16 -76.15 25.31
C ASP G 49 27.99 -76.67 23.89
N ALA G 50 28.24 -77.97 23.69
CA ALA G 50 28.20 -78.54 22.35
C ALA G 50 26.82 -78.44 21.73
N LYS G 51 25.77 -78.70 22.51
CA LYS G 51 24.41 -78.68 22.02
C LYS G 51 23.88 -77.25 21.86
N GLY G 52 24.61 -76.26 22.35
CA GLY G 52 24.14 -74.89 22.32
C GLY G 52 23.00 -74.67 23.29
N GLU G 53 23.31 -74.79 24.58
CA GLU G 53 22.30 -74.70 25.63
C GLU G 53 22.86 -73.93 26.82
N PHE G 54 21.99 -73.16 27.47
CA PHE G 54 22.35 -72.41 28.66
C PHE G 54 21.16 -72.44 29.62
N THR G 55 21.45 -72.42 30.92
CA THR G 55 20.41 -72.57 31.93
C THR G 55 20.73 -71.75 33.17
N MET G 56 19.73 -71.02 33.66
CA MET G 56 19.76 -70.41 34.98
C MET G 56 18.31 -70.20 35.42
N ASP G 57 18.13 -69.99 36.73
CA ASP G 57 16.80 -70.07 37.32
C ASP G 57 16.47 -68.93 38.28
N LEU G 58 16.62 -67.67 37.86
CA LEU G 58 16.21 -66.58 38.74
C LEU G 58 15.10 -65.72 38.14
N GLU G 59 14.61 -66.06 36.95
CA GLU G 59 13.57 -65.24 36.34
C GLU G 59 12.30 -65.26 37.17
N SER G 60 12.06 -64.18 37.91
CA SER G 60 10.83 -64.01 38.67
C SER G 60 10.30 -62.59 38.60
N SER G 61 11.12 -61.65 38.13
CA SER G 61 10.76 -60.24 38.14
C SER G 61 9.85 -59.88 36.97
N THR G 62 9.65 -58.58 36.74
CA THR G 62 8.80 -58.10 35.67
C THR G 62 9.56 -57.19 34.69
N SER G 63 10.88 -57.16 34.79
CA SER G 63 11.68 -56.32 33.90
C SER G 63 12.00 -57.06 32.60
N ALA G 64 12.93 -56.51 31.83
CA ALA G 64 13.34 -57.10 30.55
C ALA G 64 14.80 -57.51 30.62
N TYR G 65 15.09 -58.65 29.99
CA TYR G 65 16.46 -59.15 29.85
C TYR G 65 16.88 -59.00 28.39
N ARG G 66 18.17 -58.80 28.18
CA ARG G 66 18.73 -58.71 26.83
C ARG G 66 19.85 -59.74 26.69
N VAL G 67 19.86 -60.42 25.55
CA VAL G 67 20.83 -61.46 25.24
C VAL G 67 21.69 -60.98 24.08
N THR G 68 23.01 -61.05 24.24
CA THR G 68 23.97 -60.57 23.25
C THR G 68 25.07 -61.60 23.02
N ALA G 69 24.71 -62.86 22.75
CA ALA G 69 25.67 -63.95 22.67
C ALA G 69 26.70 -63.74 21.55
N ILE G 70 26.26 -63.27 20.39
CA ILE G 70 27.15 -63.19 19.24
C ILE G 70 28.25 -62.17 19.47
N GLY G 71 29.48 -62.57 19.18
CA GLY G 71 30.62 -61.66 19.18
C GLY G 71 30.96 -61.26 17.76
N ASP G 72 31.15 -59.96 17.55
CA ASP G 72 31.35 -59.43 16.21
C ASP G 72 32.26 -58.21 16.27
N ASP G 73 32.28 -57.45 15.18
CA ASP G 73 33.09 -56.25 15.08
C ASP G 73 32.17 -55.04 14.88
N ASP G 74 32.70 -53.86 15.19
CA ASP G 74 31.95 -52.61 15.05
C ASP G 74 32.96 -51.48 14.89
N GLU G 75 32.51 -50.37 14.34
CA GLU G 75 33.38 -49.22 14.12
C GLU G 75 32.56 -47.94 14.25
N TYR G 76 33.10 -46.82 13.75
CA TYR G 76 32.60 -45.49 14.09
C TYR G 76 31.27 -45.19 13.39
N GLU G 77 30.21 -45.77 13.97
CA GLU G 77 28.82 -45.39 13.69
C GLU G 77 28.40 -45.76 12.27
N ASP G 78 29.33 -46.27 11.47
CA ASP G 78 29.00 -46.73 10.13
C ASP G 78 28.85 -48.25 10.05
N ASP G 79 28.60 -48.88 11.20
CA ASP G 79 28.31 -50.31 11.28
C ASP G 79 27.09 -50.52 12.18
N PRO G 80 25.90 -50.12 11.71
CA PRO G 80 24.69 -50.40 12.49
C PRO G 80 24.17 -51.81 12.25
N CYS G 81 25.07 -52.77 12.25
CA CYS G 81 24.71 -54.15 11.94
C CYS G 81 25.76 -55.09 12.55
N SER G 82 25.75 -56.36 12.12
CA SER G 82 26.68 -57.39 12.55
C SER G 82 26.40 -57.81 13.99
N GLN G 83 25.50 -57.10 14.67
CA GLN G 83 25.08 -57.49 16.00
C GLN G 83 23.63 -57.95 15.98
N TYR G 84 23.38 -59.10 16.60
CA TYR G 84 22.09 -59.77 16.50
C TYR G 84 21.59 -60.13 17.89
N THR G 85 21.65 -59.16 18.79
CA THR G 85 21.14 -59.29 20.14
C THR G 85 19.61 -59.33 20.11
N PHE G 86 19.03 -59.96 21.14
CA PHE G 86 17.58 -60.02 21.28
C PHE G 86 17.21 -59.63 22.69
N THR G 87 15.90 -59.54 22.94
CA THR G 87 15.37 -59.21 24.25
C THR G 87 14.20 -60.12 24.58
N PHE G 88 13.97 -60.33 25.87
CA PHE G 88 12.86 -61.14 26.33
C PHE G 88 12.48 -60.71 27.75
N TYR G 89 11.18 -60.58 28.00
CA TYR G 89 10.72 -60.24 29.34
C TYR G 89 10.91 -61.43 30.28
N VAL G 90 10.85 -61.15 31.57
CA VAL G 90 11.10 -62.15 32.60
C VAL G 90 9.88 -63.06 32.75
N PRO G 91 10.02 -64.37 32.52
CA PRO G 91 8.91 -65.28 32.76
C PRO G 91 8.73 -65.56 34.25
N ASP G 92 7.51 -66.00 34.60
CA ASP G 92 7.15 -66.22 35.99
C ASP G 92 6.46 -67.58 36.10
N SER G 93 7.24 -68.62 36.40
CA SER G 93 6.69 -69.96 36.57
C SER G 93 7.72 -70.90 37.19
N ALA G 94 7.36 -72.17 37.39
CA ALA G 94 8.28 -73.20 37.84
C ALA G 94 8.16 -74.40 36.89
N ASP G 95 8.85 -74.31 35.76
CA ASP G 95 8.79 -75.31 34.71
C ASP G 95 9.82 -74.93 33.64
N PRO G 96 10.19 -75.86 32.77
CA PRO G 96 11.03 -75.48 31.62
C PRO G 96 10.31 -74.51 30.71
N VAL G 97 11.06 -73.53 30.19
CA VAL G 97 10.52 -72.51 29.30
C VAL G 97 11.42 -72.41 28.09
N TYR G 98 10.87 -71.85 27.01
CA TYR G 98 11.61 -71.75 25.77
C TYR G 98 10.92 -70.68 24.91
N VAL G 99 11.40 -70.49 23.69
CA VAL G 99 11.03 -69.36 22.83
C VAL G 99 10.96 -68.08 23.65
N GLN G 100 9.73 -67.67 24.00
CA GLN G 100 9.50 -66.46 24.80
C GLN G 100 10.28 -65.28 24.24
N GLU G 101 9.97 -64.89 23.01
CA GLU G 101 10.73 -63.88 22.29
C GLU G 101 9.93 -62.58 22.15
N LEU G 102 10.66 -61.50 21.87
CA LEU G 102 10.08 -60.18 21.64
C LEU G 102 10.69 -59.55 20.39
N ILE G 103 10.71 -60.32 19.31
CA ILE G 103 11.22 -59.81 18.03
C ILE G 103 10.27 -58.73 17.53
N LEU G 104 10.72 -57.95 16.55
CA LEU G 104 9.93 -56.87 15.97
C LEU G 104 8.50 -57.30 15.68
N MET G 105 7.54 -56.62 16.28
CA MET G 105 6.13 -56.97 16.15
C MET G 105 5.64 -56.79 14.72
N MET H 1 -13.95 -6.25 -80.03
CA MET H 1 -13.04 -5.75 -79.01
C MET H 1 -12.46 -4.40 -79.41
N THR H 2 -13.23 -3.63 -80.17
CA THR H 2 -12.78 -2.33 -80.65
C THR H 2 -13.80 -1.27 -80.26
N THR H 3 -13.29 -0.13 -79.77
CA THR H 3 -14.13 0.98 -79.37
C THR H 3 -13.30 2.26 -79.46
N LYS H 4 -13.63 3.12 -80.43
CA LYS H 4 -12.90 4.37 -80.58
C LYS H 4 -13.16 5.28 -79.39
N VAL H 5 -12.14 6.07 -79.04
CA VAL H 5 -12.09 6.78 -77.77
C VAL H 5 -11.96 8.28 -78.02
N ILE H 6 -12.63 8.77 -79.07
CA ILE H 6 -12.61 10.19 -79.41
C ILE H 6 -12.91 11.03 -78.18
N PHE H 7 -12.18 12.14 -78.03
CA PHE H 7 -12.35 13.07 -76.92
C PHE H 7 -12.02 14.47 -77.41
N THR H 8 -12.47 15.46 -76.63
CA THR H 8 -12.23 16.87 -76.93
C THR H 8 -11.46 17.50 -75.77
N PHE H 9 -10.55 18.40 -76.10
CA PHE H 9 -9.68 19.01 -75.10
C PHE H 9 -9.54 20.51 -75.29
N HIS H 10 -10.62 21.19 -75.70
CA HIS H 10 -10.51 22.64 -75.85
C HIS H 10 -10.64 23.28 -74.47
N ASN H 11 -9.48 23.64 -73.90
CA ASN H 11 -9.41 24.02 -72.49
C ASN H 11 -9.59 25.52 -72.22
N PRO H 12 -8.81 26.41 -72.85
CA PRO H 12 -8.87 27.83 -72.46
C PRO H 12 -9.84 28.66 -73.30
N ASP H 13 -10.77 29.32 -72.61
CA ASP H 13 -11.68 30.33 -73.17
C ASP H 13 -12.09 30.05 -74.62
N GLY H 14 -12.44 28.80 -74.90
CA GLY H 14 -12.84 28.40 -76.23
C GLY H 14 -11.73 27.90 -77.12
N SER H 15 -10.47 28.17 -76.77
CA SER H 15 -9.34 27.78 -77.61
C SER H 15 -9.24 26.26 -77.72
N PRO H 16 -8.90 25.72 -78.89
CA PRO H 16 -8.98 24.28 -79.12
C PRO H 16 -7.80 23.48 -78.59
N GLN H 17 -6.77 24.11 -78.02
CA GLN H 17 -5.61 23.39 -77.48
C GLN H 17 -4.93 22.53 -78.54
N ALA H 18 -4.25 23.17 -79.49
CA ALA H 18 -3.62 22.48 -80.60
C ALA H 18 -2.43 21.65 -80.12
N ASN H 19 -1.67 21.15 -81.09
CA ASN H 19 -0.72 20.05 -80.88
C ASN H 19 0.00 20.11 -79.54
N GLU H 20 -0.06 19.00 -78.81
CA GLU H 20 0.58 18.85 -77.51
C GLU H 20 0.68 17.36 -77.21
N LYS H 21 1.73 16.97 -76.49
CA LYS H 21 1.99 15.56 -76.25
C LYS H 21 0.88 14.95 -75.40
N PHE H 22 0.50 13.72 -75.74
CA PHE H 22 -0.57 13.00 -75.08
C PHE H 22 -0.07 11.62 -74.66
N THR H 23 -0.36 11.22 -73.43
CA THR H 23 0.14 9.97 -72.89
C THR H 23 -0.99 9.18 -72.26
N VAL H 24 -0.94 7.85 -72.40
CA VAL H 24 -1.90 6.95 -71.78
C VAL H 24 -1.21 5.61 -71.54
N ARG H 25 -1.65 4.90 -70.51
CA ARG H 25 -1.02 3.65 -70.13
C ARG H 25 -1.97 2.85 -69.27
N LEU H 26 -1.99 1.53 -69.48
CA LEU H 26 -2.78 0.61 -68.67
C LEU H 26 -2.19 0.52 -67.28
N THR H 27 -3.05 0.44 -66.26
CA THR H 27 -2.58 0.30 -64.89
C THR H 27 -2.12 -1.13 -64.62
N ARG H 28 -3.02 -2.10 -64.71
CA ARG H 28 -2.71 -3.48 -64.41
C ARG H 28 -3.33 -4.37 -65.47
N PRO H 29 -2.77 -5.55 -65.72
CA PRO H 29 -3.31 -6.41 -66.78
C PRO H 29 -4.73 -6.87 -66.49
N GLY H 30 -5.50 -7.07 -67.56
CA GLY H 30 -6.88 -7.51 -67.43
C GLY H 30 -7.31 -8.27 -68.67
N MET H 31 -8.42 -9.00 -68.51
CA MET H 31 -8.94 -9.86 -69.56
C MET H 31 -10.33 -9.37 -69.99
N SER H 32 -10.55 -9.36 -71.30
CA SER H 32 -11.82 -8.96 -71.88
C SER H 32 -12.72 -10.18 -72.06
N ASP H 33 -13.75 -10.04 -72.89
CA ASP H 33 -14.61 -11.16 -73.25
C ASP H 33 -13.93 -12.01 -74.31
N ALA H 34 -13.39 -13.16 -73.87
CA ALA H 34 -12.84 -14.18 -74.76
C ALA H 34 -11.65 -13.64 -75.56
N GLU H 35 -11.87 -13.23 -76.82
CA GLU H 35 -10.81 -13.17 -77.82
C GLU H 35 -9.65 -12.26 -77.43
N HIS H 36 -9.86 -11.31 -76.52
CA HIS H 36 -8.82 -10.33 -76.19
C HIS H 36 -8.40 -10.45 -74.73
N CYS H 37 -8.09 -11.66 -74.28
CA CYS H 37 -7.75 -11.92 -72.88
C CYS H 37 -6.24 -12.05 -72.70
N VAL H 38 -5.60 -10.94 -72.30
CA VAL H 38 -4.17 -10.90 -71.94
C VAL H 38 -3.80 -9.48 -71.47
N VAL H 39 -3.35 -8.62 -72.38
CA VAL H 39 -3.26 -7.18 -72.16
C VAL H 39 -2.42 -6.82 -70.94
N ILE H 40 -1.10 -6.96 -71.04
CA ILE H 40 -0.24 -6.42 -69.98
C ILE H 40 -0.07 -4.91 -70.21
N PRO H 41 0.17 -4.12 -69.17
CA PRO H 41 0.26 -2.67 -69.36
C PRO H 41 1.45 -2.25 -70.21
N GLU H 42 1.26 -1.16 -70.96
CA GLU H 42 2.28 -0.54 -71.78
C GLU H 42 1.85 0.88 -72.12
N THR H 43 2.76 1.68 -72.67
CA THR H 43 2.48 3.10 -72.88
C THR H 43 2.90 3.49 -74.29
N TYR H 44 2.25 4.53 -74.80
CA TYR H 44 2.42 4.96 -76.19
C TYR H 44 1.78 6.33 -76.43
N GLU H 45 1.74 6.75 -77.70
CA GLU H 45 0.95 7.87 -78.21
C GLU H 45 1.60 9.21 -77.91
N MET H 46 1.42 10.17 -78.82
CA MET H 46 1.87 11.56 -78.80
C MET H 46 0.88 12.41 -79.60
N VAL H 47 1.02 13.74 -79.51
CA VAL H 47 0.26 14.71 -80.29
C VAL H 47 -1.20 14.75 -79.86
N THR H 48 -1.86 15.90 -80.06
CA THR H 48 -3.25 16.09 -79.67
C THR H 48 -4.15 16.57 -80.79
N ASP H 49 -3.58 17.09 -81.89
CA ASP H 49 -4.10 17.73 -83.11
C ASP H 49 -4.69 19.09 -82.78
N ALA H 50 -5.05 19.85 -83.82
CA ALA H 50 -5.51 21.23 -83.61
C ALA H 50 -6.79 21.28 -82.79
N LYS H 51 -7.73 20.36 -83.06
CA LYS H 51 -9.00 20.32 -82.35
C LYS H 51 -8.88 19.73 -80.95
N GLY H 52 -7.73 19.16 -80.62
CA GLY H 52 -7.56 18.50 -79.34
C GLY H 52 -8.35 17.20 -79.28
N GLU H 53 -7.95 16.24 -80.12
CA GLU H 53 -8.66 14.98 -80.23
C GLU H 53 -7.67 13.84 -80.38
N PHE H 54 -8.02 12.69 -79.79
CA PHE H 54 -7.22 11.48 -79.89
C PHE H 54 -8.16 10.29 -80.01
N THR H 55 -7.71 9.25 -80.72
CA THR H 55 -8.56 8.10 -81.01
C THR H 55 -7.75 6.82 -81.06
N MET H 56 -8.27 5.79 -80.38
CA MET H 56 -7.80 4.42 -80.54
C MET H 56 -8.93 3.49 -80.14
N ASP H 57 -8.83 2.22 -80.54
CA ASP H 57 -9.96 1.32 -80.49
C ASP H 57 -9.64 -0.07 -79.92
N LEU H 58 -9.02 -0.15 -78.74
CA LEU H 58 -8.78 -1.47 -78.16
C LEU H 58 -9.49 -1.65 -76.82
N GLU H 59 -10.24 -0.65 -76.36
CA GLU H 59 -10.89 -0.80 -75.06
C GLU H 59 -11.93 -1.91 -75.08
N SER H 60 -11.57 -3.04 -74.48
CA SER H 60 -12.49 -4.16 -74.34
C SER H 60 -12.35 -4.84 -72.98
N SER H 61 -11.28 -4.54 -72.25
CA SER H 61 -11.00 -5.22 -71.00
C SER H 61 -11.81 -4.66 -69.85
N THR H 62 -11.46 -5.03 -68.62
CA THR H 62 -12.16 -4.57 -67.42
C THR H 62 -11.23 -3.85 -66.46
N SER H 63 -10.02 -3.52 -66.89
CA SER H 63 -9.07 -2.82 -66.02
C SER H 63 -9.28 -1.31 -66.09
N ALA H 64 -8.33 -0.56 -65.56
CA ALA H 64 -8.39 0.89 -65.54
C ALA H 64 -7.26 1.48 -66.37
N TYR H 65 -7.57 2.57 -67.08
CA TYR H 65 -6.59 3.33 -67.84
C TYR H 65 -6.35 4.65 -67.14
N ARG H 66 -5.13 5.17 -67.28
CA ARG H 66 -4.79 6.48 -66.73
C ARG H 66 -4.24 7.37 -67.84
N VAL H 67 -4.70 8.62 -67.84
CA VAL H 67 -4.31 9.62 -68.83
C VAL H 67 -3.51 10.70 -68.14
N THR H 68 -2.34 11.01 -68.71
CA THR H 68 -1.41 11.99 -68.14
C THR H 68 -0.90 12.95 -69.21
N ALA H 69 -1.81 13.55 -69.97
CA ALA H 69 -1.44 14.38 -71.12
C ALA H 69 -0.59 15.58 -70.74
N ILE H 70 -0.93 16.25 -69.64
CA ILE H 70 -0.27 17.50 -69.30
C ILE H 70 1.19 17.25 -68.93
N GLY H 71 2.08 18.06 -69.49
CA GLY H 71 3.49 18.07 -69.13
C GLY H 71 3.78 19.25 -68.21
N ASP H 72 4.48 18.97 -67.12
CA ASP H 72 4.69 19.98 -66.09
C ASP H 72 6.03 19.74 -65.41
N ASP H 73 6.24 20.39 -64.27
CA ASP H 73 7.46 20.26 -63.49
C ASP H 73 7.14 19.66 -62.13
N ASP H 74 8.16 19.11 -61.49
CA ASP H 74 8.01 18.48 -60.18
C ASP H 74 9.38 18.50 -59.50
N GLU H 75 9.38 18.39 -58.17
CA GLU H 75 10.62 18.41 -57.42
C GLU H 75 10.46 17.52 -56.18
N TYR H 76 11.35 17.68 -55.21
CA TYR H 76 11.53 16.71 -54.12
C TYR H 76 10.37 16.77 -53.13
N GLU H 77 9.26 16.15 -53.54
CA GLU H 77 8.15 15.80 -52.66
C GLU H 77 7.42 17.03 -52.12
N ASP H 78 7.91 18.22 -52.44
CA ASP H 78 7.23 19.45 -52.05
C ASP H 78 6.44 20.05 -53.20
N ASP H 79 6.11 19.23 -54.20
CA ASP H 79 5.23 19.63 -55.30
C ASP H 79 4.19 18.56 -55.52
N PRO H 80 3.22 18.41 -54.60
CA PRO H 80 2.13 17.46 -54.82
C PRO H 80 1.03 18.05 -55.68
N CYS H 81 1.42 18.72 -56.76
CA CYS H 81 0.47 19.42 -57.61
C CYS H 81 1.07 19.61 -59.00
N SER H 82 0.47 20.47 -59.80
CA SER H 82 0.91 20.81 -61.16
C SER H 82 0.67 19.65 -62.12
N GLN H 83 0.26 18.49 -61.59
CA GLN H 83 -0.09 17.36 -62.43
C GLN H 83 -1.59 17.10 -62.33
N TYR H 84 -2.22 16.94 -63.49
CA TYR H 84 -3.67 16.88 -63.58
C TYR H 84 -4.08 15.65 -64.39
N THR H 85 -3.48 14.52 -64.07
CA THR H 85 -3.82 13.24 -64.67
C THR H 85 -5.20 12.79 -64.20
N PHE H 86 -5.84 11.97 -65.03
CA PHE H 86 -7.14 11.41 -64.69
C PHE H 86 -7.11 9.91 -64.95
N THR H 87 -8.20 9.24 -64.58
CA THR H 87 -8.35 7.81 -64.80
C THR H 87 -9.75 7.52 -65.33
N PHE H 88 -9.86 6.41 -66.06
CA PHE H 88 -11.14 5.97 -66.59
C PHE H 88 -11.09 4.47 -66.82
N TYR H 89 -12.17 3.77 -66.43
CA TYR H 89 -12.24 2.34 -66.66
C TYR H 89 -12.46 2.06 -68.15
N VAL H 90 -12.23 0.82 -68.53
CA VAL H 90 -12.29 0.41 -69.93
C VAL H 90 -13.75 0.24 -70.36
N PRO H 91 -14.21 1.00 -71.35
CA PRO H 91 -15.57 0.80 -71.86
C PRO H 91 -15.64 -0.44 -72.76
N ASP H 92 -16.86 -0.95 -72.90
CA ASP H 92 -17.09 -2.17 -73.66
C ASP H 92 -18.28 -1.97 -74.59
N SER H 93 -18.00 -1.56 -75.84
CA SER H 93 -19.04 -1.36 -76.83
C SER H 93 -18.43 -1.19 -78.22
N ALA H 94 -19.28 -0.96 -79.23
CA ALA H 94 -18.84 -0.65 -80.59
C ALA H 94 -19.59 0.59 -81.05
N ASP H 95 -19.10 1.75 -80.64
CA ASP H 95 -19.72 3.04 -80.91
C ASP H 95 -18.80 4.14 -80.40
N PRO H 96 -18.98 5.38 -80.85
CA PRO H 96 -18.22 6.48 -80.25
C PRO H 96 -18.58 6.65 -78.78
N VAL H 97 -17.56 6.95 -77.97
CA VAL H 97 -17.72 7.14 -76.53
C VAL H 97 -17.03 8.43 -76.15
N TYR H 98 -17.43 8.97 -74.99
CA TYR H 98 -16.90 10.24 -74.53
C TYR H 98 -17.17 10.32 -73.02
N VAL H 99 -16.83 11.46 -72.41
CA VAL H 99 -16.79 11.64 -70.96
C VAL H 99 -16.21 10.40 -70.30
N GLN H 100 -17.07 9.53 -69.75
CA GLN H 100 -16.65 8.30 -69.09
C GLN H 100 -15.51 8.56 -68.10
N GLU H 101 -15.79 9.36 -67.09
CA GLU H 101 -14.78 9.84 -66.15
C GLU H 101 -14.94 9.19 -64.78
N LEU H 102 -13.87 9.24 -63.99
CA LEU H 102 -13.86 8.72 -62.63
C LEU H 102 -13.21 9.74 -61.70
N ILE H 103 -13.66 10.99 -61.79
CA ILE H 103 -13.17 12.06 -60.92
C ILE H 103 -13.61 11.75 -59.50
N LEU H 104 -13.01 12.43 -58.52
CA LEU H 104 -13.33 12.25 -57.10
C LEU H 104 -14.84 12.20 -56.86
N MET H 105 -15.31 11.10 -56.30
CA MET H 105 -16.75 10.90 -56.07
C MET H 105 -17.31 11.91 -55.08
N MET I 1 9.32 -77.87 -22.03
CA MET I 1 9.94 -76.55 -21.98
C MET I 1 10.77 -76.28 -23.23
N THR I 2 10.37 -76.89 -24.35
CA THR I 2 11.08 -76.75 -25.60
C THR I 2 10.14 -76.26 -26.68
N THR I 3 10.61 -75.30 -27.48
CA THR I 3 9.82 -74.74 -28.57
C THR I 3 10.79 -74.17 -29.61
N LYS I 4 10.87 -74.81 -30.76
CA LYS I 4 11.76 -74.34 -31.82
C LYS I 4 11.26 -73.00 -32.35
N VAL I 5 12.22 -72.15 -32.75
CA VAL I 5 11.98 -70.73 -33.01
C VAL I 5 12.37 -70.40 -34.45
N ILE I 6 12.10 -71.34 -35.36
CA ILE I 6 12.39 -71.13 -36.78
C ILE I 6 11.84 -69.79 -37.25
N PHE I 7 12.63 -69.09 -38.06
CA PHE I 7 12.25 -67.80 -38.62
C PHE I 7 12.87 -67.66 -40.01
N THR I 8 12.34 -66.72 -40.78
CA THR I 8 12.82 -66.42 -42.12
C THR I 8 13.28 -64.97 -42.19
N PHE I 9 14.35 -64.73 -42.94
CA PHE I 9 14.96 -63.39 -42.99
C PHE I 9 15.32 -63.00 -44.41
N HIS I 10 14.51 -63.38 -45.41
CA HIS I 10 14.83 -62.98 -46.77
C HIS I 10 14.37 -61.53 -46.96
N ASN I 11 15.35 -60.62 -46.87
CA ASN I 11 15.04 -59.19 -46.78
C ASN I 11 14.97 -58.46 -48.11
N PRO I 12 16.01 -58.52 -48.97
CA PRO I 12 16.00 -57.68 -50.18
C PRO I 12 15.43 -58.38 -51.41
N ASP I 13 14.43 -57.74 -52.02
CA ASP I 13 13.84 -58.10 -53.32
C ASP I 13 13.87 -59.59 -53.60
N GLY I 14 13.46 -60.38 -52.60
CA GLY I 14 13.42 -61.83 -52.73
C GLY I 14 14.69 -62.56 -52.30
N SER I 15 15.80 -61.83 -52.17
CA SER I 15 17.08 -62.46 -51.82
C SER I 15 17.02 -63.07 -50.42
N PRO I 16 17.62 -64.25 -50.22
CA PRO I 16 17.44 -64.99 -48.96
C PRO I 16 18.32 -64.51 -47.81
N GLN I 17 19.20 -63.52 -48.00
CA GLN I 17 20.04 -63.02 -46.91
C GLN I 17 20.89 -64.12 -46.30
N ALA I 18 21.90 -64.59 -47.04
CA ALA I 18 22.73 -65.69 -46.60
C ALA I 18 23.62 -65.27 -45.43
N ASN I 19 24.58 -66.14 -45.10
CA ASN I 19 25.28 -66.13 -43.82
C ASN I 19 25.58 -64.72 -43.31
N GLU I 20 25.17 -64.47 -42.06
CA GLU I 20 25.37 -63.20 -41.39
C GLU I 20 25.19 -63.43 -39.89
N LYS I 21 25.93 -62.67 -39.09
CA LYS I 21 25.93 -62.90 -37.65
C LYS I 21 24.56 -62.61 -37.05
N PHE I 22 24.15 -63.44 -36.11
CA PHE I 22 22.84 -63.35 -35.46
C PHE I 22 23.04 -63.35 -33.96
N THR I 23 22.35 -62.45 -33.27
CA THR I 23 22.52 -62.29 -31.82
C THR I 23 21.15 -62.27 -31.15
N VAL I 24 21.09 -62.85 -29.95
CA VAL I 24 19.88 -62.85 -29.12
C VAL I 24 20.31 -62.94 -27.66
N ARG I 25 19.50 -62.36 -26.78
CA ARG I 25 19.83 -62.33 -25.37
C ARG I 25 18.57 -62.06 -24.56
N LEU I 26 18.47 -62.72 -23.41
CA LEU I 26 17.36 -62.51 -22.48
C LEU I 26 17.50 -61.13 -21.84
N THR I 27 16.37 -60.45 -21.64
CA THR I 27 16.39 -59.15 -20.98
C THR I 27 16.58 -59.30 -19.48
N ARG I 28 15.63 -59.94 -18.80
CA ARG I 28 15.66 -60.09 -17.35
C ARG I 28 15.29 -61.52 -17.01
N PRO I 29 15.75 -62.04 -15.86
CA PRO I 29 15.45 -63.43 -15.51
C PRO I 29 13.96 -63.66 -15.30
N GLY I 30 13.53 -64.88 -15.60
CA GLY I 30 12.13 -65.25 -15.45
C GLY I 30 12.00 -66.74 -15.22
N MET I 31 10.81 -67.12 -14.73
CA MET I 31 10.51 -68.50 -14.38
C MET I 31 9.40 -69.05 -15.25
N SER I 32 9.58 -70.28 -15.72
CA SER I 32 8.59 -70.96 -16.55
C SER I 32 7.64 -71.78 -15.67
N ASP I 33 6.93 -72.72 -16.28
CA ASP I 33 6.09 -73.64 -15.52
C ASP I 33 6.95 -74.75 -14.92
N ALA I 34 7.20 -74.63 -13.61
CA ALA I 34 7.85 -75.67 -12.81
C ALA I 34 9.28 -75.92 -13.30
N GLU I 35 9.49 -76.95 -14.12
CA GLU I 35 10.80 -77.59 -14.27
C GLU I 35 11.90 -76.64 -14.73
N HIS I 36 11.55 -75.53 -15.38
CA HIS I 36 12.55 -74.64 -15.96
C HIS I 36 12.50 -73.26 -15.31
N CYS I 37 12.51 -73.21 -13.98
CA CYS I 37 12.40 -71.95 -13.23
C CYS I 37 13.76 -71.47 -12.74
N VAL I 38 14.38 -70.56 -13.50
CA VAL I 38 15.62 -69.89 -13.12
C VAL I 38 16.01 -68.86 -14.20
N VAL I 39 16.80 -69.27 -15.20
CA VAL I 39 17.00 -68.55 -16.45
C VAL I 39 17.47 -67.12 -16.21
N ILE I 40 18.74 -66.93 -15.84
CA ILE I 40 19.31 -65.59 -15.83
C ILE I 40 19.72 -65.22 -17.26
N PRO I 41 19.74 -63.94 -17.62
CA PRO I 41 20.05 -63.57 -19.01
C PRO I 41 21.48 -63.91 -19.40
N GLU I 42 21.64 -64.24 -20.67
CA GLU I 42 22.94 -64.52 -21.28
C GLU I 42 22.80 -64.43 -22.80
N THR I 43 23.93 -64.42 -23.51
CA THR I 43 23.90 -64.17 -24.95
C THR I 43 24.76 -65.21 -25.66
N TYR I 44 24.43 -65.46 -26.93
CA TYR I 44 25.04 -66.51 -27.72
C TYR I 44 24.68 -66.40 -29.20
N GLU I 45 25.06 -67.40 -29.99
CA GLU I 45 24.59 -67.65 -31.34
C GLU I 45 25.30 -66.74 -32.35
N MET I 46 25.51 -67.27 -33.56
CA MET I 46 26.09 -66.66 -34.76
C MET I 46 25.50 -67.30 -36.01
N VAL I 47 25.76 -66.71 -37.18
CA VAL I 47 25.39 -67.26 -38.49
C VAL I 47 23.88 -67.20 -38.70
N THR I 48 23.45 -67.14 -39.96
CA THR I 48 22.04 -67.03 -40.31
C THR I 48 21.59 -68.10 -41.31
N ASP I 49 22.52 -68.77 -42.00
CA ASP I 49 22.46 -69.77 -43.08
C ASP I 49 21.96 -69.13 -44.37
N ALA I 50 22.02 -69.88 -45.47
CA ALA I 50 21.69 -69.31 -46.79
C ALA I 50 20.24 -68.85 -46.84
N LYS I 51 19.33 -69.64 -46.28
CA LYS I 51 17.90 -69.32 -46.31
C LYS I 51 17.54 -68.24 -45.30
N GLY I 52 18.46 -67.87 -44.42
CA GLY I 52 18.15 -66.91 -43.38
C GLY I 52 17.24 -67.51 -42.32
N GLU I 53 17.75 -68.51 -41.61
CA GLU I 53 16.95 -69.24 -40.62
C GLU I 53 17.80 -69.54 -39.39
N PHE I 54 17.15 -69.49 -38.24
CA PHE I 54 17.79 -69.82 -36.96
C PHE I 54 16.80 -70.58 -36.10
N THR I 55 17.31 -71.48 -35.26
CA THR I 55 16.45 -72.36 -34.48
C THR I 55 17.07 -72.67 -33.12
N MET I 56 16.26 -72.54 -32.07
CA MET I 56 16.59 -73.07 -30.75
C MET I 56 15.28 -73.31 -30.01
N ASP I 57 15.35 -74.09 -28.94
CA ASP I 57 14.15 -74.64 -28.33
C ASP I 57 14.12 -74.54 -26.80
N LEU I 58 14.34 -73.36 -26.23
CA LEU I 58 14.24 -73.24 -24.78
C LEU I 58 13.14 -72.26 -24.34
N GLU I 59 12.42 -71.67 -25.28
CA GLU I 59 11.40 -70.70 -24.89
C GLU I 59 10.29 -71.36 -24.09
N SER I 60 10.32 -71.14 -22.77
CA SER I 60 9.27 -71.64 -21.89
C SER I 60 8.91 -70.61 -20.82
N SER I 61 9.75 -69.60 -20.64
CA SER I 61 9.57 -68.63 -19.55
C SER I 61 8.51 -67.59 -19.91
N THR I 62 8.44 -66.53 -19.10
CA THR I 62 7.47 -65.45 -19.30
C THR I 62 8.16 -64.10 -19.47
N SER I 63 9.47 -64.08 -19.65
CA SER I 63 10.20 -62.83 -19.84
C SER I 63 10.20 -62.40 -21.29
N ALA I 64 11.05 -61.43 -21.63
CA ALA I 64 11.15 -60.91 -22.98
C ALA I 64 12.54 -61.18 -23.54
N TYR I 65 12.58 -61.50 -24.83
CA TYR I 65 13.84 -61.68 -25.55
C TYR I 65 14.01 -60.53 -26.53
N ARG I 66 15.27 -60.17 -26.79
CA ARG I 66 15.59 -59.14 -27.74
C ARG I 66 16.54 -59.69 -28.80
N VAL I 67 16.26 -59.36 -30.06
CA VAL I 67 17.04 -59.81 -31.20
C VAL I 67 17.73 -58.61 -31.83
N THR I 68 19.05 -58.73 -32.03
CA THR I 68 19.87 -57.65 -32.57
C THR I 68 20.79 -58.16 -33.67
N ALA I 69 20.23 -58.84 -34.67
CA ALA I 69 21.02 -59.49 -35.70
C ALA I 69 21.86 -58.52 -36.52
N ILE I 70 21.29 -57.37 -36.88
CA ILE I 70 21.97 -56.46 -37.79
C ILE I 70 23.21 -55.87 -37.13
N GLY I 71 24.32 -55.88 -37.86
CA GLY I 71 25.54 -55.21 -37.45
C GLY I 71 25.69 -53.90 -38.20
N ASP I 72 25.99 -52.83 -37.46
CA ASP I 72 26.01 -51.50 -38.02
C ASP I 72 27.06 -50.64 -37.30
N ASP I 73 26.98 -49.34 -37.51
CA ASP I 73 27.89 -48.38 -36.89
C ASP I 73 27.12 -47.45 -35.97
N ASP I 74 27.82 -46.83 -35.05
CA ASP I 74 27.23 -45.90 -34.10
C ASP I 74 28.32 -44.96 -33.61
N GLU I 75 27.91 -43.80 -33.10
CA GLU I 75 28.86 -42.81 -32.62
C GLU I 75 28.23 -42.05 -31.45
N TYR I 76 28.81 -40.90 -31.11
CA TYR I 76 28.54 -40.22 -29.83
C TYR I 76 27.15 -39.58 -29.82
N GLU I 77 26.15 -40.43 -29.62
CA GLU I 77 24.79 -40.02 -29.26
C GLU I 77 24.09 -39.27 -30.39
N ASP I 78 24.80 -39.02 -31.49
CA ASP I 78 24.19 -38.39 -32.66
C ASP I 78 23.85 -39.40 -33.74
N ASP I 79 23.72 -40.68 -33.35
CA ASP I 79 23.29 -41.74 -34.26
C ASP I 79 22.22 -42.58 -33.54
N PRO I 80 21.02 -42.02 -33.34
CA PRO I 80 19.94 -42.82 -32.75
C PRO I 80 19.22 -43.64 -33.81
N CYS I 81 19.99 -44.29 -34.69
CA CYS I 81 19.43 -45.03 -35.80
C CYS I 81 20.43 -46.07 -36.27
N SER I 82 20.20 -46.64 -37.45
CA SER I 82 21.06 -47.64 -38.09
C SER I 82 20.99 -48.98 -37.36
N GLN I 83 20.30 -49.01 -36.22
CA GLN I 83 20.07 -50.25 -35.50
C GLN I 83 18.60 -50.62 -35.55
N TYR I 84 18.33 -51.87 -35.89
CA TYR I 84 16.97 -52.32 -36.17
C TYR I 84 16.68 -53.58 -35.37
N THR I 85 17.01 -53.55 -34.09
CA THR I 85 16.71 -54.65 -33.18
C THR I 85 15.22 -54.70 -32.90
N PHE I 86 14.75 -55.89 -32.54
CA PHE I 86 13.35 -56.10 -32.19
C PHE I 86 13.27 -56.86 -30.88
N THR I 87 12.05 -57.03 -30.39
CA THR I 87 11.81 -57.77 -29.16
C THR I 87 10.60 -58.68 -29.35
N PHE I 88 10.57 -59.76 -28.56
CA PHE I 88 9.47 -60.71 -28.59
C PHE I 88 9.40 -61.44 -27.27
N TYR I 89 8.19 -61.58 -26.74
CA TYR I 89 8.01 -62.32 -25.50
C TYR I 89 8.20 -63.82 -25.75
N VAL I 90 8.40 -64.55 -24.66
CA VAL I 90 8.71 -65.97 -24.72
C VAL I 90 7.44 -66.77 -25.01
N PRO I 91 7.37 -67.50 -26.12
CA PRO I 91 6.21 -68.36 -26.38
C PRO I 91 6.26 -69.63 -25.54
N ASP I 92 5.08 -70.22 -25.36
CA ASP I 92 4.95 -71.40 -24.51
C ASP I 92 4.12 -72.45 -25.25
N SER I 93 4.81 -73.37 -25.94
CA SER I 93 4.14 -74.45 -26.67
C SER I 93 5.15 -75.49 -27.13
N ALA I 94 4.67 -76.53 -27.82
CA ALA I 94 5.53 -77.53 -28.43
C ALA I 94 5.10 -77.70 -29.90
N ASP I 95 5.59 -76.79 -30.74
CA ASP I 95 5.24 -76.73 -32.15
C ASP I 95 6.09 -75.65 -32.81
N PRO I 96 6.21 -75.65 -34.14
CA PRO I 96 6.88 -74.55 -34.82
C PRO I 96 6.12 -73.24 -34.59
N VAL I 97 6.88 -72.16 -34.40
CA VAL I 97 6.32 -70.84 -34.16
C VAL I 97 7.02 -69.85 -35.10
N TYR I 98 6.37 -68.72 -35.32
CA TYR I 98 6.89 -67.72 -36.24
C TYR I 98 6.19 -66.39 -35.91
N VAL I 99 6.47 -65.36 -36.71
CA VAL I 99 6.10 -63.97 -36.42
C VAL I 99 6.31 -63.68 -34.93
N GLN I 100 5.23 -63.70 -34.15
CA GLN I 100 5.27 -63.44 -32.71
C GLN I 100 6.10 -62.19 -32.40
N GLU I 101 5.62 -61.05 -32.89
CA GLU I 101 6.36 -59.80 -32.82
C GLU I 101 5.72 -58.83 -31.84
N LEU I 102 6.51 -57.84 -31.41
CA LEU I 102 6.06 -56.80 -30.50
C LEU I 102 6.51 -55.43 -31.03
N ILE I 103 6.26 -55.17 -32.32
CA ILE I 103 6.60 -53.89 -32.92
C ILE I 103 5.72 -52.82 -32.28
N LEU I 104 6.07 -51.55 -32.50
CA LEU I 104 5.33 -50.41 -31.95
C LEU I 104 3.84 -50.56 -32.16
N MET I 105 3.08 -50.55 -31.07
CA MET I 105 1.64 -50.77 -31.12
C MET I 105 0.93 -49.65 -31.86
N MET J 1 -19.61 45.78 64.44
CA MET J 1 -18.51 45.21 63.65
C MET J 1 -17.36 44.77 64.55
N THR J 2 -17.70 44.37 65.78
CA THR J 2 -16.70 43.96 66.75
C THR J 2 -17.03 42.57 67.28
N THR J 3 -16.01 41.72 67.37
CA THR J 3 -16.17 40.36 67.87
C THR J 3 -14.84 39.90 68.42
N LYS J 4 -14.75 39.75 69.74
CA LYS J 4 -13.51 39.29 70.35
C LYS J 4 -13.22 37.84 69.96
N VAL J 5 -11.93 37.53 69.84
CA VAL J 5 -11.46 36.31 69.19
C VAL J 5 -10.63 35.49 70.18
N ILE J 6 -11.02 35.50 71.45
CA ILE J 6 -10.33 34.75 72.48
C ILE J 6 -10.12 33.31 72.03
N PHE J 7 -8.92 32.78 72.32
CA PHE J 7 -8.56 31.41 71.97
C PHE J 7 -7.61 30.87 73.04
N THR J 8 -7.47 29.55 73.08
CA THR J 8 -6.58 28.87 74.00
C THR J 8 -5.55 28.07 73.22
N PHE J 9 -4.32 28.04 73.74
CA PHE J 9 -3.21 27.39 73.04
C PHE J 9 -2.38 26.53 73.97
N HIS J 10 -2.99 25.85 74.95
CA HIS J 10 -2.20 25.00 75.82
C HIS J 10 -1.92 23.69 75.10
N ASN J 11 -0.71 23.60 74.53
CA ASN J 11 -0.39 22.53 73.59
C ASN J 11 0.22 21.27 74.23
N PRO J 12 1.30 21.36 75.02
CA PRO J 12 1.96 20.13 75.50
C PRO J 12 1.47 19.66 76.86
N ASP J 13 1.03 18.41 76.91
CA ASP J 13 0.71 17.65 78.13
C ASP J 13 0.14 18.54 79.24
N GLY J 14 -0.79 19.42 78.88
CA GLY J 14 -1.42 20.31 79.84
C GLY J 14 -0.74 21.66 80.00
N SER J 15 0.50 21.80 79.54
CA SER J 15 1.25 23.04 79.71
C SER J 15 0.58 24.18 78.95
N PRO J 16 0.55 25.39 79.52
CA PRO J 16 -0.23 26.48 78.93
C PRO J 16 0.42 27.21 77.77
N GLN J 17 1.67 26.87 77.39
CA GLN J 17 2.34 27.54 76.28
C GLN J 17 2.46 29.04 76.49
N ALA J 18 3.32 29.45 77.42
CA ALA J 18 3.45 30.85 77.77
C ALA J 18 4.11 31.64 76.64
N ASN J 19 4.47 32.88 76.94
CA ASN J 19 4.78 33.91 75.95
C ASN J 19 5.51 33.37 74.72
N GLU J 20 4.95 33.68 73.55
CA GLU J 20 5.49 33.27 72.26
C GLU J 20 4.86 34.15 71.19
N LYS J 21 5.63 34.43 70.14
CA LYS J 21 5.17 35.36 69.11
C LYS J 21 3.95 34.80 68.39
N PHE J 22 3.00 35.69 68.09
CA PHE J 22 1.74 35.32 67.45
C PHE J 22 1.52 36.24 66.24
N THR J 23 1.15 35.64 65.11
CA THR J 23 1.00 36.40 63.87
C THR J 23 -0.35 36.08 63.23
N VAL J 24 -0.95 37.09 62.62
CA VAL J 24 -2.21 36.94 61.88
C VAL J 24 -2.25 38.00 60.79
N ARG J 25 -2.92 37.68 59.69
CA ARG J 25 -2.97 38.58 58.55
C ARG J 25 -4.15 38.20 57.65
N LEU J 26 -4.82 39.24 57.13
CA LEU J 26 -5.91 39.05 56.18
C LEU J 26 -5.37 38.52 54.86
N THR J 27 -6.11 37.60 54.23
CA THR J 27 -5.69 37.09 52.93
C THR J 27 -5.97 38.09 51.82
N ARG J 28 -7.25 38.43 51.60
CA ARG J 28 -7.64 39.32 50.53
C ARG J 28 -8.67 40.30 51.08
N PRO J 29 -8.78 41.49 50.49
CA PRO J 29 -9.72 42.49 51.02
C PRO J 29 -11.17 42.03 50.89
N GLY J 30 -12.00 42.47 51.84
CA GLY J 30 -13.39 42.12 51.85
C GLY J 30 -14.22 43.19 52.54
N MET J 31 -15.52 43.12 52.31
CA MET J 31 -16.46 44.11 52.82
C MET J 31 -17.46 43.46 53.77
N SER J 32 -17.72 44.13 54.88
CA SER J 32 -18.65 43.67 55.90
C SER J 32 -20.04 44.23 55.61
N ASP J 33 -20.91 44.19 56.62
CA ASP J 33 -22.23 44.80 56.51
C ASP J 33 -22.11 46.31 56.73
N ALA J 34 -22.18 47.06 55.63
CA ALA J 34 -22.25 48.53 55.64
C ALA J 34 -21.01 49.14 56.27
N GLU J 35 -21.06 49.51 57.55
CA GLU J 35 -20.15 50.50 58.13
C GLU J 35 -18.68 50.15 58.00
N HIS J 36 -18.34 48.87 57.84
CA HIS J 36 -16.94 48.45 57.85
C HIS J 36 -16.56 47.83 56.50
N CYS J 37 -16.86 48.52 55.40
CA CYS J 37 -16.61 48.02 54.05
C CYS J 37 -15.35 48.63 53.46
N VAL J 38 -14.23 47.90 53.57
CA VAL J 38 -12.95 48.25 52.93
C VAL J 38 -11.91 47.17 53.23
N VAL J 39 -11.15 47.31 54.31
CA VAL J 39 -10.34 46.24 54.90
C VAL J 39 -9.38 45.62 53.89
N ILE J 40 -8.30 46.32 53.56
CA ILE J 40 -7.23 45.69 52.79
C ILE J 40 -6.35 44.88 53.73
N PRO J 41 -5.69 43.82 53.27
CA PRO J 41 -4.92 42.98 54.19
C PRO J 41 -3.72 43.71 54.79
N GLU J 42 -3.40 43.31 56.02
CA GLU J 42 -2.24 43.82 56.75
C GLU J 42 -1.95 42.87 57.91
N THR J 43 -0.78 43.04 58.54
CA THR J 43 -0.34 42.08 59.56
C THR J 43 0.14 42.82 60.79
N TYR J 44 0.06 42.14 61.93
CA TYR J 44 0.35 42.74 63.23
C TYR J 44 0.44 41.69 64.32
N GLU J 45 0.55 42.14 65.58
CA GLU J 45 0.38 41.34 66.79
C GLU J 45 1.63 40.53 67.11
N MET J 46 1.89 40.33 68.40
CA MET J 46 2.97 39.56 69.02
C MET J 46 2.47 39.03 70.37
N VAL J 47 3.26 38.14 70.98
CA VAL J 47 3.03 37.62 72.34
C VAL J 47 1.80 36.71 72.39
N THR J 48 1.78 35.78 73.34
CA THR J 48 0.68 34.82 73.47
C THR J 48 0.09 34.78 74.88
N ASP J 49 0.79 35.32 75.88
CA ASP J 49 0.56 35.40 77.34
C ASP J 49 0.75 34.01 77.97
N ALA J 50 0.75 33.96 79.31
CA ALA J 50 1.04 32.70 80.00
C ALA J 50 -0.01 31.65 79.69
N LYS J 51 -1.28 32.03 79.65
CA LYS J 51 -2.37 31.09 79.39
C LYS J 51 -2.48 30.72 77.92
N GLY J 52 -1.74 31.39 77.05
CA GLY J 52 -1.86 31.15 75.63
C GLY J 52 -3.17 31.68 75.08
N GLU J 53 -3.34 33.00 75.13
CA GLU J 53 -4.59 33.64 74.72
C GLU J 53 -4.29 34.92 73.96
N PHE J 54 -5.13 35.20 72.96
CA PHE J 54 -5.04 36.42 72.18
C PHE J 54 -6.44 36.91 71.87
N THR J 55 -6.60 38.23 71.76
CA THR J 55 -7.92 38.83 71.61
C THR J 55 -7.86 40.07 70.73
N MET J 56 -8.77 40.16 69.77
CA MET J 56 -9.04 41.39 69.04
C MET J 56 -10.47 41.30 68.51
N ASP J 57 -11.01 42.46 68.11
CA ASP J 57 -12.44 42.56 67.87
C ASP J 57 -12.81 43.31 66.60
N LEU J 58 -12.25 42.93 65.45
CA LEU J 58 -12.66 43.57 64.20
C LEU J 58 -13.29 42.61 63.21
N GLU J 59 -13.44 41.33 63.56
CA GLU J 59 -13.99 40.37 62.62
C GLU J 59 -15.44 40.72 62.30
N SER J 60 -15.66 41.29 61.11
CA SER J 60 -17.01 41.58 60.63
C SER J 60 -17.15 41.29 59.15
N SER J 61 -16.03 41.10 58.45
CA SER J 61 -16.05 40.93 57.00
C SER J 61 -16.42 39.52 56.59
N THR J 62 -16.24 39.19 55.31
CA THR J 62 -16.55 37.87 54.78
C THR J 62 -15.34 37.19 54.15
N SER J 63 -14.15 37.74 54.37
CA SER J 63 -12.93 37.15 53.81
C SER J 63 -12.38 36.07 54.74
N ALA J 64 -11.14 35.65 54.48
CA ALA J 64 -10.49 34.61 55.26
C ALA J 64 -9.25 35.18 55.96
N TYR J 65 -9.04 34.73 57.20
CA TYR J 65 -7.85 35.08 57.95
C TYR J 65 -6.95 33.86 58.05
N ARG J 66 -5.65 34.10 58.13
CA ARG J 66 -4.67 33.03 58.31
C ARG J 66 -3.83 33.30 59.55
N VAL J 67 -3.61 32.26 60.34
CA VAL J 67 -2.83 32.35 61.57
C VAL J 67 -1.56 31.53 61.40
N THR J 68 -0.42 32.14 61.72
CA THR J 68 0.89 31.52 61.56
C THR J 68 1.75 31.74 62.80
N ALA J 69 1.22 31.39 63.97
CA ALA J 69 1.88 31.66 65.25
C ALA J 69 3.23 30.97 65.36
N ILE J 70 3.33 29.72 64.94
CA ILE J 70 4.53 28.94 65.17
C ILE J 70 5.70 29.50 64.37
N GLY J 71 6.84 29.67 65.04
CA GLY J 71 8.08 30.03 64.38
C GLY J 71 8.96 28.80 64.21
N ASP J 72 9.49 28.64 63.00
CA ASP J 72 10.23 27.43 62.67
C ASP J 72 11.32 27.75 61.65
N ASP J 73 11.87 26.72 61.03
CA ASP J 73 12.91 26.86 60.03
C ASP J 73 12.41 26.32 58.69
N ASP J 74 13.06 26.75 57.62
CA ASP J 74 12.70 26.33 56.27
C ASP J 74 13.93 26.50 55.39
N GLU J 75 13.95 25.78 54.27
CA GLU J 75 15.08 25.84 53.35
C GLU J 75 14.57 25.63 51.92
N TYR J 76 15.47 25.32 50.99
CA TYR J 76 15.21 25.43 49.56
C TYR J 76 14.28 24.30 49.08
N GLU J 77 13.00 24.49 49.38
CA GLU J 77 11.90 23.75 48.76
C GLU J 77 11.89 22.27 49.18
N ASP J 78 12.89 21.86 49.96
CA ASP J 78 12.93 20.50 50.49
C ASP J 78 12.47 20.44 51.93
N ASP J 79 11.73 21.45 52.36
CA ASP J 79 11.11 21.47 53.69
C ASP J 79 9.66 21.90 53.56
N PRO J 80 8.80 21.04 52.99
CA PRO J 80 7.37 21.36 52.93
C PRO J 80 6.66 21.00 54.22
N CYS J 81 7.27 21.34 55.35
CA CYS J 81 6.74 20.96 56.65
C CYS J 81 7.29 21.93 57.71
N SER J 82 7.13 21.55 58.98
CA SER J 82 7.61 22.32 60.14
C SER J 82 6.79 23.59 60.34
N GLN J 83 5.89 23.89 59.40
CA GLN J 83 4.99 25.01 59.54
C GLN J 83 3.56 24.51 59.70
N TYR J 84 2.87 25.04 60.71
CA TYR J 84 1.57 24.51 61.12
C TYR J 84 0.58 25.66 61.22
N THR J 85 0.55 26.50 60.19
CA THR J 85 -0.40 27.59 60.08
C THR J 85 -1.80 27.04 59.80
N PHE J 86 -2.80 27.82 60.19
CA PHE J 86 -4.19 27.46 59.95
C PHE J 86 -4.92 28.65 59.34
N THR J 87 -6.18 28.42 58.96
CA THR J 87 -7.02 29.46 58.40
C THR J 87 -8.40 29.39 59.03
N PHE J 88 -9.08 30.53 59.03
CA PHE J 88 -10.44 30.61 59.55
C PHE J 88 -11.16 31.79 58.91
N TYR J 89 -12.40 31.57 58.50
CA TYR J 89 -13.18 32.66 57.94
C TYR J 89 -13.60 33.64 59.03
N VAL J 90 -14.02 34.82 58.60
CA VAL J 90 -14.35 35.91 59.52
C VAL J 90 -15.72 35.67 60.14
N PRO J 91 -15.80 35.54 61.46
CA PRO J 91 -17.11 35.41 62.11
C PRO J 91 -17.83 36.75 62.18
N ASP J 92 -19.15 36.68 62.33
CA ASP J 92 -20.00 37.87 62.34
C ASP J 92 -20.97 37.77 63.50
N SER J 93 -20.59 38.36 64.64
CA SER J 93 -21.45 38.37 65.83
C SER J 93 -20.91 39.34 66.87
N ALA J 94 -21.60 39.44 68.02
CA ALA J 94 -21.13 40.21 69.16
C ALA J 94 -21.21 39.32 70.40
N ASP J 95 -20.18 38.49 70.58
CA ASP J 95 -20.11 37.52 71.65
C ASP J 95 -18.73 36.85 71.59
N PRO J 96 -18.31 36.19 72.67
CA PRO J 96 -17.08 35.40 72.59
C PRO J 96 -17.23 34.26 71.60
N VAL J 97 -16.15 34.00 70.84
CA VAL J 97 -16.12 32.95 69.84
C VAL J 97 -14.86 32.12 70.05
N TYR J 98 -14.89 30.90 69.51
CA TYR J 98 -13.78 29.99 69.70
C TYR J 98 -13.89 28.92 68.61
N VAL J 99 -13.00 27.92 68.64
CA VAL J 99 -12.81 26.96 67.56
C VAL J 99 -12.86 27.66 66.21
N GLN J 100 -14.01 27.55 65.53
CA GLN J 100 -14.21 28.18 64.23
C GLN J 100 -13.04 27.90 63.28
N GLU J 101 -12.84 26.62 62.98
CA GLU J 101 -11.68 26.17 62.23
C GLU J 101 -12.07 25.73 60.82
N LEU J 102 -11.07 25.68 59.94
CA LEU J 102 -11.24 25.23 58.56
C LEU J 102 -10.12 24.25 58.21
N ILE J 103 -9.91 23.25 59.08
CA ILE J 103 -8.91 22.21 58.81
C ILE J 103 -9.38 21.38 57.62
N LEU J 104 -8.47 20.59 57.05
CA LEU J 104 -8.76 19.74 55.90
C LEU J 104 -10.07 18.99 56.07
N MET J 105 -11.00 19.20 55.15
CA MET J 105 -12.33 18.61 55.23
C MET J 105 -12.27 17.09 55.11
N MET K 1 5.67 -45.73 67.15
CA MET K 1 6.40 -45.07 66.08
C MET K 1 7.59 -45.91 65.63
N THR K 2 7.45 -47.23 65.75
CA THR K 2 8.52 -48.15 65.39
C THR K 2 8.00 -49.17 64.39
N THR K 3 8.79 -49.43 63.36
CA THR K 3 8.45 -50.40 62.32
C THR K 3 9.73 -50.91 61.69
N LYS K 4 10.07 -52.17 61.95
CA LYS K 4 11.27 -52.75 61.36
C LYS K 4 11.13 -52.86 59.85
N VAL K 5 12.26 -52.70 59.15
CA VAL K 5 12.29 -52.48 57.72
C VAL K 5 13.11 -53.57 57.03
N ILE K 6 13.01 -54.80 57.56
CA ILE K 6 13.72 -55.94 56.99
C ILE K 6 13.51 -56.00 55.48
N PHE K 7 14.58 -56.31 54.75
CA PHE K 7 14.54 -56.44 53.30
C PHE K 7 15.56 -57.49 52.88
N THR K 8 15.40 -57.98 51.65
CA THR K 8 16.28 -58.98 51.06
C THR K 8 16.91 -58.40 49.80
N PHE K 9 18.19 -58.75 49.58
CA PHE K 9 18.95 -58.19 48.46
C PHE K 9 19.75 -59.25 47.73
N HIS K 10 19.22 -60.46 47.59
CA HIS K 10 19.96 -61.48 46.87
C HIS K 10 19.77 -61.24 45.38
N ASN K 11 20.78 -60.60 44.77
CA ASN K 11 20.65 -60.08 43.41
C ASN K 11 21.07 -61.03 42.30
N PRO K 12 22.29 -61.61 42.32
CA PRO K 12 22.75 -62.39 41.15
C PRO K 12 22.47 -63.88 41.30
N ASP K 13 21.77 -64.44 40.30
CA ASP K 13 21.56 -65.87 40.09
C ASP K 13 21.47 -66.65 41.40
N GLY K 14 20.70 -66.14 42.35
CA GLY K 14 20.52 -66.77 43.64
C GLY K 14 21.50 -66.36 44.71
N SER K 15 22.62 -65.72 44.34
CA SER K 15 23.64 -65.35 45.30
C SER K 15 23.10 -64.32 46.29
N PRO K 16 23.47 -64.42 47.58
CA PRO K 16 22.84 -63.58 48.61
C PRO K 16 23.38 -62.17 48.72
N GLN K 17 24.40 -61.79 47.94
CA GLN K 17 24.95 -60.43 48.00
C GLN K 17 25.45 -60.07 49.40
N ALA K 18 26.56 -60.68 49.82
CA ALA K 18 27.08 -60.49 51.15
C ALA K 18 27.64 -59.07 51.33
N ASN K 19 28.33 -58.87 52.45
CA ASN K 19 28.63 -57.53 52.99
C ASN K 19 28.94 -56.50 51.90
N GLU K 20 28.22 -55.38 51.97
CA GLU K 20 28.38 -54.26 51.06
C GLU K 20 27.73 -53.04 51.69
N LYS K 21 28.30 -51.87 51.41
CA LYS K 21 27.85 -50.65 52.06
C LYS K 21 26.41 -50.32 51.68
N PHE K 22 25.65 -49.85 52.66
CA PHE K 22 24.23 -49.55 52.50
C PHE K 22 23.97 -48.14 53.01
N THR K 23 23.24 -47.34 52.24
CA THR K 23 22.99 -45.95 52.57
C THR K 23 21.50 -45.63 52.47
N VAL K 24 21.02 -44.78 53.37
CA VAL K 24 19.64 -44.32 53.36
C VAL K 24 19.61 -42.93 53.99
N ARG K 25 18.65 -42.11 53.55
CA ARG K 25 18.56 -40.74 54.04
C ARG K 25 17.16 -40.20 53.76
N LEU K 26 16.65 -39.42 54.71
CA LEU K 26 15.36 -38.76 54.57
C LEU K 26 15.47 -37.65 53.52
N THR K 27 14.42 -37.50 52.70
CA THR K 27 14.42 -36.42 51.72
C THR K 27 14.14 -35.07 52.37
N ARG K 28 12.96 -34.91 52.97
CA ARG K 28 12.56 -33.64 53.56
C ARG K 28 11.92 -33.93 54.91
N PRO K 29 11.96 -32.98 55.84
CA PRO K 29 11.40 -33.23 57.17
C PRO K 29 9.90 -33.47 57.13
N GLY K 30 9.42 -34.28 58.06
CA GLY K 30 8.01 -34.59 58.15
C GLY K 30 7.62 -34.96 59.57
N MET K 31 6.31 -34.92 59.81
CA MET K 31 5.75 -35.16 61.14
C MET K 31 4.88 -36.41 61.12
N SER K 32 5.02 -37.23 62.16
CA SER K 32 4.25 -38.45 62.32
C SER K 32 3.00 -38.17 63.13
N ASP K 33 2.37 -39.22 63.66
CA ASP K 33 1.24 -39.07 64.56
C ASP K 33 1.74 -38.72 65.96
N ALA K 34 1.60 -37.44 66.32
CA ALA K 34 1.86 -36.93 67.67
C ALA K 34 3.33 -37.15 68.06
N GLU K 35 3.65 -38.21 68.81
CA GLU K 35 4.84 -38.27 69.64
C GLU K 35 6.14 -38.10 68.85
N HIS K 36 6.14 -38.36 67.55
CA HIS K 36 7.37 -38.33 66.77
C HIS K 36 7.30 -37.26 65.67
N CYS K 37 6.93 -36.03 66.05
CA CYS K 37 6.76 -34.94 65.10
C CYS K 37 7.97 -34.01 65.11
N VAL K 38 8.89 -34.23 64.17
CA VAL K 38 10.05 -33.35 63.93
C VAL K 38 10.86 -33.88 62.73
N VAL K 39 11.85 -34.74 62.97
CA VAL K 39 12.50 -35.56 61.95
C VAL K 39 13.06 -34.73 60.80
N ILE K 40 14.17 -34.03 61.03
CA ILE K 40 14.88 -33.41 59.91
C ILE K 40 15.73 -34.47 59.22
N PRO K 41 16.01 -34.34 57.93
CA PRO K 41 16.76 -35.39 57.22
C PRO K 41 18.19 -35.53 57.73
N GLU K 42 18.67 -36.77 57.66
CA GLU K 42 20.05 -37.12 58.01
C GLU K 42 20.37 -38.49 57.42
N THR K 43 21.64 -38.88 57.44
CA THR K 43 22.07 -40.10 56.76
C THR K 43 22.96 -40.91 57.69
N TYR K 44 22.98 -42.22 57.44
CA TYR K 44 23.66 -43.18 58.31
C TYR K 44 23.76 -44.55 57.66
N GLU K 45 24.23 -45.54 58.43
CA GLU K 45 24.15 -46.97 58.13
C GLU K 45 25.22 -47.39 57.13
N MET K 46 25.71 -48.63 57.30
CA MET K 46 26.69 -49.35 56.47
C MET K 46 26.40 -50.84 56.56
N VAL K 47 27.07 -51.63 55.71
CA VAL K 47 27.03 -53.10 55.72
C VAL K 47 25.67 -53.61 55.26
N THR K 48 25.64 -54.84 54.72
CA THR K 48 24.42 -55.45 54.21
C THR K 48 24.14 -56.83 54.78
N ASP K 49 25.14 -57.48 55.38
CA ASP K 49 25.27 -58.83 55.96
C ASP K 49 25.26 -59.88 54.86
N ALA K 50 25.55 -61.14 55.22
CA ALA K 50 25.69 -62.19 54.22
C ALA K 50 24.38 -62.42 53.46
N LYS K 51 23.26 -62.40 54.16
CA LYS K 51 21.96 -62.64 53.55
C LYS K 51 21.44 -61.43 52.78
N GLY K 52 22.11 -60.28 52.91
CA GLY K 52 21.64 -59.06 52.29
C GLY K 52 20.40 -58.53 52.98
N GLU K 53 20.54 -58.13 54.24
CA GLU K 53 19.40 -57.68 55.04
C GLU K 53 19.81 -56.49 55.88
N PHE K 54 18.87 -55.57 56.07
CA PHE K 54 19.07 -54.39 56.90
C PHE K 54 17.78 -54.11 57.66
N THR K 55 17.90 -53.55 58.86
CA THR K 55 16.75 -53.36 59.73
C THR K 55 16.91 -52.10 60.57
N MET K 56 15.84 -51.30 60.61
CA MET K 56 15.71 -50.22 61.58
C MET K 56 14.22 -49.93 61.74
N ASP K 57 13.88 -49.23 62.82
CA ASP K 57 12.48 -49.15 63.25
C ASP K 57 12.03 -47.75 63.64
N LEU K 58 12.23 -46.75 62.77
CA LEU K 58 11.71 -45.42 63.10
C LEU K 58 10.67 -44.92 62.09
N GLU K 59 10.33 -45.73 61.08
CA GLU K 59 9.38 -45.26 60.08
C GLU K 59 8.00 -45.03 60.71
N SER K 60 7.68 -43.75 60.93
CA SER K 60 6.36 -43.37 61.42
C SER K 60 5.83 -42.12 60.73
N SER K 61 6.71 -41.40 60.03
CA SER K 61 6.34 -40.12 59.44
C SER K 61 5.57 -40.29 58.13
N THR K 62 5.40 -39.20 57.38
CA THR K 62 4.69 -39.23 56.12
C THR K 62 5.55 -38.73 54.96
N SER K 63 6.86 -38.59 55.17
CA SER K 63 7.75 -38.14 54.12
C SER K 63 8.24 -39.30 53.27
N ALA K 64 9.26 -39.05 52.46
CA ALA K 64 9.82 -40.07 51.57
C ALA K 64 11.26 -40.36 51.95
N TYR K 65 11.64 -41.63 51.86
CA TYR K 65 13.00 -42.07 52.07
C TYR K 65 13.61 -42.48 50.74
N ARG K 66 14.92 -42.30 50.61
CA ARG K 66 15.65 -42.72 49.41
C ARG K 66 16.77 -43.65 49.81
N VAL K 67 16.92 -44.73 49.04
CA VAL K 67 17.94 -45.76 49.28
C VAL K 67 18.92 -45.72 48.13
N THR K 68 20.21 -45.66 48.45
CA THR K 68 21.29 -45.55 47.47
C THR K 68 22.42 -46.53 47.80
N ALA K 69 22.08 -47.80 47.99
CA ALA K 69 23.06 -48.80 48.45
C ALA K 69 24.22 -48.98 47.48
N ILE K 70 23.92 -49.03 46.18
CA ILE K 70 24.95 -49.37 45.20
C ILE K 70 26.00 -48.27 45.14
N GLY K 71 27.27 -48.68 45.15
CA GLY K 71 28.39 -47.79 44.93
C GLY K 71 28.91 -47.96 43.52
N ASP K 72 29.12 -46.84 42.83
CA ASP K 72 29.47 -46.87 41.42
C ASP K 72 30.36 -45.68 41.10
N ASP K 73 30.52 -45.40 39.81
CA ASP K 73 31.33 -44.30 39.31
C ASP K 73 30.43 -43.32 38.56
N ASP K 74 30.91 -42.08 38.43
CA ASP K 74 30.19 -41.03 37.73
C ASP K 74 31.19 -39.99 37.26
N GLU K 75 30.80 -39.21 36.25
CA GLU K 75 31.70 -38.20 35.70
C GLU K 75 30.86 -37.02 35.22
N TYR K 76 31.45 -36.16 34.39
CA TYR K 76 30.91 -34.82 34.12
C TYR K 76 29.67 -34.91 33.21
N GLU K 77 28.55 -35.26 33.84
CA GLU K 77 27.21 -35.10 33.29
C GLU K 77 26.97 -36.01 32.09
N ASP K 78 27.99 -36.76 31.66
CA ASP K 78 27.83 -37.72 30.59
C ASP K 78 27.70 -39.15 31.11
N ASP K 79 27.31 -39.28 32.38
CA ASP K 79 27.02 -40.58 32.98
C ASP K 79 25.70 -40.49 33.74
N PRO K 80 24.57 -40.37 33.03
CA PRO K 80 23.28 -40.38 33.71
C PRO K 80 22.79 -41.79 34.00
N CYS K 81 23.70 -42.64 34.48
CA CYS K 81 23.39 -44.05 34.70
C CYS K 81 24.36 -44.61 35.74
N SER K 82 24.41 -45.94 35.84
CA SER K 82 25.28 -46.68 36.76
C SER K 82 24.83 -46.52 38.21
N GLN K 83 23.85 -45.65 38.44
CA GLN K 83 23.27 -45.50 39.77
C GLN K 83 21.83 -46.02 39.76
N TYR K 84 21.52 -46.85 40.75
CA TYR K 84 20.25 -47.57 40.78
C TYR K 84 19.58 -47.38 42.14
N THR K 85 19.54 -46.12 42.59
CA THR K 85 18.85 -45.75 43.81
C THR K 85 17.35 -45.87 43.63
N PHE K 86 16.64 -46.08 44.75
CA PHE K 86 15.19 -46.17 44.74
C PHE K 86 14.64 -45.27 45.83
N THR K 87 13.31 -45.16 45.87
CA THR K 87 12.63 -44.37 46.89
C THR K 87 11.43 -45.14 47.41
N PHE K 88 11.04 -44.83 48.65
CA PHE K 88 9.88 -45.46 49.26
C PHE K 88 9.33 -44.53 50.34
N TYR K 89 8.01 -44.39 50.37
CA TYR K 89 7.39 -43.58 51.41
C TYR K 89 7.45 -44.29 52.76
N VAL K 90 7.23 -43.52 53.81
CA VAL K 90 7.36 -44.04 55.17
C VAL K 90 6.15 -44.87 55.54
N PRO K 91 6.32 -46.15 55.86
CA PRO K 91 5.19 -46.96 56.33
C PRO K 91 4.82 -46.64 57.77
N ASP K 92 3.58 -46.96 58.12
CA ASP K 92 3.06 -46.65 59.44
C ASP K 92 2.36 -47.89 60.00
N SER K 93 3.09 -48.68 60.78
CA SER K 93 2.54 -49.88 61.40
C SER K 93 3.50 -50.44 62.45
N ALA K 94 3.12 -51.55 63.09
CA ALA K 94 3.98 -52.27 64.01
C ALA K 94 3.98 -53.75 63.61
N ASP K 95 4.80 -54.08 62.62
CA ASP K 95 4.89 -55.41 62.05
C ASP K 95 6.02 -55.42 61.03
N PRO K 96 6.51 -56.61 60.65
CA PRO K 96 7.49 -56.66 59.56
C PRO K 96 6.87 -56.15 58.25
N VAL K 97 7.68 -55.43 57.48
CA VAL K 97 7.25 -54.86 56.21
C VAL K 97 8.30 -55.20 55.16
N TYR K 98 7.88 -55.14 53.89
CA TYR K 98 8.78 -55.50 52.79
C TYR K 98 8.19 -54.88 51.53
N VAL K 99 8.81 -55.16 50.39
CA VAL K 99 8.55 -54.48 49.12
C VAL K 99 8.36 -52.98 49.34
N GLN K 100 7.10 -52.54 49.37
CA GLN K 100 6.76 -51.13 49.59
C GLN K 100 7.61 -50.21 48.71
N GLU K 101 7.44 -50.36 47.40
CA GLU K 101 8.29 -49.68 46.42
C GLU K 101 7.50 -48.58 45.69
N LEU K 102 8.25 -47.66 45.10
CA LEU K 102 7.70 -46.56 44.31
C LEU K 102 8.45 -46.45 42.98
N ILE K 103 8.62 -47.58 42.29
CA ILE K 103 9.28 -47.58 40.99
C ILE K 103 8.39 -46.83 40.00
N LEU K 104 8.95 -46.47 38.84
CA LEU K 104 8.24 -45.75 37.79
C LEU K 104 6.85 -46.34 37.55
N MET K 105 5.81 -45.52 37.71
CA MET K 105 4.44 -45.97 37.59
C MET K 105 4.13 -46.41 36.16
N MET L 1 -28.63 52.82 -55.11
CA MET L 1 -27.51 52.46 -54.26
C MET L 1 -26.84 53.71 -53.67
N THR L 2 -27.64 54.76 -53.47
CA THR L 2 -27.12 56.02 -52.95
C THR L 2 -27.92 56.43 -51.72
N THR L 3 -27.20 56.87 -50.69
CA THR L 3 -27.81 57.32 -49.45
C THR L 3 -26.87 58.30 -48.76
N LYS L 4 -27.25 59.58 -48.74
CA LYS L 4 -26.42 60.58 -48.09
C LYS L 4 -26.35 60.34 -46.58
N VAL L 5 -25.19 60.67 -46.00
CA VAL L 5 -24.83 60.24 -44.66
C VAL L 5 -24.57 61.46 -43.78
N ILE L 6 -25.35 62.52 -44.00
CA ILE L 6 -25.21 63.75 -43.21
C ILE L 6 -25.19 63.42 -41.72
N PHE L 7 -24.30 64.11 -40.99
CA PHE L 7 -24.17 63.94 -39.55
C PHE L 7 -23.76 65.27 -38.94
N THR L 8 -23.95 65.37 -37.62
CA THR L 8 -23.59 66.56 -36.86
C THR L 8 -22.56 66.19 -35.79
N PHE L 9 -21.61 67.10 -35.56
CA PHE L 9 -20.52 66.82 -34.65
C PHE L 9 -20.23 68.00 -33.72
N HIS L 10 -21.27 68.72 -33.28
CA HIS L 10 -21.02 69.83 -32.37
C HIS L 10 -20.82 69.26 -30.96
N ASN L 11 -19.55 69.15 -30.57
CA ASN L 11 -19.18 68.40 -29.38
C ASN L 11 -19.13 69.22 -28.09
N PRO L 12 -18.37 70.34 -28.02
CA PRO L 12 -18.19 71.02 -26.74
C PRO L 12 -19.19 72.16 -26.51
N ASP L 13 -19.89 72.07 -25.38
CA ASP L 13 -20.75 73.12 -24.83
C ASP L 13 -21.43 73.96 -25.91
N GLY L 14 -21.99 73.29 -26.93
CA GLY L 14 -22.67 73.96 -28.01
C GLY L 14 -21.79 74.32 -29.20
N SER L 15 -20.47 74.31 -29.03
CA SER L 15 -19.56 74.70 -30.11
C SER L 15 -19.67 73.73 -31.30
N PRO L 16 -19.61 74.22 -32.53
CA PRO L 16 -19.90 73.39 -33.70
C PRO L 16 -18.75 72.51 -34.16
N GLN L 17 -17.57 72.58 -33.54
CA GLN L 17 -16.44 71.74 -33.94
C GLN L 17 -16.05 71.96 -35.40
N ALA L 18 -15.48 73.11 -35.72
CA ALA L 18 -15.15 73.46 -37.09
C ALA L 18 -14.00 72.59 -37.61
N ASN L 19 -13.48 72.99 -38.78
CA ASN L 19 -12.65 72.13 -39.63
C ASN L 19 -11.70 71.23 -38.83
N GLU L 20 -11.77 69.94 -39.14
CA GLU L 20 -10.94 68.92 -38.51
C GLU L 20 -10.97 67.68 -39.39
N LYS L 21 -9.86 66.95 -39.42
CA LYS L 21 -9.74 65.80 -40.32
C LYS L 21 -10.75 64.71 -39.96
N PHE L 22 -11.33 64.10 -40.99
CA PHE L 22 -12.35 63.08 -40.83
C PHE L 22 -11.96 61.86 -41.65
N THR L 23 -12.06 60.68 -41.04
CA THR L 23 -11.64 59.45 -41.69
C THR L 23 -12.73 58.39 -41.60
N VAL L 24 -12.85 57.58 -42.65
CA VAL L 24 -13.81 56.47 -42.69
C VAL L 24 -13.24 55.41 -43.62
N ARG L 25 -13.58 54.15 -43.34
CA ARG L 25 -13.05 53.05 -44.13
C ARG L 25 -13.93 51.82 -43.93
N LEU L 26 -14.14 51.07 -45.01
CA LEU L 26 -14.88 49.82 -44.96
C LEU L 26 -14.07 48.77 -44.21
N THR L 27 -14.76 47.95 -43.41
CA THR L 27 -14.06 46.87 -42.71
C THR L 27 -13.74 45.72 -43.65
N ARG L 28 -14.76 45.07 -44.20
CA ARG L 28 -14.57 43.91 -45.06
C ARG L 28 -15.47 44.06 -46.27
N PRO L 29 -15.11 43.44 -47.41
CA PRO L 29 -15.93 43.60 -48.61
C PRO L 29 -17.32 43.01 -48.45
N GLY L 30 -18.28 43.61 -49.14
CA GLY L 30 -19.65 43.16 -49.09
C GLY L 30 -20.39 43.49 -50.36
N MET L 31 -21.54 42.84 -50.54
CA MET L 31 -22.34 42.98 -51.75
C MET L 31 -23.71 43.56 -51.41
N SER L 32 -24.16 44.51 -52.22
CA SER L 32 -25.45 45.16 -52.06
C SER L 32 -26.50 44.41 -52.86
N ASP L 33 -27.64 45.06 -53.09
CA ASP L 33 -28.68 44.50 -53.95
C ASP L 33 -28.31 44.72 -55.43
N ALA L 34 -27.84 43.64 -56.05
CA ALA L 34 -27.58 43.59 -57.50
C ALA L 34 -26.50 44.61 -57.90
N GLU L 35 -26.89 45.79 -58.38
CA GLU L 35 -26.02 46.61 -59.23
C GLU L 35 -24.70 47.01 -58.57
N HIS L 36 -24.63 46.99 -57.24
CA HIS L 36 -23.44 47.47 -56.54
C HIS L 36 -22.79 46.35 -55.74
N CYS L 37 -22.56 45.20 -56.37
CA CYS L 37 -22.00 44.02 -55.70
C CYS L 37 -20.52 43.88 -55.98
N VAL L 38 -19.68 44.37 -55.05
CA VAL L 38 -18.23 44.21 -55.07
C VAL L 38 -17.60 44.85 -53.83
N VAL L 39 -17.22 46.13 -53.91
CA VAL L 39 -16.92 46.97 -52.76
C VAL L 39 -15.84 46.36 -51.86
N ILE L 40 -14.58 46.40 -52.30
CA ILE L 40 -13.49 46.05 -51.39
C ILE L 40 -13.18 47.25 -50.50
N PRO L 41 -12.67 47.06 -49.30
CA PRO L 41 -12.44 48.20 -48.40
C PRO L 41 -11.37 49.16 -48.93
N GLU L 42 -11.56 50.43 -48.59
CA GLU L 42 -10.63 51.50 -48.91
C GLU L 42 -10.94 52.71 -48.03
N THR L 43 -10.05 53.70 -48.01
CA THR L 43 -10.18 54.82 -47.09
C THR L 43 -9.98 56.13 -47.84
N TYR L 44 -10.57 57.19 -47.30
CA TYR L 44 -10.60 58.50 -47.95
C TYR L 44 -11.11 59.58 -47.00
N GLU L 45 -11.31 60.78 -47.53
CA GLU L 45 -12.05 61.88 -46.90
C GLU L 45 -11.18 62.62 -45.88
N MET L 46 -11.40 63.93 -45.77
CA MET L 46 -10.79 64.90 -44.85
C MET L 46 -11.80 66.01 -44.57
N VAL L 47 -11.49 66.87 -43.58
CA VAL L 47 -12.25 68.08 -43.25
C VAL L 47 -13.60 67.72 -42.63
N THR L 48 -14.13 68.63 -41.81
CA THR L 48 -15.40 68.41 -41.12
C THR L 48 -16.42 69.52 -41.34
N ASP L 49 -15.98 70.70 -41.82
CA ASP L 49 -16.64 71.99 -42.07
C ASP L 49 -16.99 72.67 -40.74
N ALA L 50 -17.43 73.93 -40.82
CA ALA L 50 -17.67 74.71 -39.60
C ALA L 50 -18.78 74.08 -38.76
N LYS L 51 -19.85 73.60 -39.39
CA LYS L 51 -20.97 73.01 -38.68
C LYS L 51 -20.68 71.59 -38.19
N GLY L 52 -19.57 71.02 -38.62
CA GLY L 52 -19.26 69.64 -38.28
C GLY L 52 -20.17 68.67 -39.01
N GLU L 53 -20.05 68.63 -40.34
CA GLU L 53 -20.92 67.81 -41.16
C GLU L 53 -20.12 67.18 -42.29
N PHE L 54 -20.49 65.95 -42.64
CA PHE L 54 -19.87 65.22 -43.74
C PHE L 54 -20.96 64.44 -44.48
N THR L 55 -20.77 64.26 -45.78
CA THR L 55 -21.79 63.65 -46.62
C THR L 55 -21.17 62.84 -47.74
N MET L 56 -21.67 61.61 -47.91
CA MET L 56 -21.42 60.81 -49.10
C MET L 56 -22.57 59.83 -49.26
N ASP L 57 -22.68 59.26 -50.46
CA ASP L 57 -23.90 58.54 -50.83
C ASP L 57 -23.65 57.19 -51.51
N LEU L 58 -22.85 56.31 -50.91
CA LEU L 58 -22.67 54.99 -51.51
C LEU L 58 -23.15 53.86 -50.61
N GLU L 59 -23.68 54.18 -49.43
CA GLU L 59 -24.11 53.11 -48.52
C GLU L 59 -25.25 52.32 -49.12
N SER L 60 -24.94 51.12 -49.62
CA SER L 60 -25.94 50.20 -50.13
C SER L 60 -25.67 48.77 -49.72
N SER L 61 -24.45 48.49 -49.25
CA SER L 61 -24.03 47.12 -48.97
C SER L 61 -24.56 46.65 -47.62
N THR L 62 -24.05 45.51 -47.14
CA THR L 62 -24.47 44.92 -45.87
C THR L 62 -23.29 44.76 -44.90
N SER L 63 -22.15 45.36 -45.21
CA SER L 63 -20.99 45.26 -44.34
C SER L 63 -21.01 46.33 -43.26
N ALA L 64 -19.90 46.52 -42.57
CA ALA L 64 -19.78 47.49 -41.50
C ALA L 64 -18.76 48.55 -41.86
N TYR L 65 -19.05 49.80 -41.50
CA TYR L 65 -18.13 50.92 -41.66
C TYR L 65 -17.61 51.34 -40.30
N ARG L 66 -16.39 51.84 -40.27
CA ARG L 66 -15.78 52.36 -39.05
C ARG L 66 -15.35 53.80 -39.27
N VAL L 67 -15.64 54.65 -38.27
CA VAL L 67 -15.32 56.06 -38.31
C VAL L 67 -14.27 56.35 -37.24
N THR L 68 -13.19 57.03 -37.63
CA THR L 68 -12.07 57.32 -36.75
C THR L 68 -11.65 58.78 -36.89
N ALA L 69 -12.59 59.71 -36.77
CA ALA L 69 -12.33 61.13 -37.03
C ALA L 69 -11.29 61.72 -36.09
N ILE L 70 -11.34 61.36 -34.81
CA ILE L 70 -10.49 62.01 -33.82
C ILE L 70 -9.03 61.63 -34.06
N GLY L 71 -8.16 62.64 -34.04
CA GLY L 71 -6.73 62.44 -34.09
C GLY L 71 -6.14 62.60 -32.70
N ASP L 72 -5.29 61.65 -32.30
CA ASP L 72 -4.77 61.61 -30.95
C ASP L 72 -3.37 61.01 -30.95
N ASP L 73 -2.90 60.63 -29.76
CA ASP L 73 -1.58 60.05 -29.59
C ASP L 73 -1.73 58.63 -29.05
N ASP L 74 -0.69 57.83 -29.23
CA ASP L 74 -0.68 56.45 -28.77
C ASP L 74 0.78 56.02 -28.60
N GLU L 75 1.00 54.99 -27.79
CA GLU L 75 2.35 54.51 -27.53
C GLU L 75 2.30 53.00 -27.30
N TYR L 76 3.36 52.44 -26.72
CA TYR L 76 3.61 51.00 -26.74
C TYR L 76 2.66 50.26 -25.79
N GLU L 77 1.43 50.09 -26.27
CA GLU L 77 0.45 49.16 -25.70
C GLU L 77 -0.02 49.59 -24.32
N ASP L 78 0.56 50.66 -23.78
CA ASP L 78 0.11 51.19 -22.50
C ASP L 78 -0.79 52.40 -22.67
N ASP L 79 -1.40 52.54 -23.84
CA ASP L 79 -2.39 53.58 -24.12
C ASP L 79 -3.58 52.96 -24.82
N PRO L 80 -4.38 52.14 -24.10
CA PRO L 80 -5.59 51.60 -24.71
C PRO L 80 -6.75 52.58 -24.62
N CYS L 81 -6.48 53.84 -24.93
CA CYS L 81 -7.48 54.90 -24.80
C CYS L 81 -7.10 56.06 -25.72
N SER L 82 -7.74 57.21 -25.51
CA SER L 82 -7.51 58.43 -26.27
C SER L 82 -8.05 58.32 -27.69
N GLN L 83 -8.49 57.13 -28.08
CA GLN L 83 -9.12 56.94 -29.37
C GLN L 83 -10.60 56.63 -29.18
N TYR L 84 -11.44 57.33 -29.94
CA TYR L 84 -12.88 57.28 -29.73
C TYR L 84 -13.57 57.01 -31.07
N THR L 85 -13.07 56.01 -31.79
CA THR L 85 -13.66 55.57 -33.05
C THR L 85 -14.97 54.84 -32.77
N PHE L 86 -15.86 54.86 -33.76
CA PHE L 86 -17.14 54.17 -33.68
C PHE L 86 -17.33 53.33 -34.93
N THR L 87 -18.42 52.56 -34.93
CA THR L 87 -18.77 51.72 -36.07
C THR L 87 -20.27 51.84 -36.34
N PHE L 88 -20.64 51.59 -37.59
CA PHE L 88 -22.03 51.62 -38.00
C PHE L 88 -22.21 50.76 -39.23
N TYR L 89 -23.28 49.95 -39.23
CA TYR L 89 -23.57 49.13 -40.41
C TYR L 89 -24.08 50.01 -41.55
N VAL L 90 -24.06 49.44 -42.75
CA VAL L 90 -24.42 50.17 -43.95
C VAL L 90 -25.93 50.30 -44.06
N PRO L 91 -26.48 51.51 -44.07
CA PRO L 91 -27.92 51.69 -44.28
C PRO L 91 -28.30 51.48 -45.74
N ASP L 92 -29.58 51.17 -45.95
CA ASP L 92 -30.08 50.87 -47.28
C ASP L 92 -31.38 51.64 -47.51
N SER L 93 -31.27 52.83 -48.11
CA SER L 93 -32.44 53.65 -48.40
C SER L 93 -32.08 54.79 -49.34
N ALA L 94 -33.06 55.64 -49.68
CA ALA L 94 -32.83 56.86 -50.45
C ALA L 94 -33.49 58.02 -49.71
N ASP L 95 -32.79 58.54 -48.71
CA ASP L 95 -33.29 59.61 -47.84
C ASP L 95 -32.17 60.03 -46.90
N PRO L 96 -32.28 61.20 -46.28
CA PRO L 96 -31.30 61.56 -45.24
C PRO L 96 -31.36 60.59 -44.07
N VAL L 97 -30.19 60.25 -43.54
CA VAL L 97 -30.07 59.34 -42.40
C VAL L 97 -29.18 59.98 -41.36
N TYR L 98 -29.29 59.49 -40.13
CA TYR L 98 -28.54 60.05 -39.02
C TYR L 98 -28.53 59.01 -37.90
N VAL L 99 -27.95 59.36 -36.75
CA VAL L 99 -27.64 58.44 -35.67
C VAL L 99 -27.09 57.13 -36.24
N GLN L 100 -27.95 56.10 -36.31
CA GLN L 100 -27.57 54.79 -36.83
C GLN L 100 -26.25 54.31 -36.23
N GLU L 101 -26.26 54.11 -34.91
CA GLU L 101 -25.05 53.81 -34.17
C GLU L 101 -25.05 52.36 -33.68
N LEU L 102 -23.85 51.87 -33.36
CA LEU L 102 -23.66 50.53 -32.82
C LEU L 102 -22.74 50.59 -31.59
N ILE L 103 -23.05 51.49 -30.66
CA ILE L 103 -22.28 51.61 -29.43
C ILE L 103 -22.50 50.35 -28.61
N LEU L 104 -21.66 50.14 -27.59
CA LEU L 104 -21.74 48.97 -26.72
C LEU L 104 -23.17 48.70 -26.27
N MET L 105 -23.68 47.51 -26.58
CA MET L 105 -25.06 47.16 -26.28
C MET L 105 -25.31 47.09 -24.77
N MET M 1 -4.68 -37.63 -72.07
CA MET M 1 -3.91 -36.73 -71.23
C MET M 1 -3.30 -35.61 -72.07
N THR M 2 -3.97 -35.24 -73.15
CA THR M 2 -3.49 -34.21 -74.06
C THR M 2 -4.54 -33.13 -74.22
N THR M 3 -4.11 -31.87 -74.17
CA THR M 3 -5.00 -30.73 -74.34
C THR M 3 -4.18 -29.55 -74.83
N LYS M 4 -4.39 -29.17 -76.09
CA LYS M 4 -3.67 -28.03 -76.64
C LYS M 4 -4.07 -26.74 -75.95
N VAL M 5 -3.11 -25.83 -75.83
CA VAL M 5 -3.21 -24.67 -74.94
C VAL M 5 -3.06 -23.39 -75.75
N ILE M 6 -3.61 -23.39 -76.97
CA ILE M 6 -3.56 -22.21 -77.84
C ILE M 6 -4.01 -20.96 -77.08
N PHE M 7 -3.30 -19.86 -77.31
CA PHE M 7 -3.60 -18.58 -76.67
C PHE M 7 -3.24 -17.46 -77.63
N THR M 8 -3.78 -16.27 -77.37
CA THR M 8 -3.52 -15.09 -78.17
C THR M 8 -2.90 -14.01 -77.28
N PHE M 9 -1.96 -13.26 -77.85
CA PHE M 9 -1.22 -12.26 -77.07
C PHE M 9 -1.08 -10.95 -77.82
N HIS M 10 -2.10 -10.54 -78.58
CA HIS M 10 -1.98 -9.26 -79.27
C HIS M 10 -2.28 -8.14 -78.28
N ASN M 11 -1.20 -7.53 -77.78
CA ASN M 11 -1.30 -6.62 -76.64
C ASN M 11 -1.51 -5.15 -77.00
N PRO M 12 -0.68 -4.53 -77.85
CA PRO M 12 -0.80 -3.08 -78.06
C PRO M 12 -1.67 -2.71 -79.25
N ASP M 13 -2.68 -1.88 -78.99
CA ASP M 13 -3.53 -1.21 -79.98
C ASP M 13 -3.75 -2.05 -81.24
N GLY M 14 -4.06 -3.34 -81.04
CA GLY M 14 -4.30 -4.24 -82.14
C GLY M 14 -3.09 -4.99 -82.65
N SER M 15 -1.88 -4.54 -82.29
CA SER M 15 -0.66 -5.17 -82.79
C SER M 15 -0.53 -6.60 -82.27
N PRO M 16 -0.06 -7.53 -83.10
CA PRO M 16 -0.09 -8.95 -82.74
C PRO M 16 1.03 -9.41 -81.82
N GLN M 17 1.98 -8.55 -81.44
CA GLN M 17 3.06 -8.95 -80.54
C GLN M 17 3.88 -10.11 -81.11
N ALA M 18 4.65 -9.86 -82.15
CA ALA M 18 5.41 -10.90 -82.83
C ALA M 18 6.54 -11.41 -81.93
N ASN M 19 7.43 -12.21 -82.54
CA ASN M 19 8.36 -13.09 -81.82
C ASN M 19 8.90 -12.47 -80.55
N GLU M 20 8.77 -13.21 -79.45
CA GLU M 20 9.25 -12.81 -78.14
C GLU M 20 9.32 -14.05 -77.26
N LYS M 21 10.29 -14.07 -76.34
CA LYS M 21 10.52 -15.27 -75.55
C LYS M 21 9.33 -15.55 -74.64
N PHE M 22 9.01 -16.84 -74.50
CA PHE M 22 7.86 -17.29 -73.72
C PHE M 22 8.32 -18.37 -72.76
N THR M 23 7.90 -18.27 -71.51
CA THR M 23 8.35 -19.19 -70.46
C THR M 23 7.15 -19.73 -69.69
N VAL M 24 7.23 -21.00 -69.30
CA VAL M 24 6.21 -21.64 -68.48
C VAL M 24 6.88 -22.73 -67.66
N ARG M 25 6.32 -23.01 -66.48
CA ARG M 25 6.92 -23.98 -65.58
C ARG M 25 5.87 -24.43 -64.57
N LEU M 26 5.90 -25.72 -64.25
CA LEU M 26 5.03 -26.29 -63.23
C LEU M 26 5.45 -25.80 -61.86
N THR M 27 4.47 -25.51 -61.00
CA THR M 27 4.79 -25.10 -59.64
C THR M 27 5.23 -26.27 -58.77
N ARG M 28 4.33 -27.24 -58.57
CA ARG M 28 4.62 -28.38 -57.71
C ARG M 28 4.13 -29.65 -58.41
N PRO M 29 4.73 -30.81 -58.11
CA PRO M 29 4.33 -32.03 -58.79
C PRO M 29 2.88 -32.42 -58.50
N GLY M 30 2.25 -33.06 -59.47
CA GLY M 30 0.87 -33.49 -59.33
C GLY M 30 0.59 -34.69 -60.19
N MET M 31 -0.53 -35.36 -59.88
CA MET M 31 -0.91 -36.59 -60.56
C MET M 31 -2.24 -36.39 -61.28
N SER M 32 -2.31 -36.90 -62.51
CA SER M 32 -3.50 -36.83 -63.34
C SER M 32 -4.37 -38.06 -63.11
N ASP M 33 -5.30 -38.31 -64.04
CA ASP M 33 -6.09 -39.52 -64.01
C ASP M 33 -5.30 -40.69 -64.57
N ALA M 34 -4.79 -41.54 -63.66
CA ALA M 34 -4.13 -42.81 -64.01
C ALA M 34 -2.88 -42.56 -64.83
N GLU M 35 -2.94 -42.68 -66.16
CA GLU M 35 -1.78 -42.95 -66.99
C GLU M 35 -0.67 -41.91 -66.88
N HIS M 36 -0.99 -40.69 -66.44
CA HIS M 36 -0.01 -39.62 -66.41
C HIS M 36 0.24 -39.12 -64.99
N CYS M 37 0.50 -40.05 -64.07
CA CYS M 37 0.68 -39.73 -62.65
C CYS M 37 2.17 -39.69 -62.28
N VAL M 38 2.75 -38.48 -62.28
CA VAL M 38 4.11 -38.22 -61.82
C VAL M 38 4.43 -36.72 -61.91
N VAL M 39 4.96 -36.25 -63.04
CA VAL M 39 5.01 -34.84 -63.40
C VAL M 39 5.70 -33.98 -62.33
N ILE M 40 7.02 -34.08 -62.23
CA ILE M 40 7.76 -33.12 -61.39
C ILE M 40 7.94 -31.83 -62.17
N PRO M 41 8.05 -30.68 -61.51
CA PRO M 41 8.15 -29.41 -62.25
C PRO M 41 9.43 -29.30 -63.07
N GLU M 42 9.30 -28.59 -64.19
CA GLU M 42 10.43 -28.30 -65.07
C GLU M 42 10.01 -27.15 -66.00
N THR M 43 10.99 -26.57 -66.72
CA THR M 43 10.73 -25.38 -67.51
C THR M 43 11.30 -25.54 -68.90
N TYR M 44 10.70 -24.82 -69.85
CA TYR M 44 11.03 -24.95 -71.28
C TYR M 44 10.41 -23.82 -72.09
N GLU M 45 10.52 -23.93 -73.42
CA GLU M 45 9.78 -23.15 -74.40
C GLU M 45 10.39 -21.77 -74.59
N MET M 46 10.31 -21.25 -75.82
CA MET M 46 10.73 -19.94 -76.30
C MET M 46 9.84 -19.51 -77.47
N VAL M 47 9.96 -18.26 -77.90
CA VAL M 47 9.29 -17.71 -79.08
C VAL M 47 7.78 -17.58 -78.85
N THR M 48 7.15 -16.65 -79.56
CA THR M 48 5.72 -16.39 -79.41
C THR M 48 4.96 -16.43 -80.73
N ASP M 49 5.65 -16.35 -81.88
CA ASP M 49 5.26 -16.28 -83.30
C ASP M 49 4.63 -14.92 -83.60
N ALA M 50 4.39 -14.64 -84.88
CA ALA M 50 3.89 -13.33 -85.28
C ALA M 50 2.53 -13.04 -84.68
N LYS M 51 1.64 -14.03 -84.66
CA LYS M 51 0.29 -13.85 -84.14
C LYS M 51 0.25 -13.84 -82.62
N GLY M 52 1.36 -14.17 -81.97
CA GLY M 52 1.38 -14.28 -80.53
C GLY M 52 0.61 -15.49 -80.04
N GLU M 53 1.11 -16.68 -80.38
CA GLU M 53 0.42 -17.92 -80.07
C GLU M 53 1.43 -18.98 -79.64
N PHE M 54 1.02 -19.82 -78.69
CA PHE M 54 1.84 -20.93 -78.22
C PHE M 54 0.93 -22.12 -77.95
N THR M 55 1.47 -23.32 -78.15
CA THR M 55 0.67 -24.53 -78.05
C THR M 55 1.48 -25.69 -77.50
N MET M 56 0.91 -26.40 -76.53
CA MET M 56 1.40 -27.70 -76.10
C MET M 56 0.23 -28.45 -75.48
N ASP M 57 0.40 -29.77 -75.34
CA ASP M 57 -0.74 -30.64 -75.05
C ASP M 57 -0.46 -31.67 -73.96
N LEU M 58 0.01 -31.26 -72.79
CA LEU M 58 0.19 -32.23 -71.70
C LEU M 58 -0.67 -31.91 -70.48
N GLU M 59 -1.48 -30.86 -70.53
CA GLU M 59 -2.27 -30.51 -69.35
C GLU M 59 -3.29 -31.60 -69.04
N SER M 60 -3.00 -32.39 -68.01
CA SER M 60 -3.91 -33.42 -67.54
C SER M 60 -3.95 -33.49 -66.02
N SER M 61 -2.96 -32.88 -65.36
CA SER M 61 -2.82 -33.00 -63.92
C SER M 61 -3.78 -32.07 -63.18
N THR M 62 -3.56 -31.92 -61.86
CA THR M 62 -4.40 -31.07 -61.03
C THR M 62 -3.60 -29.98 -60.33
N SER M 63 -2.34 -29.78 -60.73
CA SER M 63 -1.51 -28.75 -60.12
C SER M 63 -1.72 -27.40 -60.79
N ALA M 64 -0.83 -26.45 -60.51
CA ALA M 64 -0.92 -25.10 -61.07
C ALA M 64 0.30 -24.83 -61.94
N TYR M 65 0.06 -24.13 -63.05
CA TYR M 65 1.12 -23.67 -63.94
C TYR M 65 1.26 -22.17 -63.80
N ARG M 66 2.49 -21.68 -64.00
CA ARG M 66 2.76 -20.25 -63.98
C ARG M 66 3.41 -19.83 -65.29
N VAL M 67 2.95 -18.71 -65.83
CA VAL M 67 3.45 -18.17 -67.09
C VAL M 67 4.16 -16.85 -66.80
N THR M 68 5.38 -16.72 -67.31
CA THR M 68 6.23 -15.55 -67.08
C THR M 68 6.86 -15.07 -68.39
N ALA M 69 6.03 -14.86 -69.42
CA ALA M 69 6.53 -14.53 -70.76
C ALA M 69 7.32 -13.23 -70.79
N ILE M 70 6.85 -12.20 -70.08
CA ILE M 70 7.46 -10.88 -70.19
C ILE M 70 8.86 -10.89 -69.61
N GLY M 71 9.81 -10.31 -70.35
CA GLY M 71 11.16 -10.09 -69.87
C GLY M 71 11.33 -8.64 -69.47
N ASP M 72 11.90 -8.42 -68.28
CA ASP M 72 11.98 -7.09 -67.73
C ASP M 72 13.24 -6.97 -66.87
N ASP M 73 13.31 -5.91 -66.06
CA ASP M 73 14.43 -5.66 -65.17
C ASP M 73 13.95 -5.71 -63.72
N ASP M 74 14.90 -5.90 -62.81
CA ASP M 74 14.60 -5.97 -61.39
C ASP M 74 15.88 -5.62 -60.64
N GLU M 75 15.73 -5.21 -59.38
CA GLU M 75 16.87 -4.82 -58.56
C GLU M 75 16.57 -5.16 -57.10
N TYR M 76 17.34 -4.59 -56.18
CA TYR M 76 17.40 -5.05 -54.79
C TYR M 76 16.13 -4.68 -54.02
N GLU M 77 15.08 -5.46 -54.28
CA GLU M 77 13.87 -5.50 -53.45
C GLU M 77 13.08 -4.19 -53.52
N ASP M 78 13.60 -3.20 -54.23
CA ASP M 78 12.87 -1.96 -54.44
C ASP M 78 12.20 -1.89 -55.80
N ASP M 79 12.00 -3.05 -56.42
CA ASP M 79 11.27 -3.16 -57.68
C ASP M 79 10.26 -4.30 -57.56
N PRO M 80 9.19 -4.11 -56.77
CA PRO M 80 8.15 -5.14 -56.70
C PRO M 80 7.15 -4.98 -57.84
N CYS M 81 7.65 -4.77 -59.05
CA CYS M 81 6.80 -4.50 -60.21
C CYS M 81 7.57 -4.84 -61.48
N SER M 82 7.04 -4.40 -62.63
CA SER M 82 7.63 -4.60 -63.94
C SER M 82 7.53 -6.05 -64.39
N GLN M 83 7.07 -6.93 -63.50
CA GLN M 83 6.83 -8.32 -63.85
C GLN M 83 5.33 -8.59 -63.82
N TYR M 84 4.85 -9.23 -64.88
CA TYR M 84 3.40 -9.40 -65.08
C TYR M 84 3.11 -10.87 -65.39
N THR M 85 3.68 -11.76 -64.58
CA THR M 85 3.42 -13.18 -64.67
C THR M 85 2.01 -13.49 -64.20
N PHE M 86 1.46 -14.60 -64.71
CA PHE M 86 0.13 -15.05 -64.31
C PHE M 86 0.21 -16.53 -63.95
N THR M 87 -0.91 -17.06 -63.47
CA THR M 87 -1.02 -18.46 -63.12
C THR M 87 -2.35 -19.01 -63.63
N PHE M 88 -2.36 -20.33 -63.86
CA PHE M 88 -3.57 -21.01 -64.32
C PHE M 88 -3.48 -22.47 -63.93
N TYR M 89 -4.59 -23.01 -63.41
CA TYR M 89 -4.63 -24.42 -63.07
C TYR M 89 -4.67 -25.27 -64.34
N VAL M 90 -4.38 -26.55 -64.17
CA VAL M 90 -4.27 -27.48 -65.30
C VAL M 90 -5.67 -27.87 -65.78
N PRO M 91 -6.02 -27.60 -67.02
CA PRO M 91 -7.30 -28.05 -67.56
C PRO M 91 -7.27 -29.53 -67.89
N ASP M 92 -8.46 -30.14 -67.94
CA ASP M 92 -8.58 -31.57 -68.18
C ASP M 92 -9.65 -31.80 -69.24
N SER M 93 -9.23 -31.90 -70.50
CA SER M 93 -10.15 -32.16 -71.61
C SER M 93 -9.38 -32.50 -72.88
N ALA M 94 -10.11 -32.75 -73.97
CA ALA M 94 -9.53 -32.96 -75.29
C ALA M 94 -10.23 -32.04 -76.28
N ASP M 95 -9.79 -30.79 -76.32
CA ASP M 95 -10.39 -29.74 -77.14
C ASP M 95 -9.54 -28.49 -77.00
N PRO M 96 -9.68 -27.52 -77.92
CA PRO M 96 -9.01 -26.24 -77.73
C PRO M 96 -9.53 -25.53 -76.49
N VAL M 97 -8.62 -24.89 -75.77
CA VAL M 97 -8.94 -24.16 -74.55
C VAL M 97 -8.32 -22.78 -74.62
N TYR M 98 -8.86 -21.86 -73.82
CA TYR M 98 -8.39 -20.48 -73.85
C TYR M 98 -8.83 -19.84 -72.54
N VAL M 99 -8.58 -18.53 -72.39
CA VAL M 99 -8.72 -17.81 -71.13
C VAL M 99 -8.20 -18.65 -69.98
N GLN M 100 -9.11 -19.28 -69.23
CA GLN M 100 -8.76 -20.13 -68.09
C GLN M 100 -7.75 -19.45 -67.18
N GLU M 101 -8.16 -18.32 -66.59
CA GLU M 101 -7.27 -17.47 -65.82
C GLU M 101 -7.59 -17.54 -64.34
N LEU M 102 -6.61 -17.13 -63.52
CA LEU M 102 -6.75 -17.08 -62.07
C LEU M 102 -6.23 -15.73 -61.56
N ILE M 103 -6.68 -14.65 -62.18
CA ILE M 103 -6.29 -13.31 -61.75
C ILE M 103 -6.90 -13.05 -60.37
N LEU M 104 -6.43 -12.01 -59.68
CA LEU M 104 -6.90 -11.65 -58.35
C LEU M 104 -8.43 -11.67 -58.28
N MET M 105 -8.96 -12.48 -57.37
CA MET M 105 -10.40 -12.67 -57.25
C MET M 105 -11.09 -11.38 -56.79
N MET N 1 -1.37 -15.37 80.40
CA MET N 1 -0.57 -15.16 79.18
C MET N 1 0.64 -16.08 79.17
N THR N 2 0.52 -17.24 79.80
CA THR N 2 1.61 -18.20 79.89
C THR N 2 1.17 -19.55 79.36
N THR N 3 2.03 -20.17 78.56
CA THR N 3 1.74 -21.48 78.00
C THR N 3 3.07 -22.16 77.68
N LYS N 4 3.42 -23.20 78.43
CA LYS N 4 4.66 -23.92 78.19
C LYS N 4 4.60 -24.64 76.85
N VAL N 5 5.76 -24.73 76.20
CA VAL N 5 5.86 -25.11 74.79
C VAL N 5 6.74 -26.35 74.66
N ILE N 6 6.62 -27.27 75.63
CA ILE N 6 7.39 -28.51 75.60
C ILE N 6 7.26 -29.18 74.24
N PHE N 7 8.37 -29.72 73.74
CA PHE N 7 8.42 -30.42 72.47
C PHE N 7 9.47 -31.53 72.54
N THR N 8 9.38 -32.47 71.61
CA THR N 8 10.31 -33.58 71.52
C THR N 8 11.01 -33.54 70.17
N PHE N 9 12.29 -33.90 70.16
CA PHE N 9 13.10 -33.82 68.95
C PHE N 9 13.96 -35.05 68.75
N HIS N 10 13.47 -36.23 69.09
CA HIS N 10 14.26 -37.43 68.86
C HIS N 10 14.15 -37.83 67.39
N ASN N 11 15.18 -37.45 66.63
CA ASN N 11 15.12 -37.51 65.17
C ASN N 11 15.62 -38.83 64.56
N PRO N 12 16.84 -39.30 64.86
CA PRO N 12 17.37 -40.47 64.14
C PRO N 12 17.11 -41.78 64.85
N ASP N 13 16.48 -42.72 64.13
CA ASP N 13 16.29 -44.12 64.52
C ASP N 13 16.14 -44.32 66.02
N GLY N 14 15.31 -43.48 66.65
CA GLY N 14 15.07 -43.55 68.07
C GLY N 14 15.98 -42.71 68.94
N SER N 15 17.10 -42.24 68.39
CA SER N 15 18.07 -41.47 69.16
C SER N 15 17.46 -40.15 69.63
N PRO N 16 17.76 -39.71 70.86
CA PRO N 16 17.06 -38.56 71.44
C PRO N 16 17.57 -37.19 70.99
N GLN N 17 18.63 -37.12 70.17
CA GLN N 17 19.16 -35.84 69.71
C GLN N 17 19.57 -34.94 70.86
N ALA N 18 20.66 -35.29 71.53
CA ALA N 18 21.11 -34.55 72.71
C ALA N 18 21.63 -33.17 72.32
N ASN N 19 22.26 -32.50 73.29
CA ASN N 19 22.52 -31.07 73.26
C ASN N 19 22.87 -30.54 71.87
N GLU N 20 22.13 -29.51 71.45
CA GLU N 20 22.32 -28.85 70.16
C GLU N 20 21.63 -27.50 70.23
N LYS N 21 22.19 -26.52 69.52
CA LYS N 21 21.70 -25.16 69.60
C LYS N 21 20.28 -25.06 69.05
N PHE N 22 19.44 -24.27 69.74
CA PHE N 22 18.04 -24.10 69.39
C PHE N 22 17.74 -22.62 69.28
N THR N 23 17.04 -22.23 68.22
CA THR N 23 16.75 -20.83 67.95
C THR N 23 15.27 -20.63 67.67
N VAL N 24 14.72 -19.51 68.12
CA VAL N 24 13.34 -19.13 67.86
C VAL N 24 13.25 -17.61 67.87
N ARG N 25 12.31 -17.07 67.10
CA ARG N 25 12.17 -15.63 66.98
C ARG N 25 10.79 -15.30 66.45
N LEU N 26 10.21 -14.22 66.98
CA LEU N 26 8.92 -13.71 66.53
C LEU N 26 9.08 -13.12 65.13
N THR N 27 8.08 -13.33 64.28
CA THR N 27 8.11 -12.75 62.94
C THR N 27 7.77 -11.26 62.97
N ARG N 28 6.56 -10.92 63.39
CA ARG N 28 6.11 -9.54 63.41
C ARG N 28 5.40 -9.28 64.73
N PRO N 29 5.37 -8.03 65.20
CA PRO N 29 4.75 -7.75 66.49
C PRO N 29 3.25 -8.02 66.49
N GLY N 30 2.73 -8.41 67.65
CA GLY N 30 1.32 -8.72 67.78
C GLY N 30 0.86 -8.49 69.21
N MET N 31 -0.46 -8.41 69.36
CA MET N 31 -1.09 -8.11 70.64
C MET N 31 -1.95 -9.29 71.09
N SER N 32 -1.84 -9.63 72.38
CA SER N 32 -2.61 -10.71 72.98
C SER N 32 -3.91 -10.16 73.55
N ASP N 33 -4.54 -10.93 74.43
CA ASP N 33 -5.73 -10.48 75.15
C ASP N 33 -5.32 -9.57 76.31
N ALA N 34 -5.48 -8.26 76.11
CA ALA N 34 -5.30 -7.25 77.15
C ALA N 34 -3.87 -7.23 77.66
N GLU N 35 -3.58 -7.89 78.78
CA GLU N 35 -2.42 -7.57 79.62
C GLU N 35 -1.09 -7.69 78.90
N HIS N 36 -1.02 -8.45 77.81
CA HIS N 36 0.26 -8.70 77.14
C HIS N 36 0.23 -8.16 75.71
N CYS N 37 -0.17 -6.89 75.54
CA CYS N 37 -0.30 -6.28 74.22
C CYS N 37 0.89 -5.39 73.90
N VAL N 38 1.87 -5.93 73.18
CA VAL N 38 3.03 -5.19 72.66
C VAL N 38 3.91 -6.12 71.81
N VAL N 39 4.89 -6.77 72.42
CA VAL N 39 5.61 -7.92 71.85
C VAL N 39 6.22 -7.59 70.49
N ILE N 40 7.31 -6.83 70.48
CA ILE N 40 8.07 -6.68 69.24
C ILE N 40 8.96 -7.90 69.07
N PRO N 41 9.32 -8.29 67.84
CA PRO N 41 10.12 -9.51 67.66
C PRO N 41 11.53 -9.38 68.24
N GLU N 42 12.03 -10.53 68.70
CA GLU N 42 13.39 -10.66 69.22
C GLU N 42 13.76 -12.14 69.26
N THR N 43 15.03 -12.45 69.48
CA THR N 43 15.51 -13.81 69.38
C THR N 43 16.37 -14.16 70.59
N TYR N 44 16.41 -15.45 70.90
CA TYR N 44 17.06 -15.96 72.11
C TYR N 44 17.20 -17.48 72.08
N GLU N 45 17.65 -18.04 73.20
CA GLU N 45 17.61 -19.48 73.49
C GLU N 45 18.74 -20.23 72.81
N MET N 46 19.24 -21.28 73.47
CA MET N 46 20.26 -22.24 73.06
C MET N 46 20.00 -23.58 73.72
N VAL N 47 20.73 -24.62 73.29
CA VAL N 47 20.71 -25.96 73.89
C VAL N 47 19.38 -26.66 73.63
N THR N 48 19.40 -28.00 73.62
CA THR N 48 18.21 -28.80 73.34
C THR N 48 17.92 -29.86 74.41
N ASP N 49 18.90 -30.17 75.28
CA ASP N 49 19.01 -31.16 76.35
C ASP N 49 19.08 -32.57 75.76
N ALA N 50 19.37 -33.56 76.62
CA ALA N 50 19.58 -34.92 76.13
C ALA N 50 18.32 -35.48 75.47
N LYS N 51 17.15 -35.23 76.06
CA LYS N 51 15.89 -35.73 75.53
C LYS N 51 15.40 -34.95 74.32
N GLY N 52 16.05 -33.83 74.01
CA GLY N 52 15.60 -32.98 72.92
C GLY N 52 14.31 -32.27 73.27
N GLU N 53 14.37 -31.38 74.27
CA GLU N 53 13.19 -30.70 74.77
C GLU N 53 13.54 -29.24 75.08
N PHE N 54 12.57 -28.36 74.83
CA PHE N 54 12.71 -26.94 75.13
C PHE N 54 11.37 -26.43 75.65
N THR N 55 11.42 -25.44 76.54
CA THR N 55 10.21 -24.95 77.20
C THR N 55 10.31 -23.45 77.47
N MET N 56 9.24 -22.74 77.12
CA MET N 56 9.03 -21.36 77.57
C MET N 56 7.53 -21.09 77.54
N ASP N 57 7.12 -20.03 78.22
CA ASP N 57 5.70 -19.83 78.53
C ASP N 57 5.21 -18.40 78.29
N LEU N 58 5.44 -17.83 77.10
CA LEU N 58 4.89 -16.50 76.84
C LEU N 58 3.91 -16.49 75.67
N GLU N 59 3.64 -17.65 75.07
CA GLU N 59 2.73 -17.65 73.92
C GLU N 59 1.32 -17.24 74.33
N SER N 60 0.96 -16.00 74.00
CA SER N 60 -0.38 -15.49 74.25
C SER N 60 -0.89 -14.65 73.08
N SER N 61 0.01 -14.23 72.19
CA SER N 61 -0.33 -13.31 71.12
C SER N 61 -1.03 -14.02 69.96
N THR N 62 -1.17 -13.33 68.83
CA THR N 62 -1.81 -13.88 67.64
C THR N 62 -0.89 -13.87 66.43
N SER N 63 0.40 -13.61 66.63
CA SER N 63 1.34 -13.58 65.53
C SER N 63 1.89 -14.98 65.23
N ALA N 64 2.95 -15.05 64.44
CA ALA N 64 3.57 -16.31 64.06
C ALA N 64 4.99 -16.37 64.59
N TYR N 65 5.39 -17.55 65.04
CA TYR N 65 6.76 -17.82 65.48
C TYR N 65 7.43 -18.71 64.45
N ARG N 66 8.75 -18.56 64.32
CA ARG N 66 9.54 -19.39 63.43
C ARG N 66 10.66 -20.06 64.22
N VAL N 67 10.87 -21.35 63.97
CA VAL N 67 11.88 -22.14 64.63
C VAL N 67 12.93 -22.55 63.61
N THR N 68 14.21 -22.31 63.94
CA THR N 68 15.33 -22.58 63.05
C THR N 68 16.45 -23.30 63.79
N ALA N 69 16.12 -24.39 64.48
CA ALA N 69 17.08 -25.08 65.33
C ALA N 69 18.29 -25.61 64.58
N ILE N 70 18.08 -26.18 63.40
CA ILE N 70 19.16 -26.85 62.68
C ILE N 70 20.20 -25.83 62.22
N GLY N 71 21.47 -26.16 62.48
CA GLY N 71 22.59 -25.40 61.96
C GLY N 71 23.19 -26.10 60.76
N ASP N 72 23.43 -25.34 59.70
CA ASP N 72 23.85 -25.93 58.43
C ASP N 72 24.74 -24.93 57.68
N ASP N 73 24.97 -25.20 56.40
CA ASP N 73 25.78 -24.35 55.55
C ASP N 73 24.92 -23.78 54.43
N ASP N 74 25.39 -22.69 53.82
CA ASP N 74 24.69 -22.04 52.73
C ASP N 74 25.71 -21.25 51.93
N GLU N 75 25.37 -20.95 50.68
CA GLU N 75 26.28 -20.21 49.80
C GLU N 75 25.45 -19.36 48.85
N TYR N 76 26.07 -18.88 47.77
CA TYR N 76 25.54 -17.79 46.95
C TYR N 76 24.34 -18.27 46.11
N GLU N 77 23.20 -18.38 46.78
CA GLU N 77 21.88 -18.51 46.14
C GLU N 77 21.73 -19.83 45.41
N ASP N 78 22.78 -20.64 45.36
CA ASP N 78 22.69 -21.97 44.76
C ASP N 78 22.55 -23.06 45.81
N ASP N 79 22.09 -22.69 47.00
CA ASP N 79 21.78 -23.64 48.06
C ASP N 79 20.42 -23.30 48.67
N PRO N 80 19.34 -23.52 47.91
CA PRO N 80 18.00 -23.30 48.48
C PRO N 80 17.53 -24.50 49.29
N CYS N 81 18.42 -25.04 50.12
CA CYS N 81 18.12 -26.26 50.87
C CYS N 81 19.04 -26.32 52.10
N SER N 82 19.10 -27.50 52.73
CA SER N 82 19.93 -27.77 53.90
C SER N 82 19.39 -27.05 55.13
N GLN N 83 18.39 -26.21 54.96
CA GLN N 83 17.73 -25.56 56.08
C GLN N 83 16.31 -26.07 56.22
N TYR N 84 15.95 -26.45 57.44
CA TYR N 84 14.69 -27.15 57.71
C TYR N 84 13.95 -26.44 58.84
N THR N 85 13.85 -25.12 58.74
CA THR N 85 13.11 -24.32 59.68
C THR N 85 11.60 -24.54 59.48
N PHE N 86 10.85 -24.31 60.56
CA PHE N 86 9.40 -24.44 60.52
C PHE N 86 8.77 -23.20 61.13
N THR N 87 7.45 -23.14 61.07
CA THR N 87 6.70 -22.03 61.65
C THR N 87 5.48 -22.57 62.38
N PHE N 88 5.02 -21.80 63.36
CA PHE N 88 3.84 -22.17 64.13
C PHE N 88 3.22 -20.91 64.72
N TYR N 89 1.90 -20.81 64.63
CA TYR N 89 1.20 -19.67 65.21
C TYR N 89 1.21 -19.78 66.75
N VAL N 90 0.92 -18.66 67.40
CA VAL N 90 0.98 -18.57 68.85
C VAL N 90 -0.25 -19.24 69.46
N PRO N 91 -0.08 -20.27 70.28
CA PRO N 91 -1.22 -20.87 70.98
C PRO N 91 -1.67 -20.00 72.15
N ASP N 92 -2.92 -20.20 72.55
CA ASP N 92 -3.53 -19.40 73.60
C ASP N 92 -4.23 -20.33 74.59
N SER N 93 -3.53 -20.73 75.65
CA SER N 93 -4.10 -21.59 76.68
C SER N 93 -3.20 -21.65 77.91
N ALA N 94 -3.61 -22.42 78.92
CA ALA N 94 -2.78 -22.67 80.10
C ALA N 94 -2.75 -24.19 80.31
N ASP N 95 -1.86 -24.85 79.59
CA ASP N 95 -1.73 -26.31 79.61
C ASP N 95 -0.53 -26.68 78.73
N PRO N 96 0.00 -27.90 78.88
CA PRO N 96 1.03 -28.36 77.94
C PRO N 96 0.48 -28.44 76.52
N VAL N 97 1.31 -28.06 75.56
CA VAL N 97 0.95 -28.07 74.15
C VAL N 97 2.06 -28.75 73.38
N TYR N 98 1.72 -29.22 72.18
CA TYR N 98 2.68 -29.96 71.36
C TYR N 98 2.15 -29.94 69.92
N VAL N 99 2.85 -30.63 69.02
CA VAL N 99 2.64 -30.53 67.57
C VAL N 99 2.41 -29.07 67.18
N GLN N 100 1.15 -28.69 66.96
CA GLN N 100 0.78 -27.33 66.57
C GLN N 100 1.66 -26.82 65.44
N GLU N 101 1.58 -27.48 64.29
CA GLU N 101 2.46 -27.23 63.16
C GLU N 101 1.70 -26.54 62.02
N LEU N 102 2.47 -25.91 61.13
CA LEU N 102 1.95 -25.25 59.95
C LEU N 102 2.78 -25.64 58.72
N ILE N 103 3.00 -26.95 58.55
CA ILE N 103 3.73 -27.46 57.39
C ILE N 103 2.89 -27.20 56.15
N LEU N 104 3.51 -27.32 54.97
CA LEU N 104 2.84 -27.09 53.69
C LEU N 104 1.49 -27.79 53.65
N MET N 105 0.43 -27.01 53.42
CA MET N 105 -0.93 -27.53 53.42
C MET N 105 -1.16 -28.51 52.28
N MET O 1 11.81 -79.85 11.29
CA MET O 1 12.43 -78.59 10.89
C MET O 1 13.39 -78.80 9.73
N THR O 2 13.09 -79.80 8.89
CA THR O 2 13.95 -80.12 7.76
C THR O 2 13.11 -80.12 6.48
N THR O 3 13.67 -79.53 5.43
CA THR O 3 13.01 -79.46 4.13
C THR O 3 14.08 -79.30 3.06
N LYS O 4 14.28 -80.34 2.26
CA LYS O 4 15.28 -80.26 1.19
C LYS O 4 14.84 -79.25 0.13
N VAL O 5 15.83 -78.59 -0.46
CA VAL O 5 15.63 -77.40 -1.27
C VAL O 5 16.16 -77.62 -2.69
N ILE O 6 15.99 -78.85 -3.19
CA ILE O 6 16.43 -79.19 -4.54
C ILE O 6 15.93 -78.16 -5.54
N PHE O 7 16.81 -77.80 -6.48
CA PHE O 7 16.49 -76.83 -7.53
C PHE O 7 17.26 -77.21 -8.79
N THR O 8 16.81 -76.67 -9.92
CA THR O 8 17.43 -76.88 -11.22
C THR O 8 17.89 -75.56 -11.80
N PHE O 9 19.04 -75.58 -12.46
CA PHE O 9 19.65 -74.35 -12.97
C PHE O 9 20.16 -74.52 -14.40
N HIS O 10 19.46 -75.28 -15.24
CA HIS O 10 19.92 -75.42 -16.61
C HIS O 10 19.49 -74.19 -17.39
N ASN O 11 20.45 -73.27 -17.57
CA ASN O 11 20.13 -71.93 -18.06
C ASN O 11 20.21 -71.77 -19.58
N PRO O 12 21.32 -72.11 -20.25
CA PRO O 12 21.45 -71.80 -21.68
C PRO O 12 21.01 -72.94 -22.59
N ASP O 13 20.07 -72.63 -23.49
CA ASP O 13 19.63 -73.48 -24.60
C ASP O 13 19.68 -74.97 -24.27
N GLY O 14 19.17 -75.32 -23.10
CA GLY O 14 19.14 -76.71 -22.65
C GLY O 14 20.35 -77.16 -21.86
N SER O 15 21.46 -76.40 -21.92
CA SER O 15 22.68 -76.81 -21.22
C SER O 15 22.48 -76.84 -19.71
N PRO O 16 23.05 -77.81 -19.01
CA PRO O 16 22.74 -78.01 -17.60
C PRO O 16 23.49 -77.10 -16.63
N GLN O 17 24.39 -76.23 -17.11
CA GLN O 17 25.11 -75.31 -16.22
C GLN O 17 25.90 -76.06 -15.15
N ALA O 18 26.98 -76.73 -15.55
CA ALA O 18 27.76 -77.55 -14.64
C ALA O 18 28.52 -76.68 -13.65
N ASN O 19 29.44 -77.32 -12.90
CA ASN O 19 30.01 -76.78 -11.67
C ASN O 19 30.24 -75.27 -11.72
N GLU O 20 29.70 -74.58 -10.71
CA GLU O 20 29.84 -73.14 -10.56
C GLU O 20 29.49 -72.79 -9.12
N LYS O 21 30.15 -71.75 -8.60
CA LYS O 21 30.00 -71.41 -7.19
C LYS O 21 28.57 -70.96 -6.90
N PHE O 22 28.06 -71.39 -5.74
CA PHE O 22 26.70 -71.11 -5.32
C PHE O 22 26.72 -70.52 -3.92
N THR O 23 25.98 -69.44 -3.70
CA THR O 23 25.99 -68.74 -2.42
C THR O 23 24.56 -68.50 -1.94
N VAL O 24 24.37 -68.59 -0.62
CA VAL O 24 23.09 -68.32 0.01
C VAL O 24 23.36 -67.82 1.42
N ARG O 25 22.46 -66.98 1.94
CA ARG O 25 22.64 -66.39 3.24
C ARG O 25 21.31 -65.88 3.76
N LEU O 26 21.08 -66.05 5.06
CA LEU O 26 19.89 -65.55 5.72
C LEU O 26 19.95 -64.02 5.79
N THR O 27 18.81 -63.36 5.60
CA THR O 27 18.77 -61.90 5.71
C THR O 27 18.80 -61.46 7.17
N ARG O 28 17.78 -61.83 7.95
CA ARG O 28 17.66 -61.40 9.33
C ARG O 28 17.24 -62.60 10.17
N PRO O 29 17.58 -62.62 11.45
CA PRO O 29 17.25 -63.79 12.29
C PRO O 29 15.75 -63.98 12.43
N GLY O 30 15.35 -65.23 12.57
CA GLY O 30 13.94 -65.57 12.72
C GLY O 30 13.77 -66.86 13.50
N MET O 31 12.55 -67.07 13.96
CA MET O 31 12.22 -68.22 14.81
C MET O 31 11.19 -69.10 14.11
N SER O 32 11.41 -70.41 14.17
CA SER O 32 10.53 -71.40 13.59
C SER O 32 9.49 -71.84 14.61
N ASP O 33 8.85 -72.98 14.35
CA ASP O 33 7.93 -73.58 15.31
C ASP O 33 8.71 -74.33 16.38
N ALA O 34 8.82 -73.72 17.56
CA ALA O 34 9.39 -74.32 18.75
C ALA O 34 10.86 -74.70 18.54
N GLU O 35 11.15 -75.96 18.21
CA GLU O 35 12.47 -76.55 18.45
C GLU O 35 13.62 -75.81 17.76
N HIS O 36 13.34 -75.05 16.71
CA HIS O 36 14.39 -74.41 15.93
C HIS O 36 14.28 -72.89 15.98
N CYS O 37 14.15 -72.32 17.19
CA CYS O 37 13.96 -70.89 17.37
C CYS O 37 15.26 -70.21 17.77
N VAL O 38 15.96 -69.64 16.79
CA VAL O 38 17.15 -68.82 16.98
C VAL O 38 17.66 -68.28 15.64
N VAL O 39 18.55 -69.01 14.97
CA VAL O 39 18.89 -68.81 13.56
C VAL O 39 19.33 -67.37 13.26
N ILE O 40 20.55 -67.02 13.67
CA ILE O 40 21.11 -65.75 13.21
C ILE O 40 21.68 -65.94 11.80
N PRO O 41 21.73 -64.90 10.97
CA PRO O 41 22.19 -65.08 9.58
C PRO O 41 23.65 -65.49 9.50
N GLU O 42 23.95 -66.28 8.47
CA GLU O 42 25.31 -66.71 8.14
C GLU O 42 25.32 -67.23 6.70
N THR O 43 26.51 -67.45 6.15
CA THR O 43 26.65 -67.78 4.74
C THR O 43 27.58 -68.97 4.58
N TYR O 44 27.37 -69.70 3.48
CA TYR O 44 28.07 -70.96 3.21
C TYR O 44 27.85 -71.43 1.78
N GLU O 45 28.32 -72.64 1.49
CA GLU O 45 28.00 -73.41 0.28
C GLU O 45 28.80 -72.94 -0.92
N MET O 46 29.14 -73.89 -1.80
CA MET O 46 29.85 -73.75 -3.08
C MET O 46 29.38 -74.85 -4.03
N VAL O 47 29.77 -74.75 -5.30
CA VAL O 47 29.54 -75.77 -6.33
C VAL O 47 28.06 -75.86 -6.69
N THR O 48 27.77 -76.30 -7.92
CA THR O 48 26.40 -76.40 -8.42
C THR O 48 26.05 -77.77 -8.97
N ASP O 49 27.06 -78.62 -9.26
CA ASP O 49 27.10 -79.97 -9.86
C ASP O 49 26.76 -79.89 -11.34
N ALA O 50 26.93 -81.00 -12.05
CA ALA O 50 26.74 -81.00 -13.51
C ALA O 50 25.30 -80.65 -13.88
N LYS O 51 24.33 -81.20 -13.15
CA LYS O 51 22.92 -80.98 -13.44
C LYS O 51 22.44 -79.60 -12.97
N GLY O 52 23.27 -78.88 -12.21
CA GLY O 52 22.86 -77.61 -11.65
C GLY O 52 21.84 -77.79 -10.56
N GLU O 53 22.27 -78.42 -9.45
CA GLU O 53 21.37 -78.74 -8.35
C GLU O 53 22.08 -78.52 -7.03
N PHE O 54 21.32 -78.06 -6.04
CA PHE O 54 21.82 -77.85 -4.68
C PHE O 54 20.74 -78.25 -3.70
N THR O 55 21.16 -78.73 -2.53
CA THR O 55 20.22 -79.28 -1.56
C THR O 55 20.70 -79.02 -0.13
N MET O 56 19.78 -78.53 0.71
CA MET O 56 19.97 -78.49 2.15
C MET O 56 18.59 -78.47 2.79
N ASP O 57 18.54 -78.79 4.09
CA ASP O 57 17.28 -79.11 4.74
C ASP O 57 17.09 -78.43 6.10
N LEU O 58 17.26 -77.11 6.20
CA LEU O 58 17.00 -76.45 7.46
C LEU O 58 15.88 -75.43 7.39
N GLU O 59 15.25 -75.27 6.22
CA GLU O 59 14.20 -74.26 6.10
C GLU O 59 13.01 -74.61 6.99
N SER O 60 12.90 -73.90 8.11
CA SER O 60 11.76 -74.06 9.01
C SER O 60 11.28 -72.71 9.56
N SER O 61 12.11 -71.67 9.41
CA SER O 61 11.81 -70.38 10.01
C SER O 61 10.81 -69.58 9.19
N THR O 62 10.65 -68.30 9.51
CA THR O 62 9.71 -67.42 8.82
C THR O 62 10.41 -66.22 8.20
N SER O 63 11.74 -66.22 8.16
CA SER O 63 12.49 -65.10 7.58
C SER O 63 12.64 -65.27 6.07
N ALA O 64 13.52 -64.47 5.48
CA ALA O 64 13.76 -64.50 4.04
C ALA O 64 15.20 -64.92 3.77
N TYR O 65 15.38 -65.71 2.72
CA TYR O 65 16.70 -66.11 2.24
C TYR O 65 16.98 -65.40 0.93
N ARG O 66 18.26 -65.13 0.66
CA ARG O 66 18.68 -64.52 -0.58
C ARG O 66 19.73 -65.41 -1.24
N VAL O 67 19.59 -65.59 -2.55
CA VAL O 67 20.49 -66.43 -3.34
C VAL O 67 21.24 -65.52 -4.31
N THR O 68 22.57 -65.66 -4.34
CA THR O 68 23.44 -64.83 -5.16
C THR O 68 24.48 -65.70 -5.89
N ALA O 69 24.02 -66.74 -6.58
CA ALA O 69 24.91 -67.71 -7.20
C ALA O 69 25.84 -67.09 -8.26
N ILE O 70 25.31 -66.19 -9.08
CA ILE O 70 26.09 -65.67 -10.21
C ILE O 70 27.24 -64.82 -9.70
N GLY O 71 28.42 -65.08 -10.26
CA GLY O 71 29.60 -64.25 -10.03
C GLY O 71 29.83 -63.32 -11.20
N ASP O 72 30.05 -62.05 -10.91
CA ASP O 72 30.14 -61.03 -11.95
C ASP O 72 31.10 -59.93 -11.51
N ASP O 73 31.06 -58.79 -12.21
CA ASP O 73 31.90 -57.65 -11.93
C ASP O 73 31.03 -56.47 -11.52
N ASP O 74 31.63 -55.51 -10.85
CA ASP O 74 30.94 -54.31 -10.40
C ASP O 74 31.97 -53.21 -10.20
N GLU O 75 31.51 -51.96 -10.22
CA GLU O 75 32.43 -50.82 -10.07
C GLU O 75 31.67 -49.70 -9.36
N TYR O 76 32.21 -48.48 -9.43
CA TYR O 76 31.82 -47.38 -8.54
C TYR O 76 30.43 -46.84 -8.93
N GLU O 77 29.41 -47.59 -8.50
CA GLU O 77 28.02 -47.12 -8.46
C GLU O 77 27.44 -46.90 -9.85
N ASP O 78 28.26 -47.06 -10.90
CA ASP O 78 27.78 -46.96 -12.26
C ASP O 78 27.56 -48.31 -12.90
N ASP O 79 27.39 -49.34 -12.06
CA ASP O 79 27.04 -50.69 -12.53
C ASP O 79 25.91 -51.23 -11.65
N PRO O 80 24.70 -50.68 -11.80
CA PRO O 80 23.56 -51.24 -11.07
C PRO O 80 22.95 -52.43 -11.78
N CYS O 81 23.81 -53.33 -12.26
CA CYS O 81 23.36 -54.47 -13.05
C CYS O 81 24.42 -55.57 -12.97
N SER O 82 24.31 -56.56 -13.86
CA SER O 82 25.23 -57.70 -13.98
C SER O 82 25.07 -58.65 -12.80
N GLN O 83 24.27 -58.26 -11.80
CA GLN O 83 23.97 -59.15 -10.69
C GLN O 83 22.51 -59.56 -10.73
N TYR O 84 22.26 -60.86 -10.59
CA TYR O 84 20.94 -61.42 -10.82
C TYR O 84 20.57 -62.30 -9.61
N THR O 85 20.77 -61.77 -8.42
CA THR O 85 20.37 -62.43 -7.19
C THR O 85 18.86 -62.44 -7.05
N PHE O 86 18.35 -63.42 -6.31
CA PHE O 86 16.92 -63.53 -6.05
C PHE O 86 16.71 -63.72 -4.55
N THR O 87 15.44 -63.74 -4.16
CA THR O 87 15.06 -63.96 -2.77
C THR O 87 13.89 -64.92 -2.71
N PHE O 88 13.78 -65.61 -1.57
CA PHE O 88 12.68 -66.54 -1.35
C PHE O 88 12.47 -66.70 0.15
N TYR O 89 11.21 -66.68 0.57
CA TYR O 89 10.90 -66.90 1.97
C TYR O 89 11.12 -68.37 2.35
N VAL O 90 11.20 -68.61 3.64
CA VAL O 90 11.50 -69.95 4.16
C VAL O 90 10.27 -70.83 4.08
N PRO O 91 10.33 -71.94 3.35
CA PRO O 91 9.20 -72.88 3.32
C PRO O 91 9.16 -73.71 4.60
N ASP O 92 7.96 -74.25 4.87
CA ASP O 92 7.73 -75.02 6.09
C ASP O 92 7.00 -76.30 5.74
N SER O 93 7.75 -77.38 5.52
CA SER O 93 7.16 -78.68 5.21
C SER O 93 8.21 -79.78 5.29
N ALA O 94 7.81 -81.02 5.02
CA ALA O 94 8.72 -82.16 4.92
C ALA O 94 8.44 -82.88 3.59
N ASP O 95 9.02 -82.35 2.52
CA ASP O 95 8.82 -82.85 1.17
C ASP O 95 9.75 -82.08 0.24
N PRO O 96 10.00 -82.59 -0.97
CA PRO O 96 10.74 -81.80 -1.95
C PRO O 96 9.96 -80.54 -2.32
N VAL O 97 10.70 -79.44 -2.49
CA VAL O 97 10.13 -78.15 -2.84
C VAL O 97 10.92 -77.58 -4.02
N TYR O 98 10.29 -76.64 -4.72
CA TYR O 98 10.91 -76.06 -5.90
C TYR O 98 10.18 -74.73 -6.18
N VAL O 99 10.55 -74.07 -7.28
CA VAL O 99 10.14 -72.69 -7.58
C VAL O 99 10.20 -71.85 -6.31
N GLN O 100 9.04 -71.61 -5.70
CA GLN O 100 8.94 -70.81 -4.48
C GLN O 100 9.73 -69.51 -4.60
N GLU O 101 9.31 -68.66 -5.54
CA GLU O 101 10.03 -67.46 -5.89
C GLU O 101 9.29 -66.21 -5.42
N LEU O 102 10.03 -65.10 -5.33
CA LEU O 102 9.50 -63.80 -4.94
C LEU O 102 10.01 -62.73 -5.91
N ILE O 103 9.89 -63.00 -7.22
CA ILE O 103 10.29 -62.03 -8.23
C ILE O 103 9.36 -60.84 -8.15
N LEU O 104 9.73 -59.73 -8.80
CA LEU O 104 8.94 -58.50 -8.81
C LEU O 104 7.47 -58.79 -9.09
N MET O 105 6.60 -58.39 -8.17
CA MET O 105 5.18 -58.67 -8.27
C MET O 105 4.55 -57.93 -9.46
#